data_8VNV
#
_entry.id   8VNV
#
_cell.length_a   1.00
_cell.length_b   1.00
_cell.length_c   1.00
_cell.angle_alpha   90.00
_cell.angle_beta   90.00
_cell.angle_gamma   90.00
#
_symmetry.space_group_name_H-M   'P 1'
#
loop_
_entity.id
_entity.type
_entity.pdbx_description
1 polymer 'Polycomb protein SUZ12'
2 polymer EED
3 polymer RBAP48
4 polymer 'Isoform 2 of Histone-lysine N-methyltransferase EZH2'
5 polymer 'Protein Jumonji'
6 polymer 'Zinc finger protein AEBP2'
7 polymer 'DNA (26-mer)'
8 polymer 'H3K36me3-modified histone H3'
9 polymer 'DNA (26-MER)'
10 non-polymer S-ADENOSYL-L-HOMOCYSTEINE
#
loop_
_entity_poly.entity_id
_entity_poly.type
_entity_poly.pdbx_seq_one_letter_code
_entity_poly.pdbx_strand_id
1 'polypeptide(L)'
;MVLPVKKPKMEHVQADHELFLQAFEKPTQIYRFLRTRNLIAPIFLHRTLTYMSHRNSRTNIKRKTFKVDDMLSKVEKMKG
EQESHSLSAHLQLTFTGFFHKNDKPSPNSENEQNSVTLEVLLVKVCHKKRKDVSCPIRQVPTGKKQVPLNPDLNQTKPGN
FPSLAVSSNEFEPSNSHMVKSYSLLFRVTRPGRREFNGMINGETNENIDVNEELPARRKRNREDGEKTFVAQMTVFDKNR
RLQLLDGEYEVAMQEMEECPISKKRATWETILDGKRLPPFETFSQGPTLQFTLRWTGETNDKSTAPIAKPLATRNSESLH
QENKPGSVKPTQTIAVKESLTTNLQTRKEKDTPNENRQKLRIFYQFLYNNNTRQQTEARDDLHCPWCTLNCRKLYSLLKH
LKLCHSRFIFNYVYHPKGARIDVSINECYDGSYAGNPQDIHRQPGFAFSRNGPVKRTPITHILVCRPKRTKASMSEFLES
EDGEVEQQRTYSSGHNRLYFHSDTCLPLRPQEMEVDSEDEKDPEWLREKTITQIEEFSDVNEGEKEVMKLWNLHVMKHGF
IADNQMNHACMLFVENYGQKIIKKNLCRNFMLHLVSMHDFNLISIMSIDKAVTKLREMQ
;
A
2 'polypeptide(L)'
;MSEREVSTAPAGTDMPAAKKQKLSSDENSNPDLSGDENDDAVSIESGTNTERPDTPTNTPNAPGRKSWGKGKWKSKKCKY
SFKCVNSLKEDHNQPLFGVQFNWHSKEGDPLVFATVGSNRVTLYECHSQGEIRLLQSYVDADADENFYTCAWTYDSNTSH
PLLAVAGSRGIIRIINPITMQCIKHYVGHGNAINELKFHPRDPNLLLSVSKDHALRLWNIQTDTLVAIFGGVEGHRDEVL
SADYDLLGEKIMSCGMDHSLKLWRINSKRMMNAIKESYDYNPNKTNRPFISQKIHFPDFSTRDIHRNYVDCVRWLGDLIL
SKSCENAIVCWKPGKMEDDIDKIKPSESNVTILGRFDYSQCDIWYMRFSMDFWQKMLALGNQVGKLYVWDLEVEDPHKAK
CTTLTHHKCGAAIRQTSFSRDSSILIAVCDDASIWRWDRLR
;
L
3 'polypeptide(L)'
;MADKEAAFDDAVEERVINEEYKIWKKNTPFLYDLVMTHALEWPSLTAQWLPDVTRPEGKDFSIHRLVLGTHTSDEQNHLV
IASVQLPNDDAQFDASHYDSEKGEFGGFGSVSGKIEIEIKINHEGEVNRARYMPQNPCIIATKTPSSDVLVFDYTKHPSK
PDPSGECNPDLRLRGHQKEGYGLSWNPNLSGHLLSASDDHTICLWDISAVPKEGKVVDAKTIFTGHTAVVEDVSWHLLHE
SLFGSVADDQKLMIWDTRSNNTSKPSHSVDAHTAEVNCLSFNPYSEFILATGSADKTVALWDLRNLKLKLHSFESHKDEI
FQVQWSPHNETILASSGTDRRLNVWDLSKIGEEQSPEDAEDGPPELLFIHGGHTAKISDFSWNPNEPWVICSVSEDNIMQ
VWQMAENIYNDEDPEGSVDPEGQGS
;
N
4 'polypeptide(L)'
;MGQTGKKSEKGPVCWRKRVKSEYMRLRQLKRFRRADEVKSMFSSNRQKILERTEILNQEWKQRRIQPVHILTSVSSLRGT
RECSVTSDLDFPTQVIPLKTLNAVASVPIMYSWSPLQQNFMVEDETVLHNIPYMGDEVLDQDGTFIEELIKNYDGKVHGD
RECGFINDEIFVELVNALGQYNDDDDDDDGDDPEEREEKQKDLEDHRDDKESRPPRKFPSDKIFEAISSMFPDKGTAEEL
KEKYKELTEQQLPGALPPECTPNIDGPNAKSVQREQSLHSFHTLFCRRCFKYDCFLHPFHATPNTYKRKNTETALDNKPC
GPQCYQHLEGAKEFAAALTAERIKTPPKRPGGRRRGRLPNNSSRPSTPTINVLESKDTDSDREAGTETGGENNDKEEEEK
KDETSSSSEANSRCQTPIKMKPNIEPPENVEWSGAEASMFRVLIGTYYDNFCAIARLIGTKTCRQVYEFRVKESSIIAPA
PAEDVDTPPRKKKRKHRLWAAHCRKIQLKKDGSSNHVYNYQPCDHPRQPCDSSCPCVIAQNFCEKFCQCSSECQNRFPGC
RCKAQCNTKQCPCYLAVRECDPDLCLTCGAADHWDSKNVSCKNCSIQRGSKKHLLLAPSDVAGWGIFIKDPVQKNEFISE
YCGEIISQDEADRRGKVYDKYMCSFLFNLNNDFVVDATRKGNKIRFANHSVNPNCYAKVMMVNGDHRIGIFAKRAIQTGE
ELFFDYRYSQADALKYVGIEREMEIP
;
C
5 'polypeptide(L)'
;SKERPKRNIIQKKYDDSDGIPWSEERVVRKVLYLSLKEFKNSQKRQHAEGIAGSLKTVNGLLGNDQSKGLGPASEQSENE
KDDASQVSSTSNDVSSSDFEEGPSRKRPRLQAQR(M3L)FAQSQPNSPSTTPVKIVEPLLPPPATQISDLSKRKPKTEDF
LTFLCLRGSPALPNSMVYFGSSQDEEEVEEEDDETEDVKTATNNASSSCQSTPRKGKTHKHVHNGHVFNGSSRSTREKEP
VQKHKSKEATPAKEKHSDHRADSRREQASANHPAAAPSTGSSAKGLAATHHHPPLHRSAQDLRKQVSKVNGVTRMSSLGA
GVTSAKKMREVRPSPSKTVKYTATVTKGAVTYTKAKRELVKDTKPNHHKPSSAVNHTISGKTESSNAKTRKQVLSLGGAS
KSTGPAVNGLKVSGRLNPKSCTKEVGGRQLREGLQLREGLRNSKRRLEEAHQA
;
B
6 'polypeptide(L)'
;ISSTIMDVDSTISSGRSTPAMMNGQGSTTSSSKNIAYNCCWDQCQACFNSSPDLADHIRSIHVDGQRGGVFVCLWKGCKV
YNTPSTSQSWLQRHMLTHSGDKPFKCVVGGCNASFASQGGLARHVPTHFSQQNSSKVSSQPKAKEESPSKAGMNKRRKLK
NKRRRSLPRPHDFFDAQTLDAIRHRAICFNLSAHIESLGKGHSVVFHSTVIAKRKEDSGKIKLLLHWMPEDILPDVWVNE
SERHQLKTKVVHLSKLPKDTALLLDPNIYRTMPQKRLKR
;
P
7 'polydeoxyribonucleotide'
;(DG)(DG)(DG)(DA)(DT)(DT)(DC)(DT)(DC)(DC)(DA)(DG)(DC)(DC)(DG)(DC)(DC)(DG)(DG)(DC)
(DA)(DG)(DC)
;
H
8 'polypeptide(L)' QLATKAARKSAPATGGV(M3L)KPHR I
9 'polydeoxyribonucleotide'
;(DG)(DC)(DT)(DG)(DC)(DC)(DG)(DG)(DC)(DG)(DG)(DC)(DT)(DG)(DG)(DA)(DG)(DA)(DA)(DT)
(DC)(DC)(DC)(DG)(DG)(DT)
;
D
#
loop_
_chem_comp.id
_chem_comp.type
_chem_comp.name
_chem_comp.formula
DA DNA linking 2'-DEOXYADENOSINE-5'-MONOPHOSPHATE 'C10 H14 N5 O6 P'
DC DNA linking 2'-DEOXYCYTIDINE-5'-MONOPHOSPHATE 'C9 H14 N3 O7 P'
DG DNA linking 2'-DEOXYGUANOSINE-5'-MONOPHOSPHATE 'C10 H14 N5 O7 P'
DT DNA linking THYMIDINE-5'-MONOPHOSPHATE 'C10 H15 N2 O8 P'
SAH non-polymer S-ADENOSYL-L-HOMOCYSTEINE 'C14 H20 N6 O5 S'
#
# COMPACT_ATOMS: atom_id res chain seq x y z
N ALA A 15 24.72 -13.02 -29.69
CA ALA A 15 23.75 -12.66 -28.66
C ALA A 15 24.36 -12.76 -27.28
N ASP A 16 24.38 -11.64 -26.56
CA ASP A 16 24.89 -11.60 -25.19
C ASP A 16 23.96 -12.37 -24.28
N HIS A 17 24.43 -13.49 -23.76
CA HIS A 17 23.63 -14.39 -22.92
C HIS A 17 23.59 -13.96 -21.46
N GLU A 18 23.91 -12.70 -21.14
CA GLU A 18 23.98 -12.27 -19.74
C GLU A 18 22.64 -12.44 -19.04
N LEU A 19 21.55 -12.26 -19.77
CA LEU A 19 20.22 -12.44 -19.18
C LEU A 19 20.04 -13.86 -18.67
N PHE A 20 20.48 -14.84 -19.47
CA PHE A 20 20.43 -16.24 -19.04
C PHE A 20 21.24 -16.45 -17.78
N LEU A 21 22.45 -15.87 -17.74
CA LEU A 21 23.31 -16.03 -16.58
C LEU A 21 22.66 -15.48 -15.32
N GLN A 22 22.14 -14.25 -15.39
CA GLN A 22 21.52 -13.66 -14.21
C GLN A 22 20.27 -14.44 -13.79
N ALA A 23 19.44 -14.82 -14.76
CA ALA A 23 18.18 -15.49 -14.44
C ALA A 23 18.43 -16.82 -13.76
N PHE A 24 19.39 -17.61 -14.25
CA PHE A 24 19.67 -18.88 -13.62
C PHE A 24 20.64 -18.78 -12.44
N GLU A 25 21.24 -17.61 -12.22
CA GLU A 25 22.04 -17.43 -11.02
C GLU A 25 21.17 -17.01 -9.85
N LYS A 26 20.05 -16.34 -10.12
CA LYS A 26 19.17 -15.85 -9.06
C LYS A 26 18.79 -16.92 -8.03
N PRO A 27 18.38 -18.14 -8.40
CA PRO A 27 18.04 -19.13 -7.38
C PRO A 27 19.23 -19.90 -6.83
N THR A 28 20.39 -19.85 -7.51
CA THR A 28 21.55 -20.59 -7.05
C THR A 28 21.95 -20.14 -5.64
N GLN A 29 22.08 -18.83 -5.43
CA GLN A 29 22.46 -18.33 -4.12
C GLN A 29 21.41 -18.64 -3.07
N ILE A 30 20.13 -18.46 -3.39
CA ILE A 30 19.09 -18.70 -2.39
C ILE A 30 19.14 -20.15 -1.90
N TYR A 31 19.26 -21.09 -2.83
CA TYR A 31 19.18 -22.49 -2.41
C TYR A 31 20.49 -22.99 -1.82
N ARG A 32 21.63 -22.48 -2.30
CA ARG A 32 22.89 -22.84 -1.67
C ARG A 32 22.97 -22.33 -0.24
N PHE A 33 22.46 -21.12 0.02
CA PHE A 33 22.41 -20.63 1.39
C PHE A 33 21.41 -21.41 2.23
N LEU A 34 20.26 -21.76 1.63
CA LEU A 34 19.25 -22.50 2.38
C LEU A 34 19.75 -23.89 2.76
N ARG A 35 20.59 -24.51 1.93
CA ARG A 35 21.14 -25.81 2.27
C ARG A 35 21.96 -25.74 3.56
N THR A 36 22.87 -24.77 3.63
CA THR A 36 23.69 -24.62 4.83
C THR A 36 22.87 -24.20 6.03
N ARG A 37 21.84 -23.37 5.82
CA ARG A 37 20.96 -22.97 6.91
C ARG A 37 20.21 -24.17 7.48
N ASN A 38 19.71 -25.04 6.60
CA ASN A 38 18.89 -26.16 7.05
C ASN A 38 19.75 -27.27 7.66
N LEU A 39 20.97 -27.45 7.16
CA LEU A 39 21.81 -28.53 7.68
C LEU A 39 22.16 -28.30 9.15
N ILE A 40 22.46 -27.06 9.52
CA ILE A 40 22.73 -26.76 10.92
C ILE A 40 21.45 -26.84 11.75
N ALA A 41 20.34 -26.33 11.21
CA ALA A 41 19.06 -26.40 11.87
C ALA A 41 17.97 -26.50 10.81
N PRO A 42 17.29 -27.63 10.71
CA PRO A 42 16.25 -27.80 9.69
C PRO A 42 14.94 -27.16 10.11
N ILE A 43 14.17 -26.74 9.11
CA ILE A 43 12.81 -26.29 9.35
C ILE A 43 11.94 -27.44 9.83
N PHE A 44 12.17 -28.63 9.29
CA PHE A 44 11.43 -29.82 9.67
C PHE A 44 12.34 -31.03 9.52
N LEU A 45 11.99 -32.10 10.22
CA LEU A 45 12.77 -33.34 10.16
C LEU A 45 12.51 -34.01 8.82
N HIS A 46 13.56 -34.11 7.99
CA HIS A 46 13.43 -34.78 6.70
C HIS A 46 13.16 -36.26 6.86
N ARG A 47 13.47 -36.84 8.01
CA ARG A 47 13.11 -38.22 8.28
C ARG A 47 11.60 -38.41 8.43
N THR A 48 10.86 -37.33 8.70
CA THR A 48 9.42 -37.39 8.89
C THR A 48 8.63 -37.13 7.60
N LEU A 49 9.31 -36.80 6.50
CA LEU A 49 8.61 -36.61 5.24
C LEU A 49 8.08 -37.94 4.72
N THR A 50 6.88 -37.87 4.12
CA THR A 50 6.22 -39.09 3.66
C THR A 50 6.98 -39.75 2.51
N TYR A 51 7.46 -38.95 1.56
CA TYR A 51 8.13 -39.52 0.39
C TYR A 51 9.59 -39.86 0.66
N MET A 52 10.11 -39.56 1.84
CA MET A 52 11.47 -39.90 2.23
C MET A 52 11.51 -41.18 3.06
N SER A 53 10.67 -42.16 2.71
CA SER A 53 10.38 -43.29 3.59
C SER A 53 11.61 -44.14 3.91
N HIS A 54 12.61 -44.18 3.03
CA HIS A 54 13.78 -44.99 3.33
C HIS A 54 14.55 -44.44 4.52
N ARG A 55 14.39 -43.15 4.81
CA ARG A 55 14.92 -42.59 6.04
C ARG A 55 14.00 -42.91 7.22
N ASN A 56 14.50 -42.67 8.43
CA ASN A 56 13.78 -42.96 9.66
C ASN A 56 13.39 -44.43 9.74
N SER A 57 14.41 -45.29 9.75
CA SER A 57 14.19 -46.73 9.81
C SER A 57 13.60 -47.19 11.14
N ARG A 58 13.65 -46.36 12.18
CA ARG A 58 13.12 -46.75 13.48
C ARG A 58 11.60 -46.74 13.48
N THR A 59 11.01 -47.67 14.21
CA THR A 59 9.57 -47.74 14.36
C THR A 59 9.15 -47.11 15.69
N ASN A 60 7.85 -46.94 15.87
CA ASN A 60 7.30 -46.35 17.08
C ASN A 60 6.95 -47.39 18.14
N ILE A 61 7.25 -48.66 17.90
CA ILE A 61 6.87 -49.72 18.83
C ILE A 61 7.81 -49.64 20.04
N LYS A 62 7.30 -49.10 21.14
CA LYS A 62 8.03 -49.05 22.41
C LYS A 62 7.08 -48.65 23.53
N ARG A 63 7.07 -49.41 24.62
CA ARG A 63 6.20 -49.12 25.74
C ARG A 63 6.91 -48.24 26.77
N LYS A 64 7.99 -48.74 27.36
CA LYS A 64 8.89 -47.96 28.20
C LYS A 64 8.15 -47.26 29.34
N THR A 65 7.65 -48.09 30.27
CA THR A 65 7.05 -47.55 31.48
C THR A 65 8.05 -46.67 32.21
N PHE A 66 7.58 -45.53 32.70
CA PHE A 66 8.47 -44.50 33.23
C PHE A 66 9.11 -44.87 34.56
N LYS A 67 8.41 -45.66 35.38
CA LYS A 67 8.92 -45.95 36.72
C LYS A 67 10.19 -46.78 36.69
N VAL A 68 10.49 -47.45 35.57
CA VAL A 68 11.71 -48.24 35.45
C VAL A 68 12.85 -47.48 34.76
N ASP A 69 12.56 -46.31 34.18
CA ASP A 69 13.63 -45.52 33.57
C ASP A 69 14.61 -45.03 34.63
N ASP A 70 14.12 -44.76 35.84
CA ASP A 70 14.99 -44.30 36.91
C ASP A 70 16.03 -45.34 37.29
N MET A 71 15.64 -46.62 37.30
CA MET A 71 16.61 -47.68 37.60
C MET A 71 17.71 -47.73 36.55
N LEU A 72 17.35 -47.63 35.27
CA LEU A 72 18.35 -47.63 34.21
C LEU A 72 19.26 -46.41 34.32
N SER A 73 18.69 -45.25 34.63
CA SER A 73 19.51 -44.05 34.79
C SER A 73 20.47 -44.21 35.97
N LYS A 74 20.00 -44.78 37.08
CA LYS A 74 20.86 -44.98 38.23
C LYS A 74 21.98 -45.97 37.92
N VAL A 75 21.67 -47.04 37.19
CA VAL A 75 22.70 -48.00 36.82
C VAL A 75 23.73 -47.35 35.91
N GLU A 76 23.27 -46.55 34.95
CA GLU A 76 24.21 -45.86 34.06
C GLU A 76 25.09 -44.88 34.83
N LYS A 77 24.51 -44.15 35.78
CA LYS A 77 25.29 -43.22 36.59
C LYS A 77 26.31 -43.95 37.44
N MET A 78 25.92 -45.08 38.03
CA MET A 78 26.85 -45.85 38.84
C MET A 78 28.00 -46.38 37.98
N LYS A 79 27.71 -46.84 36.77
CA LYS A 79 28.75 -47.30 35.86
C LYS A 79 29.60 -46.16 35.34
N GLY A 80 29.07 -44.93 35.32
CA GLY A 80 29.77 -43.79 34.77
C GLY A 80 30.67 -43.03 35.73
N GLU A 81 30.76 -43.47 36.99
CA GLU A 81 31.62 -42.82 37.97
C GLU A 81 33.06 -43.21 37.68
N GLN A 82 33.67 -42.49 36.73
CA GLN A 82 35.00 -42.85 36.24
C GLN A 82 36.09 -42.45 37.22
N GLU A 83 36.24 -41.15 37.47
CA GLU A 83 37.33 -40.67 38.32
C GLU A 83 37.03 -39.24 38.74
N SER A 84 37.83 -38.76 39.70
CA SER A 84 37.74 -37.39 40.18
C SER A 84 39.12 -36.74 40.12
N HIS A 85 39.11 -35.42 39.95
CA HIS A 85 40.36 -34.67 39.83
C HIS A 85 41.16 -34.72 41.12
N SER A 86 42.47 -34.70 40.97
CA SER A 86 43.38 -34.75 42.12
C SER A 86 43.50 -33.37 42.78
N HIS A 90 43.48 -29.08 43.36
CA HIS A 90 44.69 -28.36 43.73
C HIS A 90 45.86 -28.77 42.85
N LEU A 91 46.47 -27.78 42.18
CA LEU A 91 47.55 -28.02 41.25
C LEU A 91 48.72 -27.08 41.53
N GLN A 92 49.92 -27.55 41.23
CA GLN A 92 51.13 -26.76 41.34
C GLN A 92 51.95 -26.93 40.07
N LEU A 93 52.63 -25.85 39.65
CA LEU A 93 53.39 -25.90 38.41
C LEU A 93 54.61 -25.00 38.52
N THR A 94 55.71 -25.46 37.90
CA THR A 94 56.95 -24.70 37.84
C THR A 94 57.30 -24.45 36.39
N PHE A 95 57.90 -23.30 36.12
CA PHE A 95 58.10 -22.80 34.76
C PHE A 95 59.55 -23.00 34.35
N THR A 96 59.76 -23.65 33.21
CA THR A 96 61.09 -23.70 32.61
C THR A 96 61.35 -22.40 31.86
N GLY A 97 62.62 -22.20 31.50
CA GLY A 97 63.01 -20.97 30.84
C GLY A 97 62.37 -20.80 29.48
N PHE A 98 62.15 -19.54 29.12
CA PHE A 98 61.56 -19.20 27.83
C PHE A 98 62.53 -19.52 26.70
N PHE A 99 61.96 -19.80 25.52
CA PHE A 99 62.75 -20.11 24.33
C PHE A 99 62.29 -19.22 23.18
N HIS A 100 63.25 -18.58 22.52
CA HIS A 100 62.96 -17.71 21.39
C HIS A 100 63.96 -17.98 20.28
N LYS A 101 63.51 -17.84 19.04
CA LYS A 101 64.37 -18.08 17.89
C LYS A 101 65.29 -16.88 17.64
N VAL A 116 62.40 -10.84 31.57
CA VAL A 116 61.05 -10.29 31.51
C VAL A 116 60.12 -11.09 32.42
N THR A 117 59.56 -10.43 33.42
CA THR A 117 58.65 -11.09 34.35
C THR A 117 57.40 -11.58 33.62
N LEU A 118 56.94 -12.76 33.98
CA LEU A 118 55.78 -13.36 33.35
C LEU A 118 54.52 -13.06 34.14
N GLU A 119 53.41 -12.92 33.42
CA GLU A 119 52.10 -12.69 34.02
C GLU A 119 51.30 -13.98 33.91
N VAL A 120 50.76 -14.44 35.04
CA VAL A 120 49.96 -15.66 35.10
C VAL A 120 48.55 -15.29 35.55
N LEU A 121 47.57 -15.59 34.71
CA LEU A 121 46.17 -15.32 35.01
C LEU A 121 45.34 -16.56 34.72
N LEU A 122 44.33 -16.80 35.54
CA LEU A 122 43.41 -17.92 35.38
C LEU A 122 42.11 -17.39 34.79
N VAL A 123 41.68 -17.96 33.67
CA VAL A 123 40.45 -17.55 33.00
C VAL A 123 39.37 -18.58 33.27
N LYS A 124 38.25 -18.12 33.85
CA LYS A 124 37.08 -18.95 34.10
C LYS A 124 35.90 -18.33 33.38
N VAL A 125 35.12 -19.15 32.68
CA VAL A 125 34.05 -18.69 31.82
C VAL A 125 32.72 -19.21 32.34
N CYS A 126 31.75 -18.32 32.46
CA CYS A 126 30.39 -18.69 32.85
C CYS A 126 29.50 -18.80 31.62
N HIS A 127 28.32 -19.37 31.82
CA HIS A 127 27.37 -19.55 30.73
C HIS A 127 26.61 -18.26 30.45
N LYS A 128 26.15 -18.12 29.21
CA LYS A 128 25.45 -16.93 28.77
C LYS A 128 24.13 -16.79 29.50
N LYS A 129 24.04 -15.80 30.39
CA LYS A 129 22.79 -15.57 31.11
C LYS A 129 21.89 -14.64 30.30
N ARG A 130 20.66 -14.47 30.79
CA ARG A 130 19.67 -13.69 30.05
C ARG A 130 20.11 -12.24 29.85
N LYS A 131 20.60 -11.62 30.93
CA LYS A 131 20.99 -10.21 30.84
C LYS A 131 22.23 -10.01 30.00
N ASP A 132 23.22 -10.90 30.12
CA ASP A 132 24.48 -10.75 29.39
C ASP A 132 24.26 -10.98 27.90
N VAL A 133 24.94 -10.16 27.09
CA VAL A 133 24.84 -10.31 25.64
C VAL A 133 25.53 -11.59 25.19
N SER A 134 26.69 -11.90 25.77
CA SER A 134 27.45 -13.09 25.41
C SER A 134 27.96 -13.75 26.69
N CYS A 135 28.80 -14.76 26.52
CA CYS A 135 29.33 -15.49 27.66
C CYS A 135 30.43 -14.67 28.34
N PRO A 136 30.28 -14.32 29.62
CA PRO A 136 31.32 -13.56 30.30
C PRO A 136 32.50 -14.42 30.70
N ILE A 137 33.66 -13.79 30.77
CA ILE A 137 34.90 -14.44 31.20
C ILE A 137 35.43 -13.70 32.42
N ARG A 138 36.20 -14.41 33.25
CA ARG A 138 36.77 -13.86 34.46
C ARG A 138 38.25 -14.25 34.50
N GLN A 139 39.12 -13.35 34.02
CA GLN A 139 40.56 -13.57 34.03
C GLN A 139 41.10 -13.13 35.37
N VAL A 140 41.02 -14.02 36.35
CA VAL A 140 41.48 -13.71 37.71
C VAL A 140 42.99 -13.97 37.80
N PRO A 141 43.75 -13.10 38.45
CA PRO A 141 45.19 -13.32 38.57
C PRO A 141 45.55 -14.17 39.79
N THR A 142 46.40 -15.17 39.58
CA THR A 142 46.90 -15.99 40.69
C THR A 142 48.18 -15.44 41.30
N GLY A 143 48.75 -14.40 40.73
CA GLY A 143 49.97 -13.80 41.22
C GLY A 143 50.85 -13.36 40.07
N LYS A 144 52.12 -13.13 40.37
CA LYS A 144 53.09 -12.72 39.36
C LYS A 144 54.43 -13.36 39.68
N LYS A 145 55.26 -13.50 38.65
CA LYS A 145 56.57 -14.12 38.80
C LYS A 145 57.51 -13.56 37.74
N GLN A 146 58.80 -13.73 37.98
CA GLN A 146 59.83 -13.23 37.08
C GLN A 146 60.38 -14.37 36.21
N VAL A 147 60.61 -14.06 34.94
CA VAL A 147 61.15 -15.04 33.99
C VAL A 147 62.37 -14.41 33.30
N PRO A 148 63.36 -15.21 32.92
CA PRO A 148 64.52 -14.65 32.22
C PRO A 148 64.17 -14.20 30.81
N LEU A 149 64.98 -13.27 30.29
CA LEU A 149 64.77 -12.71 28.96
C LEU A 149 65.30 -13.69 27.93
N ASN A 150 64.43 -14.62 27.52
CA ASN A 150 64.75 -15.64 26.53
C ASN A 150 66.01 -16.44 26.90
N PRO A 151 65.96 -17.22 27.98
CA PRO A 151 67.14 -18.01 28.38
C PRO A 151 67.34 -19.23 27.49
N ASP A 152 68.31 -20.07 27.84
CA ASP A 152 68.60 -21.28 27.10
C ASP A 152 68.80 -22.42 28.09
N LEU A 153 68.68 -23.64 27.58
CA LEU A 153 68.85 -24.83 28.40
C LEU A 153 70.32 -25.01 28.80
N ASN A 154 70.53 -25.85 29.82
CA ASN A 154 71.83 -26.20 30.38
C ASN A 154 72.53 -25.01 31.04
N GLN A 155 71.84 -23.89 31.23
CA GLN A 155 72.44 -22.72 31.88
C GLN A 155 71.94 -22.52 33.30
N THR A 156 70.73 -22.97 33.62
CA THR A 156 70.19 -22.84 34.96
C THR A 156 70.77 -23.92 35.87
N LYS A 157 70.56 -23.73 37.17
CA LYS A 157 71.04 -24.69 38.17
C LYS A 157 70.11 -24.73 39.38
N PRO A 162 62.35 -21.27 37.66
CA PRO A 162 62.13 -21.90 38.97
C PRO A 162 60.98 -21.26 39.74
N SER A 163 60.29 -20.31 39.10
CA SER A 163 59.15 -19.66 39.73
C SER A 163 58.01 -20.66 39.93
N LEU A 164 57.20 -20.41 40.95
CA LEU A 164 56.12 -21.30 41.35
C LEU A 164 54.79 -20.56 41.34
N ALA A 165 53.77 -21.22 40.82
CA ALA A 165 52.39 -20.73 40.88
C ALA A 165 51.51 -21.82 41.48
N VAL A 166 50.67 -21.43 42.44
CA VAL A 166 49.82 -22.37 43.16
C VAL A 166 48.38 -21.87 43.10
N SER A 167 47.45 -22.82 43.07
CA SER A 167 46.02 -22.53 42.97
C SER A 167 45.35 -22.65 44.34
N SER A 168 44.22 -21.99 44.49
CA SER A 168 43.42 -22.02 45.70
C SER A 168 42.06 -22.64 45.40
N ASN A 169 41.63 -23.57 46.26
CA ASN A 169 40.37 -24.27 46.09
C ASN A 169 39.25 -23.70 46.96
N GLU A 170 39.23 -22.38 47.17
CA GLU A 170 38.23 -21.76 48.01
C GLU A 170 36.83 -21.80 47.41
N PHE A 171 36.70 -22.08 46.13
CA PHE A 171 35.39 -22.12 45.49
C PHE A 171 34.65 -23.40 45.87
N GLU A 172 33.37 -23.43 45.54
CA GLU A 172 32.47 -24.52 45.89
C GLU A 172 31.70 -24.95 44.65
N PRO A 173 31.19 -26.19 44.63
CA PRO A 173 30.37 -26.63 43.48
C PRO A 173 29.13 -25.78 43.27
N SER A 174 28.58 -25.18 44.32
CA SER A 174 27.48 -24.24 44.13
C SER A 174 27.91 -23.06 43.27
N ASN A 175 29.11 -22.54 43.49
CA ASN A 175 29.65 -21.50 42.62
C ASN A 175 29.99 -22.06 41.25
N SER A 176 30.45 -23.32 41.19
CA SER A 176 30.80 -23.92 39.92
C SER A 176 29.57 -24.25 39.09
N HIS A 177 28.39 -24.14 39.68
CA HIS A 177 27.16 -24.42 38.94
C HIS A 177 26.96 -23.45 37.77
N MET A 178 27.37 -22.19 37.93
CA MET A 178 27.21 -21.20 36.89
C MET A 178 28.41 -21.11 35.94
N VAL A 179 29.44 -21.92 36.13
CA VAL A 179 30.63 -21.86 35.29
C VAL A 179 30.52 -22.90 34.18
N LYS A 180 31.21 -22.65 33.08
CA LYS A 180 31.17 -23.53 31.92
C LYS A 180 32.41 -24.42 31.83
N SER A 181 33.60 -23.81 31.77
CA SER A 181 34.84 -24.57 31.63
C SER A 181 35.96 -23.77 32.29
N TYR A 182 37.16 -24.35 32.25
CA TYR A 182 38.32 -23.76 32.89
C TYR A 182 39.49 -23.75 31.92
N SER A 183 40.33 -22.73 32.04
CA SER A 183 41.50 -22.59 31.18
C SER A 183 42.53 -21.72 31.88
N LEU A 184 43.77 -21.81 31.39
CA LEU A 184 44.89 -21.05 31.95
C LEU A 184 45.47 -20.14 30.89
N LEU A 185 45.77 -18.90 31.29
CA LEU A 185 46.34 -17.90 30.39
C LEU A 185 47.72 -17.49 30.90
N PHE A 186 48.69 -17.44 29.99
CA PHE A 186 50.06 -17.06 30.31
C PHE A 186 50.48 -15.92 29.41
N ARG A 187 51.07 -14.89 30.00
CA ARG A 187 51.54 -13.73 29.26
C ARG A 187 52.93 -13.35 29.74
N VAL A 188 53.69 -12.73 28.84
CA VAL A 188 55.05 -12.32 29.14
C VAL A 188 55.21 -10.81 28.95
N PHE A 229 52.54 -11.77 23.31
CA PHE A 229 52.98 -13.01 23.93
C PHE A 229 51.88 -13.57 24.83
N VAL A 230 50.83 -14.12 24.21
CA VAL A 230 49.69 -14.66 24.93
C VAL A 230 49.44 -16.09 24.47
N ALA A 231 49.18 -16.97 25.45
CA ALA A 231 48.83 -18.35 25.15
C ALA A 231 47.68 -18.77 26.05
N GLN A 232 46.87 -19.70 25.56
CA GLN A 232 45.71 -20.15 26.32
C GLN A 232 45.41 -21.60 25.98
N MET A 233 45.34 -22.44 27.01
CA MET A 233 45.02 -23.86 26.91
C MET A 233 43.96 -24.17 27.95
N THR A 234 43.20 -25.25 27.73
CA THR A 234 42.13 -25.64 28.64
C THR A 234 42.55 -26.89 29.41
N VAL A 235 42.13 -26.96 30.66
CA VAL A 235 42.47 -28.11 31.50
C VAL A 235 41.40 -29.19 31.47
N PHE A 236 40.12 -28.82 31.47
CA PHE A 236 39.02 -29.77 31.53
C PHE A 236 38.20 -29.72 30.26
N ASP A 237 37.58 -30.85 29.95
CA ASP A 237 36.74 -30.97 28.76
C ASP A 237 35.34 -30.44 29.06
N LYS A 238 34.41 -30.67 28.13
CA LYS A 238 33.03 -30.21 28.34
C LYS A 238 32.38 -30.94 29.50
N ASN A 239 32.64 -32.25 29.62
CA ASN A 239 32.09 -33.05 30.70
C ASN A 239 32.99 -33.11 31.93
N ARG A 240 33.81 -32.07 32.14
CA ARG A 240 34.73 -31.99 33.27
C ARG A 240 35.75 -33.12 33.24
N ARG A 241 36.08 -33.60 32.04
CA ARG A 241 37.10 -34.63 31.89
C ARG A 241 38.48 -33.99 31.91
N LEU A 242 39.36 -34.53 32.75
CA LEU A 242 40.69 -33.95 32.91
C LEU A 242 41.53 -34.20 31.66
N GLN A 243 42.11 -33.13 31.12
CA GLN A 243 43.00 -33.22 29.98
C GLN A 243 44.45 -32.91 30.33
N LEU A 244 44.75 -32.62 31.59
CA LEU A 244 46.08 -32.19 32.02
C LEU A 244 46.54 -33.07 33.17
N LEU A 245 47.29 -34.13 32.83
CA LEU A 245 47.94 -34.93 33.85
C LEU A 245 49.23 -34.23 34.30
N ASP A 246 50.00 -34.92 35.14
CA ASP A 246 51.24 -34.37 35.66
C ASP A 246 52.39 -34.69 34.72
N GLY A 247 53.15 -33.67 34.35
CA GLY A 247 54.31 -33.87 33.51
C GLY A 247 54.84 -32.55 32.99
N GLU A 248 56.08 -32.61 32.49
CA GLU A 248 56.73 -31.44 31.91
C GLU A 248 56.25 -31.27 30.47
N TYR A 249 55.72 -30.08 30.16
CA TYR A 249 55.06 -29.84 28.88
C TYR A 249 55.73 -28.67 28.16
N GLU A 250 55.88 -28.81 26.85
CA GLU A 250 56.43 -27.75 26.00
C GLU A 250 55.33 -27.23 25.10
N VAL A 251 55.16 -25.91 25.07
CA VAL A 251 54.08 -25.27 24.31
C VAL A 251 54.67 -24.14 23.47
N ALA A 252 54.21 -24.07 22.23
CA ALA A 252 54.63 -23.01 21.32
C ALA A 252 54.00 -21.68 21.74
N MET A 253 54.55 -20.59 21.19
CA MET A 253 54.15 -19.25 21.58
C MET A 253 53.83 -18.45 20.33
N GLN A 254 52.69 -17.77 20.34
CA GLN A 254 52.24 -16.95 19.22
C GLN A 254 52.08 -15.51 19.69
N GLU A 255 52.74 -14.58 19.01
CA GLU A 255 52.76 -13.17 19.39
C GLU A 255 51.78 -12.38 18.55
N MET A 256 51.12 -11.40 19.17
CA MET A 256 50.16 -10.52 18.50
C MET A 256 49.04 -11.32 17.83
N GLN A 285 59.31 -25.03 16.33
CA GLN A 285 59.47 -23.89 15.43
C GLN A 285 58.95 -22.61 16.07
N GLY A 286 59.60 -21.49 15.76
CA GLY A 286 59.22 -20.21 16.29
C GLY A 286 59.40 -20.14 17.80
N PRO A 287 58.77 -19.16 18.43
CA PRO A 287 58.82 -19.07 19.89
C PRO A 287 58.12 -20.25 20.54
N THR A 288 58.63 -20.67 21.69
CA THR A 288 58.06 -21.79 22.42
C THR A 288 58.40 -21.65 23.89
N LEU A 289 57.62 -22.32 24.73
CA LEU A 289 57.80 -22.30 26.17
C LEU A 289 57.67 -23.71 26.72
N GLN A 290 58.35 -23.96 27.83
CA GLN A 290 58.33 -25.24 28.51
C GLN A 290 57.92 -25.03 29.95
N PHE A 291 57.14 -25.97 30.50
CA PHE A 291 56.71 -25.88 31.88
C PHE A 291 56.40 -27.28 32.40
N THR A 292 56.39 -27.42 33.72
CA THR A 292 56.08 -28.67 34.38
C THR A 292 54.84 -28.50 35.26
N LEU A 293 53.94 -29.47 35.18
CA LEU A 293 52.69 -29.43 35.91
C LEU A 293 52.58 -30.66 36.80
N ARG A 294 52.06 -30.46 38.01
CA ARG A 294 51.85 -31.54 38.97
C ARG A 294 50.61 -31.24 39.80
N TRP A 295 49.81 -32.27 40.04
CA TRP A 295 48.60 -32.16 40.84
C TRP A 295 48.89 -32.52 42.28
N THR A 296 48.49 -31.63 43.19
CA THR A 296 48.71 -31.83 44.61
C THR A 296 47.54 -31.30 45.44
N LEU A 360 21.83 -44.96 -11.54
CA LEU A 360 21.83 -44.64 -12.96
C LEU A 360 22.27 -43.21 -13.21
N ARG A 361 22.90 -42.99 -14.36
CA ARG A 361 23.36 -41.65 -14.72
C ARG A 361 22.17 -40.73 -14.95
N ILE A 362 22.21 -39.55 -14.35
CA ILE A 362 21.15 -38.56 -14.47
C ILE A 362 21.71 -37.32 -15.15
N PHE A 363 20.90 -36.72 -16.02
CA PHE A 363 21.30 -35.54 -16.77
C PHE A 363 20.45 -34.35 -16.36
N TYR A 364 20.98 -33.15 -16.62
CA TYR A 364 20.28 -31.91 -16.37
C TYR A 364 20.47 -30.98 -17.56
N GLN A 365 19.38 -30.39 -18.01
CA GLN A 365 19.39 -29.44 -19.12
C GLN A 365 18.82 -28.11 -18.67
N PHE A 366 19.47 -27.03 -19.07
CA PHE A 366 19.08 -25.68 -18.68
C PHE A 366 18.63 -24.94 -19.94
N LEU A 367 17.35 -25.09 -20.28
CA LEU A 367 16.80 -24.47 -21.47
C LEU A 367 16.58 -22.98 -21.23
N TYR A 368 16.80 -22.17 -22.27
CA TYR A 368 16.58 -20.73 -22.22
C TYR A 368 15.80 -20.33 -23.47
N ASN A 369 14.48 -20.20 -23.31
CA ASN A 369 13.58 -19.69 -24.35
C ASN A 369 13.76 -20.40 -25.70
N ASN A 370 14.30 -21.62 -25.67
CA ASN A 370 14.54 -22.45 -26.86
C ASN A 370 15.56 -21.82 -27.81
N ASN A 371 16.09 -20.65 -27.45
CA ASN A 371 17.12 -20.03 -28.27
C ASN A 371 18.45 -20.76 -28.11
N THR A 372 18.82 -21.07 -26.88
CA THR A 372 20.03 -21.82 -26.58
C THR A 372 19.86 -22.48 -25.22
N ARG A 373 20.72 -23.44 -24.94
CA ARG A 373 20.60 -24.23 -23.72
C ARG A 373 21.98 -24.66 -23.25
N GLN A 374 22.06 -25.00 -21.96
CA GLN A 374 23.26 -25.54 -21.35
C GLN A 374 22.90 -26.85 -20.65
N GLN A 375 23.75 -27.86 -20.82
CA GLN A 375 23.50 -29.18 -20.28
C GLN A 375 24.60 -29.55 -19.29
N THR A 376 24.21 -30.33 -18.27
CA THR A 376 25.14 -30.85 -17.28
C THR A 376 24.82 -32.32 -17.04
N GLU A 377 25.64 -32.96 -16.20
CA GLU A 377 25.42 -34.34 -15.79
C GLU A 377 25.43 -34.40 -14.26
N ALA A 378 24.53 -35.21 -13.71
CA ALA A 378 24.35 -35.27 -12.25
C ALA A 378 25.37 -36.24 -11.67
N ARG A 379 26.56 -35.72 -11.37
CA ARG A 379 27.53 -36.50 -10.60
C ARG A 379 27.07 -36.60 -9.15
N ASP A 380 27.58 -37.61 -8.47
CA ASP A 380 27.08 -37.99 -7.15
C ASP A 380 25.56 -38.20 -7.22
N ASP A 381 25.18 -39.19 -8.02
CA ASP A 381 23.79 -39.39 -8.40
C ASP A 381 22.93 -39.63 -7.17
N LEU A 382 21.62 -39.40 -7.35
CA LEU A 382 20.60 -39.52 -6.31
C LEU A 382 20.77 -38.51 -5.19
N HIS A 383 21.61 -37.50 -5.38
CA HIS A 383 21.81 -36.43 -4.42
C HIS A 383 21.43 -35.10 -5.05
N CYS A 384 20.76 -34.26 -4.28
CA CYS A 384 20.28 -32.99 -4.82
C CYS A 384 21.45 -32.08 -5.16
N PRO A 385 21.47 -31.49 -6.35
CA PRO A 385 22.54 -30.52 -6.67
C PRO A 385 22.48 -29.27 -5.82
N TRP A 386 21.36 -28.96 -5.19
CA TRP A 386 21.18 -27.70 -4.45
C TRP A 386 21.30 -27.89 -2.95
N CYS A 387 20.51 -28.77 -2.35
CA CYS A 387 20.54 -28.98 -0.90
C CYS A 387 21.34 -30.20 -0.50
N THR A 388 21.95 -30.91 -1.46
CA THR A 388 22.80 -32.07 -1.19
C THR A 388 22.08 -33.11 -0.33
N LEU A 389 20.82 -33.38 -0.67
CA LEU A 389 20.02 -34.35 0.07
C LEU A 389 20.10 -35.72 -0.59
N ASN A 390 20.38 -36.74 0.20
CA ASN A 390 20.45 -38.12 -0.29
C ASN A 390 19.04 -38.60 -0.56
N CYS A 391 18.66 -38.64 -1.84
CA CYS A 391 17.34 -39.10 -2.27
C CYS A 391 17.55 -40.42 -3.01
N ARG A 392 17.34 -41.53 -2.30
CA ARG A 392 17.61 -42.84 -2.88
C ARG A 392 16.72 -43.14 -4.08
N LYS A 393 15.46 -42.71 -4.04
CA LYS A 393 14.51 -43.01 -5.10
C LYS A 393 14.29 -41.79 -5.98
N LEU A 394 14.07 -42.05 -7.27
CA LEU A 394 13.78 -40.96 -8.21
C LEU A 394 12.48 -40.25 -7.84
N TYR A 395 11.49 -40.99 -7.35
CA TYR A 395 10.24 -40.38 -6.91
C TYR A 395 10.49 -39.39 -5.79
N SER A 396 11.25 -39.80 -4.77
CA SER A 396 11.56 -38.90 -3.66
C SER A 396 12.39 -37.72 -4.13
N LEU A 397 13.33 -37.94 -5.03
CA LEU A 397 14.16 -36.84 -5.54
C LEU A 397 13.29 -35.81 -6.26
N LEU A 398 12.39 -36.27 -7.14
CA LEU A 398 11.53 -35.36 -7.87
C LEU A 398 10.57 -34.62 -6.93
N LYS A 399 10.01 -35.33 -5.94
CA LYS A 399 9.12 -34.69 -5.00
C LYS A 399 9.84 -33.61 -4.19
N HIS A 400 11.05 -33.93 -3.71
CA HIS A 400 11.81 -32.93 -2.97
C HIS A 400 12.17 -31.74 -3.84
N LEU A 401 12.55 -31.98 -5.09
CA LEU A 401 12.90 -30.89 -5.99
C LEU A 401 11.70 -30.00 -6.27
N LYS A 402 10.53 -30.59 -6.51
CA LYS A 402 9.35 -29.82 -6.84
C LYS A 402 8.65 -29.24 -5.62
N LEU A 403 9.02 -29.64 -4.41
CA LEU A 403 8.42 -29.10 -3.20
C LEU A 403 9.30 -28.11 -2.46
N CYS A 404 10.60 -28.36 -2.36
CA CYS A 404 11.52 -27.46 -1.67
C CYS A 404 12.18 -26.48 -2.64
N HIS A 405 12.75 -26.98 -3.73
CA HIS A 405 13.34 -26.13 -4.76
C HIS A 405 12.26 -25.72 -5.78
N SER A 406 11.27 -24.98 -5.27
CA SER A 406 10.13 -24.59 -6.09
C SER A 406 10.47 -23.51 -7.10
N ARG A 407 11.62 -22.84 -6.95
CA ARG A 407 11.99 -21.79 -7.90
C ARG A 407 12.24 -22.33 -9.29
N PHE A 408 12.43 -23.64 -9.43
CA PHE A 408 12.66 -24.27 -10.73
C PHE A 408 11.51 -25.21 -11.08
N ILE A 409 11.30 -25.37 -12.39
CA ILE A 409 10.34 -26.31 -12.93
C ILE A 409 11.10 -27.46 -13.57
N PHE A 410 10.72 -28.69 -13.23
CA PHE A 410 11.42 -29.88 -13.69
C PHE A 410 10.47 -30.77 -14.48
N ASN A 411 11.04 -31.50 -15.43
CA ASN A 411 10.28 -32.42 -16.27
C ASN A 411 11.01 -33.75 -16.36
N TYR A 412 10.25 -34.83 -16.54
CA TYR A 412 10.84 -36.16 -16.68
C TYR A 412 10.94 -36.53 -18.15
N VAL A 413 12.12 -36.99 -18.56
CA VAL A 413 12.36 -37.30 -19.96
C VAL A 413 12.76 -38.76 -20.19
N TYR A 414 13.30 -39.45 -19.16
CA TYR A 414 13.73 -40.84 -19.27
C TYR A 414 14.82 -41.00 -20.34
N HIS A 415 15.97 -40.41 -20.04
CA HIS A 415 17.15 -40.63 -20.85
C HIS A 415 17.53 -42.11 -20.79
N PRO A 416 18.12 -42.65 -21.88
CA PRO A 416 18.51 -44.07 -21.85
C PRO A 416 19.48 -44.42 -20.74
N LYS A 417 20.21 -43.45 -20.19
CA LYS A 417 21.07 -43.71 -19.05
C LYS A 417 20.28 -44.04 -17.79
N GLY A 418 18.97 -43.81 -17.78
CA GLY A 418 18.14 -44.17 -16.65
C GLY A 418 17.11 -43.12 -16.27
N ALA A 419 17.45 -41.85 -16.44
CA ALA A 419 16.55 -40.75 -16.09
C ALA A 419 17.09 -39.47 -16.71
N ARG A 420 16.22 -38.47 -16.80
CA ARG A 420 16.60 -37.15 -17.28
C ARG A 420 15.64 -36.12 -16.69
N ILE A 421 16.19 -35.03 -16.17
CA ILE A 421 15.41 -33.97 -15.54
C ILE A 421 15.80 -32.66 -16.20
N ASP A 422 14.90 -32.11 -17.01
CA ASP A 422 15.12 -30.80 -17.62
C ASP A 422 14.57 -29.73 -16.69
N VAL A 423 15.41 -28.78 -16.30
CA VAL A 423 15.05 -27.76 -15.33
C VAL A 423 14.86 -26.43 -16.04
N SER A 424 14.00 -25.60 -15.47
CA SER A 424 13.76 -24.25 -15.98
C SER A 424 13.21 -23.40 -14.85
N ILE A 425 13.40 -22.09 -14.99
CA ILE A 425 12.96 -21.15 -13.96
C ILE A 425 11.44 -21.14 -13.90
N ASN A 426 10.89 -21.09 -12.68
CA ASN A 426 9.45 -21.00 -12.51
C ASN A 426 8.95 -19.68 -13.07
N GLU A 427 7.82 -19.74 -13.79
CA GLU A 427 7.27 -18.54 -14.40
C GLU A 427 6.60 -17.66 -13.37
N CYS A 428 5.56 -18.18 -12.70
CA CYS A 428 4.83 -17.38 -11.72
C CYS A 428 5.55 -17.37 -10.37
N TYR A 429 5.66 -18.53 -9.74
CA TYR A 429 6.27 -18.67 -8.41
C TYR A 429 5.72 -17.61 -7.44
N ASP A 430 4.44 -17.77 -7.12
CA ASP A 430 3.77 -16.80 -6.26
C ASP A 430 4.29 -16.92 -4.83
N GLY A 431 5.55 -16.57 -4.63
CA GLY A 431 6.19 -16.66 -3.34
C GLY A 431 6.68 -15.32 -2.81
N SER A 432 5.85 -14.28 -2.97
CA SER A 432 6.22 -12.96 -2.49
C SER A 432 6.11 -12.90 -0.97
N TYR A 433 6.24 -11.71 -0.42
CA TYR A 433 6.17 -11.54 1.02
C TYR A 433 4.83 -12.03 1.56
N ALA A 434 4.89 -12.84 2.62
CA ALA A 434 3.71 -13.50 3.15
C ALA A 434 3.36 -13.12 4.58
N GLY A 435 4.13 -12.23 5.21
CA GLY A 435 3.81 -11.75 6.53
C GLY A 435 2.70 -10.73 6.49
N ASN A 436 2.80 -9.74 7.37
CA ASN A 436 1.86 -8.62 7.33
C ASN A 436 2.13 -7.80 6.08
N PRO A 437 1.18 -7.76 5.14
CA PRO A 437 1.47 -7.13 3.83
C PRO A 437 1.82 -5.66 3.92
N GLN A 438 1.39 -4.97 4.98
CA GLN A 438 1.65 -3.54 5.08
C GLN A 438 3.10 -3.22 5.38
N ASP A 439 3.89 -4.22 5.77
CA ASP A 439 5.30 -3.98 6.08
C ASP A 439 6.08 -3.56 4.85
N ILE A 440 5.81 -4.19 3.70
CA ILE A 440 6.62 -3.96 2.52
C ILE A 440 6.48 -2.53 2.02
N HIS A 441 5.32 -1.89 2.22
CA HIS A 441 5.13 -0.52 1.77
C HIS A 441 5.77 0.48 2.73
N ARG A 442 5.94 0.11 3.99
CA ARG A 442 6.48 1.03 4.97
C ARG A 442 7.94 1.37 4.66
N GLN A 443 8.34 2.58 5.04
CA GLN A 443 9.69 3.03 4.80
C GLN A 443 10.69 2.22 5.64
N PRO A 444 11.94 2.08 5.17
CA PRO A 444 12.94 1.35 5.97
C PRO A 444 13.14 2.02 7.31
N GLY A 445 13.39 1.18 8.32
CA GLY A 445 13.44 1.62 9.70
C GLY A 445 12.15 1.43 10.45
N PHE A 446 11.03 1.29 9.75
CA PHE A 446 9.74 0.93 10.34
C PHE A 446 9.20 -0.40 9.83
N ALA A 447 9.60 -0.81 8.63
CA ALA A 447 9.23 -2.13 8.13
C ALA A 447 9.94 -3.21 8.92
N PHE A 448 9.19 -4.23 9.33
CA PHE A 448 9.70 -5.33 10.14
C PHE A 448 10.35 -4.85 11.43
N SER A 449 9.83 -3.77 12.02
CA SER A 449 10.43 -3.23 13.23
C SER A 449 10.36 -4.21 14.38
N ARG A 450 9.23 -4.90 14.55
CA ARG A 450 9.01 -5.91 15.58
C ARG A 450 9.17 -5.36 16.99
N ASN A 451 9.21 -4.04 17.16
CA ASN A 451 9.30 -3.45 18.49
C ASN A 451 8.01 -3.59 19.26
N GLY A 452 6.91 -3.93 18.59
CA GLY A 452 5.63 -4.09 19.23
C GLY A 452 4.62 -4.74 18.31
N PRO A 453 3.41 -4.97 18.83
CA PRO A 453 2.36 -5.57 18.01
C PRO A 453 2.00 -4.69 16.82
N VAL A 454 1.73 -5.33 15.68
CA VAL A 454 1.31 -4.64 14.47
C VAL A 454 -0.04 -5.22 14.05
N LYS A 455 -1.06 -4.38 14.00
CA LYS A 455 -2.40 -4.84 13.66
C LYS A 455 -2.47 -5.26 12.20
N ARG A 456 -3.29 -6.28 11.94
CA ARG A 456 -3.55 -6.72 10.58
C ARG A 456 -4.96 -7.28 10.52
N THR A 457 -5.56 -7.19 9.33
CA THR A 457 -6.91 -7.70 9.15
C THR A 457 -6.90 -9.23 9.29
N PRO A 458 -7.82 -9.81 10.05
CA PRO A 458 -7.80 -11.27 10.24
C PRO A 458 -8.03 -12.02 8.94
N ILE A 459 -7.31 -13.14 8.78
CA ILE A 459 -7.51 -14.03 7.65
C ILE A 459 -7.63 -15.43 8.22
N THR A 460 -7.90 -16.42 7.35
CA THR A 460 -7.93 -17.82 7.76
C THR A 460 -7.61 -18.67 6.55
N HIS A 461 -6.57 -19.50 6.66
CA HIS A 461 -6.18 -20.40 5.58
C HIS A 461 -6.11 -21.82 6.11
N ILE A 462 -6.57 -22.77 5.29
CA ILE A 462 -6.41 -24.19 5.56
C ILE A 462 -5.52 -24.76 4.46
N LEU A 463 -4.43 -25.40 4.86
CA LEU A 463 -3.48 -25.96 3.91
C LEU A 463 -3.57 -27.47 3.78
N VAL A 464 -3.78 -28.18 4.88
CA VAL A 464 -3.96 -29.63 4.87
C VAL A 464 -5.21 -29.96 5.67
N CYS A 465 -6.11 -30.75 5.08
CA CYS A 465 -7.33 -31.17 5.75
C CYS A 465 -7.37 -32.68 5.99
N ARG A 466 -7.24 -33.48 4.94
CA ARG A 466 -7.25 -34.92 5.05
C ARG A 466 -6.66 -35.54 3.80
N PRO A 467 -5.32 -35.58 3.68
CA PRO A 467 -4.71 -36.12 2.46
C PRO A 467 -5.04 -37.59 2.27
N LYS A 468 -5.12 -38.01 1.01
CA LYS A 468 -5.50 -39.39 0.70
C LYS A 468 -4.43 -40.38 1.12
N ARG A 469 -3.18 -39.93 1.23
CA ARG A 469 -2.05 -40.79 1.62
C ARG A 469 -1.90 -41.98 0.67
N THR A 470 -1.80 -41.67 -0.63
CA THR A 470 -1.62 -42.71 -1.63
C THR A 470 -0.20 -43.26 -1.57
N LYS A 471 -0.01 -44.42 -2.20
CA LYS A 471 1.29 -45.04 -2.26
C LYS A 471 2.18 -44.30 -3.28
N ALA A 472 3.43 -44.76 -3.37
CA ALA A 472 4.36 -44.17 -4.33
C ALA A 472 3.84 -44.37 -5.75
N SER A 473 3.86 -43.29 -6.54
CA SER A 473 3.32 -43.31 -7.89
C SER A 473 4.27 -42.54 -8.81
N MET A 474 5.03 -43.28 -9.62
CA MET A 474 5.89 -42.63 -10.61
C MET A 474 5.05 -41.98 -11.71
N SER A 475 3.86 -42.53 -11.99
CA SER A 475 3.00 -41.96 -13.01
C SER A 475 2.40 -40.61 -12.60
N GLU A 476 2.56 -40.23 -11.32
CA GLU A 476 2.04 -38.95 -10.85
C GLU A 476 2.83 -37.78 -11.44
N PHE A 477 3.95 -38.08 -12.10
CA PHE A 477 4.77 -37.08 -12.76
C PHE A 477 4.87 -37.39 -14.24
N LEU A 478 4.78 -36.35 -15.06
CA LEU A 478 4.85 -36.51 -16.51
C LEU A 478 6.05 -35.79 -17.09
N THR A 490 -6.70 -26.27 0.28
CA THR A 490 -5.75 -25.20 0.10
C THR A 490 -6.45 -23.90 -0.29
N TYR A 491 -7.46 -23.52 0.48
CA TYR A 491 -8.23 -22.32 0.21
C TYR A 491 -7.93 -21.25 1.25
N SER A 492 -8.37 -20.04 0.98
CA SER A 492 -8.20 -18.92 1.91
C SER A 492 -9.52 -18.19 2.05
N SER A 493 -9.73 -17.59 3.22
CA SER A 493 -10.94 -16.83 3.50
C SER A 493 -10.55 -15.57 4.26
N GLY A 494 -10.91 -14.42 3.72
CA GLY A 494 -10.61 -13.14 4.32
C GLY A 494 -9.75 -12.27 3.40
N HIS A 495 -9.37 -11.11 3.93
CA HIS A 495 -8.57 -10.14 3.18
C HIS A 495 -7.15 -10.68 3.05
N ASN A 496 -6.85 -11.27 1.88
CA ASN A 496 -5.54 -11.87 1.62
C ASN A 496 -4.64 -10.94 0.82
N ARG A 497 -4.85 -9.63 0.94
CA ARG A 497 -4.06 -8.66 0.19
C ARG A 497 -4.15 -7.32 0.90
N LEU A 498 -3.24 -6.42 0.52
CA LEU A 498 -3.24 -5.06 1.03
C LEU A 498 -4.11 -4.18 0.15
N TYR A 499 -5.08 -3.50 0.76
CA TYR A 499 -6.01 -2.63 0.05
C TYR A 499 -5.49 -1.20 0.05
N PHE A 500 -5.99 -0.41 -0.89
CA PHE A 500 -5.49 0.94 -1.14
C PHE A 500 -6.62 1.95 -1.17
N HIS A 501 -6.26 3.20 -0.91
CA HIS A 501 -7.21 4.30 -1.07
C HIS A 501 -7.53 4.49 -2.55
N SER A 502 -8.80 4.79 -2.83
CA SER A 502 -9.24 4.95 -4.21
C SER A 502 -8.57 6.15 -4.87
N ASP A 503 -8.46 7.26 -4.15
CA ASP A 503 -8.00 8.49 -4.76
C ASP A 503 -6.47 8.62 -4.74
N THR A 504 -5.86 8.42 -3.57
CA THR A 504 -4.42 8.65 -3.42
C THR A 504 -3.57 7.39 -3.60
N CYS A 505 -4.20 6.22 -3.73
CA CYS A 505 -3.50 4.95 -3.90
C CYS A 505 -2.56 4.65 -2.74
N LEU A 506 -2.83 5.23 -1.57
CA LEU A 506 -2.03 4.96 -0.39
C LEU A 506 -2.46 3.64 0.25
N PRO A 507 -1.52 2.94 0.90
CA PRO A 507 -1.89 1.73 1.63
C PRO A 507 -2.95 2.02 2.68
N LEU A 508 -3.87 1.08 2.86
CA LEU A 508 -4.99 1.22 3.78
C LEU A 508 -4.62 0.53 5.09
N ARG A 509 -4.50 1.31 6.15
CA ARG A 509 -4.20 0.75 7.46
C ARG A 509 -5.40 -0.02 7.99
N PRO A 510 -5.19 -1.00 8.88
CA PRO A 510 -6.32 -1.79 9.39
C PRO A 510 -7.38 -0.95 10.07
N GLN A 511 -6.98 0.10 10.80
CA GLN A 511 -7.96 1.00 11.38
C GLN A 511 -8.61 1.90 10.33
N GLU A 512 -7.92 2.17 9.23
CA GLU A 512 -8.50 2.94 8.14
C GLU A 512 -9.52 2.12 7.35
N MET A 513 -9.61 0.82 7.60
CA MET A 513 -10.57 -0.06 6.97
C MET A 513 -11.96 0.06 7.59
N GLU A 514 -12.18 1.06 8.45
CA GLU A 514 -13.40 1.18 9.22
C GLU A 514 -14.52 1.75 8.34
N VAL A 515 -15.59 2.22 8.97
CA VAL A 515 -16.80 2.68 8.29
C VAL A 515 -16.51 3.77 7.28
N ASP A 516 -15.33 4.39 7.39
CA ASP A 516 -14.93 5.42 6.42
C ASP A 516 -14.71 4.75 5.07
N SER A 517 -15.66 4.94 4.15
CA SER A 517 -15.64 4.31 2.85
C SER A 517 -15.04 5.20 1.77
N GLU A 518 -14.54 6.38 2.15
CA GLU A 518 -13.87 7.34 1.25
C GLU A 518 -14.65 7.55 -0.05
N ASP A 519 -15.97 7.41 0.02
CA ASP A 519 -16.83 7.65 -1.14
C ASP A 519 -18.22 8.00 -0.64
N GLU A 520 -18.55 9.30 -0.67
CA GLU A 520 -19.83 9.80 -0.19
C GLU A 520 -20.60 10.44 -1.35
N LYS A 521 -21.86 10.78 -1.07
CA LYS A 521 -22.77 11.30 -2.08
C LYS A 521 -22.32 12.62 -2.68
N ASP A 522 -21.50 13.38 -1.95
CA ASP A 522 -21.28 14.80 -2.25
C ASP A 522 -19.79 15.11 -2.37
N PRO A 523 -19.21 14.92 -3.55
CA PRO A 523 -17.80 15.31 -3.76
C PRO A 523 -17.65 16.82 -3.71
N GLU A 524 -16.50 17.28 -3.20
CA GLU A 524 -16.27 18.70 -3.03
C GLU A 524 -15.93 19.38 -4.35
N TRP A 525 -15.17 18.70 -5.21
CA TRP A 525 -14.76 19.31 -6.48
C TRP A 525 -15.96 19.65 -7.34
N LEU A 526 -16.96 18.77 -7.36
CA LEU A 526 -18.12 19.01 -8.21
C LEU A 526 -19.03 20.07 -7.59
N ARG A 527 -19.02 20.18 -6.26
CA ARG A 527 -19.64 21.34 -5.61
C ARG A 527 -18.99 22.64 -6.08
N GLU A 528 -17.66 22.66 -6.15
CA GLU A 528 -16.98 23.86 -6.62
C GLU A 528 -17.32 24.14 -8.08
N LYS A 529 -17.37 23.09 -8.91
CA LYS A 529 -17.63 23.27 -10.33
C LYS A 529 -19.04 23.82 -10.57
N THR A 530 -20.03 23.31 -9.82
CA THR A 530 -21.39 23.82 -10.00
C THR A 530 -21.53 25.28 -9.57
N ILE A 531 -20.53 25.82 -8.87
CA ILE A 531 -20.51 27.23 -8.53
C ILE A 531 -19.75 28.03 -9.57
N THR A 532 -18.60 27.53 -10.04
CA THR A 532 -17.84 28.26 -11.06
C THR A 532 -18.63 28.37 -12.37
N GLN A 533 -19.32 27.31 -12.77
CA GLN A 533 -20.02 27.36 -14.05
C GLN A 533 -21.28 28.22 -14.01
N ILE A 534 -21.79 28.53 -12.82
CA ILE A 534 -22.97 29.39 -12.72
C ILE A 534 -22.63 30.82 -13.14
N GLU A 535 -21.47 31.31 -12.70
CA GLU A 535 -21.07 32.69 -13.03
C GLU A 535 -20.80 32.88 -14.53
N GLU A 536 -20.58 31.79 -15.27
CA GLU A 536 -20.32 31.92 -16.70
C GLU A 536 -21.50 32.49 -17.46
N PHE A 537 -22.71 32.23 -16.98
CA PHE A 537 -23.92 32.71 -17.65
C PHE A 537 -23.98 34.23 -17.56
N SER A 538 -23.94 34.89 -18.73
CA SER A 538 -23.87 36.34 -18.75
C SER A 538 -25.18 36.98 -18.32
N ASP A 539 -26.30 36.49 -18.86
CA ASP A 539 -27.60 37.14 -18.64
C ASP A 539 -28.26 36.67 -17.34
N VAL A 540 -27.49 36.70 -16.25
CA VAL A 540 -28.01 36.44 -14.91
C VAL A 540 -27.34 37.41 -13.95
N ASN A 541 -28.13 38.05 -13.10
CA ASN A 541 -27.57 38.90 -12.07
C ASN A 541 -27.03 38.05 -10.92
N GLU A 542 -26.06 38.61 -10.18
CA GLU A 542 -25.46 37.86 -9.08
C GLU A 542 -26.48 37.55 -7.99
N GLY A 543 -27.52 38.36 -7.85
CA GLY A 543 -28.54 38.10 -6.85
C GLY A 543 -29.23 36.76 -7.04
N GLU A 544 -29.47 36.36 -8.29
CA GLU A 544 -29.98 35.04 -8.60
C GLU A 544 -28.90 33.96 -8.57
N LYS A 545 -27.68 34.31 -8.99
CA LYS A 545 -26.60 33.33 -9.04
C LYS A 545 -26.27 32.81 -7.64
N GLU A 546 -26.24 33.69 -6.65
CA GLU A 546 -25.91 33.26 -5.29
C GLU A 546 -26.97 32.29 -4.76
N VAL A 547 -28.26 32.60 -4.99
CA VAL A 547 -29.32 31.69 -4.56
C VAL A 547 -29.22 30.37 -5.28
N MET A 548 -28.91 30.42 -6.58
CA MET A 548 -28.73 29.19 -7.36
C MET A 548 -27.64 28.31 -6.75
N LYS A 549 -26.49 28.91 -6.45
CA LYS A 549 -25.38 28.16 -5.86
C LYS A 549 -25.76 27.59 -4.50
N LEU A 550 -26.42 28.41 -3.67
CA LEU A 550 -26.77 27.97 -2.32
C LEU A 550 -27.72 26.78 -2.37
N TRP A 551 -28.75 26.87 -3.22
CA TRP A 551 -29.71 25.77 -3.28
C TRP A 551 -29.10 24.54 -3.93
N ASN A 552 -28.21 24.72 -4.92
CA ASN A 552 -27.53 23.57 -5.49
C ASN A 552 -26.69 22.84 -4.46
N LEU A 553 -25.95 23.60 -3.65
CA LEU A 553 -25.18 22.97 -2.58
C LEU A 553 -26.09 22.27 -1.58
N HIS A 554 -27.23 22.90 -1.26
CA HIS A 554 -28.15 22.30 -0.32
C HIS A 554 -28.67 20.96 -0.81
N VAL A 555 -29.12 20.90 -2.06
CA VAL A 555 -29.65 19.63 -2.59
C VAL A 555 -28.52 18.61 -2.71
N MET A 556 -27.34 19.06 -3.11
CA MET A 556 -26.20 18.15 -3.26
C MET A 556 -25.78 17.55 -1.92
N LYS A 557 -26.01 18.29 -0.83
CA LYS A 557 -25.71 17.78 0.50
C LYS A 557 -26.59 16.58 0.87
N HIS A 558 -27.71 16.38 0.18
CA HIS A 558 -28.62 15.28 0.47
C HIS A 558 -29.04 14.47 -0.74
N GLY A 559 -28.96 15.02 -1.94
CA GLY A 559 -29.32 14.27 -3.14
C GLY A 559 -30.77 13.86 -3.20
N PHE A 560 -31.68 14.82 -3.01
CA PHE A 560 -33.10 14.53 -3.05
C PHE A 560 -33.50 13.94 -4.41
N ILE A 561 -34.39 12.96 -4.37
CA ILE A 561 -34.89 12.30 -5.58
C ILE A 561 -36.40 12.41 -5.68
N ALA A 562 -37.10 12.13 -4.59
CA ALA A 562 -38.56 12.17 -4.58
C ALA A 562 -39.07 13.60 -4.58
N ASP A 563 -40.25 13.78 -5.18
CA ASP A 563 -40.84 15.12 -5.25
C ASP A 563 -41.44 15.56 -3.92
N ASN A 564 -41.89 14.61 -3.10
CA ASN A 564 -42.52 14.95 -1.82
C ASN A 564 -41.51 15.44 -0.79
N GLN A 565 -40.21 15.35 -1.09
CA GLN A 565 -39.20 15.81 -0.16
C GLN A 565 -39.16 17.34 -0.07
N MET A 566 -39.58 18.05 -1.11
CA MET A 566 -39.42 19.50 -1.18
C MET A 566 -40.04 20.27 -0.03
N ASN A 567 -41.17 19.81 0.53
CA ASN A 567 -41.65 20.45 1.75
C ASN A 567 -40.58 20.38 2.82
N HIS A 568 -40.14 19.15 3.13
CA HIS A 568 -39.05 18.99 4.08
C HIS A 568 -37.73 19.50 3.52
N ALA A 569 -37.50 19.34 2.22
CA ALA A 569 -36.24 19.81 1.63
C ALA A 569 -36.15 21.33 1.71
N CYS A 570 -37.23 22.05 1.36
CA CYS A 570 -37.20 23.50 1.45
C CYS A 570 -37.13 23.97 2.90
N MET A 571 -37.84 23.29 3.80
CA MET A 571 -37.78 23.66 5.21
C MET A 571 -36.36 23.49 5.76
N LEU A 572 -35.70 22.39 5.38
CA LEU A 572 -34.35 22.16 5.86
C LEU A 572 -33.35 23.09 5.17
N PHE A 573 -33.60 23.46 3.93
CA PHE A 573 -32.79 24.48 3.27
C PHE A 573 -32.87 25.81 4.02
N VAL A 574 -34.08 26.18 4.45
CA VAL A 574 -34.24 27.38 5.26
C VAL A 574 -33.47 27.23 6.56
N GLU A 575 -33.68 26.10 7.27
CA GLU A 575 -33.05 25.92 8.58
C GLU A 575 -31.53 25.88 8.46
N ASN A 576 -31.00 25.50 7.29
CA ASN A 576 -29.55 25.47 7.10
C ASN A 576 -29.01 26.84 6.75
N TYR A 577 -29.55 27.46 5.70
CA TYR A 577 -28.94 28.66 5.12
C TYR A 577 -29.67 29.94 5.48
N GLY A 578 -30.49 29.94 6.54
CA GLY A 578 -31.15 31.17 6.94
C GLY A 578 -30.19 32.27 7.28
N GLN A 579 -29.17 31.97 8.09
CA GLN A 579 -28.18 32.98 8.45
C GLN A 579 -27.41 33.46 7.23
N LYS A 580 -27.02 32.53 6.34
CA LYS A 580 -26.25 32.92 5.16
C LYS A 580 -27.05 33.82 4.25
N ILE A 581 -28.33 33.49 4.01
CA ILE A 581 -29.15 34.31 3.13
C ILE A 581 -29.47 35.66 3.78
N ILE A 582 -29.73 35.66 5.09
CA ILE A 582 -30.02 36.91 5.78
C ILE A 582 -28.82 37.85 5.72
N LYS A 583 -27.62 37.31 5.95
CA LYS A 583 -26.41 38.11 5.82
C LYS A 583 -26.20 38.54 4.37
N LYS A 584 -26.61 37.71 3.41
CA LYS A 584 -26.49 38.05 2.00
C LYS A 584 -27.64 38.93 1.51
N ASN A 585 -28.68 39.12 2.32
CA ASN A 585 -29.83 39.95 1.97
C ASN A 585 -30.47 39.49 0.66
N LEU A 586 -30.71 38.19 0.56
CA LEU A 586 -31.29 37.59 -0.63
C LEU A 586 -32.61 36.86 -0.34
N CYS A 587 -33.36 37.31 0.68
CA CYS A 587 -34.62 36.66 1.02
C CYS A 587 -35.64 36.79 -0.11
N ARG A 588 -35.70 37.97 -0.74
CA ARG A 588 -36.62 38.17 -1.84
C ARG A 588 -36.26 37.27 -3.02
N ASN A 589 -34.97 37.14 -3.33
CA ASN A 589 -34.56 36.20 -4.35
C ASN A 589 -34.87 34.76 -3.94
N PHE A 590 -34.80 34.47 -2.64
CA PHE A 590 -35.16 33.14 -2.17
C PHE A 590 -36.63 32.83 -2.41
N MET A 591 -37.52 33.79 -2.12
CA MET A 591 -38.92 33.53 -2.37
C MET A 591 -39.23 33.54 -3.86
N LEU A 592 -38.43 34.26 -4.66
CA LEU A 592 -38.54 34.12 -6.11
C LEU A 592 -38.19 32.69 -6.54
N HIS A 593 -37.14 32.12 -5.95
CA HIS A 593 -36.79 30.73 -6.23
C HIS A 593 -37.90 29.79 -5.79
N LEU A 594 -38.52 30.06 -4.63
CA LEU A 594 -39.62 29.24 -4.17
C LEU A 594 -40.82 29.32 -5.11
N VAL A 595 -41.09 30.50 -5.65
CA VAL A 595 -42.14 30.66 -6.65
C VAL A 595 -41.80 29.87 -7.90
N SER A 596 -40.54 29.91 -8.33
CA SER A 596 -40.12 29.12 -9.48
C SER A 596 -40.35 27.62 -9.24
N MET A 597 -40.06 27.16 -8.02
CA MET A 597 -40.33 25.78 -7.67
C MET A 597 -41.83 25.48 -7.73
N HIS A 598 -42.65 26.38 -7.18
CA HIS A 598 -44.10 26.16 -7.19
C HIS A 598 -44.66 26.15 -8.60
N ASP A 599 -44.04 26.87 -9.54
CA ASP A 599 -44.46 26.79 -10.93
C ASP A 599 -44.20 25.43 -11.55
N PHE A 600 -43.38 24.60 -10.92
CA PHE A 600 -43.06 23.27 -11.41
C PHE A 600 -43.85 22.17 -10.67
N ASN A 601 -44.86 22.56 -9.89
CA ASN A 601 -45.72 21.65 -9.15
C ASN A 601 -44.95 20.79 -8.15
N LEU A 602 -43.82 21.28 -7.64
CA LEU A 602 -43.06 20.55 -6.63
C LEU A 602 -43.34 21.07 -5.22
N ILE A 603 -43.85 22.28 -5.07
CA ILE A 603 -44.07 22.90 -3.78
C ILE A 603 -45.51 23.38 -3.69
N SER A 604 -46.16 23.06 -2.58
CA SER A 604 -47.53 23.49 -2.33
C SER A 604 -47.56 24.93 -1.83
N ILE A 605 -48.71 25.57 -2.01
CA ILE A 605 -48.86 26.95 -1.57
C ILE A 605 -48.87 27.07 -0.06
N MET A 606 -49.10 25.97 0.66
CA MET A 606 -49.14 26.00 2.11
C MET A 606 -47.76 25.86 2.75
N SER A 607 -46.70 25.71 1.94
CA SER A 607 -45.35 25.57 2.48
C SER A 607 -44.49 26.80 2.29
N ILE A 608 -44.74 27.61 1.25
CA ILE A 608 -43.95 28.82 1.04
C ILE A 608 -44.12 29.78 2.21
N ASP A 609 -45.36 30.01 2.64
CA ASP A 609 -45.59 30.93 3.75
C ASP A 609 -44.97 30.40 5.03
N LYS A 610 -45.07 29.09 5.28
CA LYS A 610 -44.47 28.51 6.48
C LYS A 610 -42.96 28.63 6.45
N ALA A 611 -42.34 28.43 5.29
CA ALA A 611 -40.89 28.59 5.17
C ALA A 611 -40.49 30.04 5.43
N VAL A 612 -41.26 30.99 4.91
CA VAL A 612 -40.94 32.40 5.16
C VAL A 612 -41.09 32.73 6.65
N THR A 613 -42.15 32.25 7.28
CA THR A 613 -42.37 32.55 8.69
C THR A 613 -41.29 31.94 9.56
N LYS A 614 -40.89 30.70 9.27
CA LYS A 614 -39.84 30.06 10.05
C LYS A 614 -38.48 30.72 9.86
N LEU A 615 -38.32 31.53 8.81
CA LEU A 615 -37.05 32.21 8.59
C LEU A 615 -36.73 33.21 9.70
N ARG A 616 -37.76 33.77 10.32
CA ARG A 616 -37.57 34.74 11.40
C ARG A 616 -37.95 34.16 12.74
N TYR B 80 29.56 36.39 -20.68
CA TYR B 80 29.77 35.04 -20.17
C TYR B 80 30.21 34.10 -21.28
N SER B 81 31.31 33.38 -21.05
CA SER B 81 31.83 32.43 -22.02
C SER B 81 32.14 31.12 -21.31
N PHE B 82 31.60 30.03 -21.83
CA PHE B 82 31.82 28.69 -21.29
C PHE B 82 32.61 27.86 -22.29
N LYS B 83 33.61 27.14 -21.80
CA LYS B 83 34.42 26.25 -22.63
C LYS B 83 34.33 24.84 -22.09
N CYS B 84 34.27 23.87 -23.01
CA CYS B 84 34.19 22.46 -22.64
C CYS B 84 35.51 22.06 -21.99
N VAL B 85 35.47 21.86 -20.67
CA VAL B 85 36.69 21.56 -19.91
C VAL B 85 36.81 20.06 -19.70
N ASN B 86 35.68 19.36 -19.63
CA ASN B 86 35.69 17.92 -19.45
C ASN B 86 34.37 17.34 -19.91
N SER B 87 34.40 16.05 -20.25
CA SER B 87 33.21 15.31 -20.66
C SER B 87 33.20 13.95 -19.99
N LEU B 88 32.03 13.56 -19.50
CA LEU B 88 31.83 12.26 -18.88
C LEU B 88 30.84 11.46 -19.71
N LYS B 89 31.09 10.17 -19.85
CA LYS B 89 30.16 9.24 -20.52
C LYS B 89 30.00 8.01 -19.65
N GLU B 90 28.77 7.76 -19.20
CA GLU B 90 28.49 6.59 -18.38
C GLU B 90 28.67 5.29 -19.15
N ASP B 91 28.64 5.35 -20.48
CA ASP B 91 28.95 4.23 -21.37
C ASP B 91 27.98 3.07 -21.22
N HIS B 92 26.84 3.28 -20.57
CA HIS B 92 25.78 2.27 -20.59
C HIS B 92 24.76 2.52 -21.69
N ASN B 93 25.02 3.53 -22.53
CA ASN B 93 24.25 3.78 -23.76
C ASN B 93 22.75 3.95 -23.47
N GLN B 94 22.43 4.71 -22.43
CA GLN B 94 21.05 4.99 -22.11
C GLN B 94 20.88 6.49 -21.83
N PRO B 95 19.79 7.10 -22.31
CA PRO B 95 19.66 8.55 -22.18
C PRO B 95 19.61 9.01 -20.73
N LEU B 96 20.32 10.11 -20.46
CA LEU B 96 20.35 10.71 -19.14
C LEU B 96 19.35 11.86 -19.06
N PHE B 97 18.89 12.13 -17.83
CA PHE B 97 17.89 13.17 -17.61
C PHE B 97 18.11 13.78 -16.23
N GLY B 98 17.49 14.94 -16.02
CA GLY B 98 17.32 15.51 -14.70
C GLY B 98 18.58 15.84 -13.93
N VAL B 99 19.60 16.42 -14.56
CA VAL B 99 20.79 16.81 -13.83
C VAL B 99 20.48 18.02 -12.96
N GLN B 100 20.87 17.94 -11.68
CA GLN B 100 20.62 19.02 -10.74
C GLN B 100 21.82 19.20 -9.81
N PHE B 101 22.20 20.45 -9.59
CA PHE B 101 23.25 20.76 -8.64
C PHE B 101 22.69 20.75 -7.21
N ASN B 102 23.56 20.42 -6.26
CA ASN B 102 23.19 20.51 -4.86
C ASN B 102 23.34 21.95 -4.38
N TRP B 103 22.33 22.78 -4.64
CA TRP B 103 22.40 24.20 -4.29
C TRP B 103 22.39 24.43 -2.79
N HIS B 104 22.05 23.42 -1.98
CA HIS B 104 22.01 23.59 -0.54
C HIS B 104 23.39 23.54 0.11
N SER B 105 24.41 23.10 -0.62
CA SER B 105 25.77 23.03 -0.07
C SER B 105 26.22 24.41 0.40
N LYS B 106 26.78 24.45 1.61
CA LYS B 106 27.21 25.71 2.18
C LYS B 106 28.39 26.30 1.42
N GLU B 107 28.70 27.55 1.72
CA GLU B 107 29.80 28.24 1.06
C GLU B 107 31.11 27.52 1.30
N GLY B 108 31.86 27.29 0.23
CA GLY B 108 33.14 26.60 0.31
C GLY B 108 33.04 25.08 0.22
N ASP B 109 31.84 24.53 0.23
CA ASP B 109 31.68 23.09 0.13
C ASP B 109 32.01 22.61 -1.28
N PRO B 110 32.38 21.34 -1.43
CA PRO B 110 32.66 20.82 -2.78
C PRO B 110 31.42 20.89 -3.66
N LEU B 111 31.65 21.13 -4.95
CA LEU B 111 30.58 21.28 -5.93
C LEU B 111 30.12 19.89 -6.33
N VAL B 112 29.01 19.44 -5.75
CA VAL B 112 28.45 18.12 -5.99
C VAL B 112 27.09 18.27 -6.65
N PHE B 113 26.90 17.54 -7.75
CA PHE B 113 25.63 17.55 -8.48
C PHE B 113 25.19 16.11 -8.75
N ALA B 114 23.92 15.95 -9.03
CA ALA B 114 23.33 14.63 -9.29
C ALA B 114 22.93 14.50 -10.75
N THR B 115 22.93 13.26 -11.23
CA THR B 115 22.57 12.95 -12.61
C THR B 115 21.97 11.55 -12.66
N VAL B 116 20.98 11.38 -13.53
CA VAL B 116 20.20 10.15 -13.60
C VAL B 116 20.54 9.42 -14.89
N GLY B 117 20.86 8.13 -14.77
CA GLY B 117 21.02 7.28 -15.93
C GLY B 117 20.35 5.92 -15.77
N SER B 118 19.37 5.64 -16.61
CA SER B 118 18.64 4.37 -16.59
C SER B 118 18.12 4.02 -15.21
N ASN B 119 18.28 2.77 -14.81
CA ASN B 119 17.92 2.31 -13.47
C ASN B 119 18.96 2.68 -12.42
N ARG B 120 19.87 3.59 -12.75
CA ARG B 120 20.94 3.99 -11.85
C ARG B 120 20.86 5.48 -11.55
N VAL B 121 21.35 5.86 -10.38
CA VAL B 121 21.46 7.26 -9.97
C VAL B 121 22.92 7.55 -9.70
N THR B 122 23.45 8.61 -10.30
CA THR B 122 24.87 8.91 -10.22
C THR B 122 25.09 10.32 -9.69
N LEU B 123 26.06 10.44 -8.78
CA LEU B 123 26.48 11.72 -8.25
C LEU B 123 27.92 11.99 -8.64
N TYR B 124 28.27 13.27 -8.77
CA TYR B 124 29.60 13.66 -9.20
C TYR B 124 30.04 14.90 -8.45
N GLU B 125 31.35 15.12 -8.42
CA GLU B 125 31.93 16.32 -7.82
C GLU B 125 32.76 17.06 -8.87
N CYS B 126 32.62 18.38 -8.87
CA CYS B 126 33.34 19.24 -9.82
C CYS B 126 34.53 19.87 -9.11
N HIS B 127 35.72 19.63 -9.65
CA HIS B 127 36.95 20.21 -9.14
C HIS B 127 37.44 21.30 -10.08
N SER B 128 38.49 21.99 -9.65
CA SER B 128 39.10 23.03 -10.47
C SER B 128 39.78 22.40 -11.68
N GLN B 129 40.07 23.26 -12.67
CA GLN B 129 40.73 22.87 -13.91
C GLN B 129 39.90 21.85 -14.71
N GLY B 130 38.60 21.76 -14.43
CA GLY B 130 37.71 20.89 -15.16
C GLY B 130 37.65 19.46 -14.68
N GLU B 131 38.45 19.08 -13.69
CA GLU B 131 38.44 17.71 -13.20
C GLU B 131 37.09 17.40 -12.55
N ILE B 132 36.49 16.29 -12.93
CA ILE B 132 35.23 15.82 -12.37
C ILE B 132 35.47 14.47 -11.74
N ARG B 133 35.14 14.34 -10.46
CA ARG B 133 35.31 13.09 -9.74
C ARG B 133 33.98 12.37 -9.59
N LEU B 134 34.04 11.04 -9.69
CA LEU B 134 32.85 10.20 -9.61
C LEU B 134 32.53 9.92 -8.16
N LEU B 135 31.28 10.15 -7.78
CA LEU B 135 30.81 9.85 -6.44
C LEU B 135 29.99 8.56 -6.44
N GLN B 136 29.38 8.26 -5.30
CA GLN B 136 28.63 7.03 -5.10
C GLN B 136 27.44 6.98 -6.06
N SER B 137 27.15 5.78 -6.54
CA SER B 137 26.04 5.56 -7.47
C SER B 137 25.13 4.47 -6.94
N TYR B 138 23.83 4.61 -7.22
CA TYR B 138 22.81 3.70 -6.74
C TYR B 138 22.08 3.10 -7.94
N VAL B 139 21.65 1.86 -7.82
CA VAL B 139 20.98 1.15 -8.90
C VAL B 139 19.77 0.39 -8.35
N ASP B 140 18.63 0.54 -9.02
CA ASP B 140 17.43 -0.24 -8.70
C ASP B 140 17.28 -1.40 -9.68
N ALA B 141 18.17 -2.40 -9.51
CA ALA B 141 18.17 -3.55 -10.41
C ALA B 141 17.06 -4.55 -10.09
N ASP B 142 16.29 -4.32 -9.03
CA ASP B 142 15.26 -5.28 -8.62
C ASP B 142 14.15 -5.43 -9.65
N ALA B 143 13.96 -4.44 -10.53
CA ALA B 143 12.90 -4.49 -11.52
C ALA B 143 13.31 -3.68 -12.73
N ASP B 144 12.61 -3.91 -13.84
CA ASP B 144 12.82 -3.13 -15.05
C ASP B 144 12.43 -1.69 -14.79
N GLU B 145 13.42 -0.81 -14.66
CA GLU B 145 13.19 0.55 -14.21
C GLU B 145 13.98 1.52 -15.07
N ASN B 146 13.40 2.69 -15.29
CA ASN B 146 14.09 3.78 -15.97
C ASN B 146 13.80 5.06 -15.19
N PHE B 147 14.78 5.53 -14.43
CA PHE B 147 14.66 6.75 -13.66
C PHE B 147 14.95 7.94 -14.56
N TYR B 148 14.19 9.02 -14.38
CA TYR B 148 14.64 10.31 -14.89
C TYR B 148 14.10 11.52 -14.12
N THR B 149 14.75 11.86 -13.01
CA THR B 149 14.48 13.02 -12.16
C THR B 149 15.52 13.10 -11.05
N CYS B 150 15.83 14.33 -10.65
CA CYS B 150 16.60 14.59 -9.44
C CYS B 150 16.06 15.84 -8.77
N ALA B 151 16.18 15.88 -7.44
CA ALA B 151 15.76 17.01 -6.65
C ALA B 151 16.52 17.02 -5.33
N TRP B 152 17.22 18.11 -5.07
CA TRP B 152 18.11 18.21 -3.92
C TRP B 152 17.40 18.90 -2.76
N THR B 153 17.52 18.31 -1.57
CA THR B 153 16.98 18.90 -0.35
C THR B 153 17.89 18.54 0.80
N TYR B 154 17.73 19.26 1.91
CA TYR B 154 18.54 19.02 3.10
C TYR B 154 17.65 18.55 4.24
N ASP B 155 18.20 17.70 5.09
CA ASP B 155 17.48 17.23 6.27
C ASP B 155 17.49 18.31 7.34
N SER B 156 16.30 18.80 7.70
CA SER B 156 16.22 19.89 8.68
C SER B 156 16.70 19.45 10.05
N ASN B 157 16.69 18.15 10.33
CA ASN B 157 17.09 17.66 11.65
C ASN B 157 18.59 17.40 11.73
N THR B 158 19.12 16.53 10.86
CA THR B 158 20.51 16.12 10.91
C THR B 158 21.39 16.85 9.91
N SER B 159 20.88 17.85 9.21
CA SER B 159 21.63 18.66 8.26
C SER B 159 22.22 17.86 7.11
N HIS B 160 21.75 16.63 6.90
CA HIS B 160 22.25 15.81 5.81
C HIS B 160 21.66 16.27 4.48
N PRO B 161 22.43 16.16 3.39
CA PRO B 161 21.86 16.44 2.07
C PRO B 161 21.13 15.22 1.50
N LEU B 162 19.89 15.43 1.07
CA LEU B 162 19.06 14.35 0.55
C LEU B 162 18.78 14.55 -0.93
N LEU B 163 18.58 13.44 -1.64
CA LEU B 163 18.31 13.45 -3.06
C LEU B 163 17.04 12.67 -3.34
N ALA B 164 16.17 13.22 -4.20
CA ALA B 164 14.91 12.58 -4.57
C ALA B 164 15.01 12.06 -5.99
N VAL B 165 14.65 10.79 -6.18
CA VAL B 165 14.74 10.12 -7.48
C VAL B 165 13.40 9.51 -7.81
N ALA B 166 12.97 9.66 -9.06
CA ALA B 166 11.75 9.03 -9.55
C ALA B 166 11.97 8.56 -10.97
N GLY B 167 11.16 7.61 -11.40
CA GLY B 167 11.33 6.99 -12.70
C GLY B 167 10.01 6.62 -13.35
N SER B 168 10.10 5.82 -14.41
CA SER B 168 8.91 5.43 -15.16
C SER B 168 7.97 4.56 -14.33
N ARG B 169 8.49 3.93 -13.28
CA ARG B 169 7.66 3.07 -12.44
C ARG B 169 6.79 3.86 -11.47
N GLY B 170 6.78 5.19 -11.54
CA GLY B 170 6.00 5.98 -10.60
C GLY B 170 6.46 5.89 -9.18
N ILE B 171 7.73 5.63 -8.95
CA ILE B 171 8.28 5.40 -7.62
C ILE B 171 9.06 6.63 -7.19
N ILE B 172 8.83 7.06 -5.95
CA ILE B 172 9.57 8.16 -5.34
C ILE B 172 10.63 7.57 -4.42
N ARG B 173 11.89 7.90 -4.67
CA ARG B 173 13.01 7.40 -3.90
C ARG B 173 13.79 8.55 -3.29
N ILE B 174 14.11 8.40 -2.00
CA ILE B 174 14.92 9.37 -1.27
C ILE B 174 16.22 8.69 -0.88
N ILE B 175 17.32 9.24 -1.35
CA ILE B 175 18.64 8.66 -1.13
C ILE B 175 19.47 9.62 -0.27
N ASN B 176 20.09 9.07 0.77
CA ASN B 176 20.97 9.84 1.65
C ASN B 176 22.40 9.41 1.36
N PRO B 177 23.16 10.19 0.60
CA PRO B 177 24.53 9.79 0.26
C PRO B 177 25.43 9.62 1.47
N ILE B 178 25.16 10.32 2.57
CA ILE B 178 25.97 10.19 3.77
C ILE B 178 25.87 8.77 4.33
N THR B 179 24.65 8.25 4.41
CA THR B 179 24.40 6.93 4.95
C THR B 179 24.43 5.84 3.88
N MET B 180 24.66 6.21 2.62
CA MET B 180 24.84 5.24 1.53
C MET B 180 23.58 4.40 1.30
N GLN B 181 22.44 4.88 1.78
CA GLN B 181 21.23 4.07 1.74
C GLN B 181 20.03 4.96 1.54
N CYS B 182 18.94 4.34 1.06
CA CYS B 182 17.67 5.01 0.88
C CYS B 182 16.80 4.77 2.11
N ILE B 183 16.32 5.86 2.73
CA ILE B 183 15.62 5.76 4.00
C ILE B 183 14.18 6.25 3.90
N LYS B 184 13.72 6.53 2.69
CA LYS B 184 12.35 6.96 2.47
C LYS B 184 11.96 6.68 1.02
N HIS B 185 10.75 6.15 0.84
CA HIS B 185 10.19 5.94 -0.48
C HIS B 185 8.68 6.16 -0.42
N TYR B 186 8.14 6.75 -1.48
CA TYR B 186 6.72 7.07 -1.56
C TYR B 186 6.11 6.43 -2.78
N VAL B 187 4.97 5.77 -2.59
CA VAL B 187 4.21 5.14 -3.67
C VAL B 187 2.79 5.68 -3.62
N GLY B 188 2.10 5.61 -4.75
CA GLY B 188 0.75 6.12 -4.82
C GLY B 188 0.47 6.86 -6.12
N HIS B 189 1.54 7.33 -6.77
CA HIS B 189 1.39 8.00 -8.05
C HIS B 189 0.83 7.04 -9.09
N GLY B 190 -0.10 7.54 -9.90
CA GLY B 190 -0.80 6.69 -10.84
C GLY B 190 -0.01 6.25 -12.04
N ASN B 191 1.08 6.93 -12.37
CA ASN B 191 1.87 6.58 -13.54
C ASN B 191 3.27 7.17 -13.39
N ALA B 192 4.03 7.14 -14.49
CA ALA B 192 5.42 7.56 -14.50
C ALA B 192 5.55 9.01 -14.06
N ILE B 193 6.53 9.26 -13.20
CA ILE B 193 6.87 10.61 -12.76
C ILE B 193 7.70 11.26 -13.84
N ASN B 194 7.69 12.59 -13.89
CA ASN B 194 8.35 13.26 -15.01
C ASN B 194 9.25 14.41 -14.56
N GLU B 195 8.93 15.04 -13.44
CA GLU B 195 9.72 16.17 -12.95
C GLU B 195 9.61 16.24 -11.44
N LEU B 196 10.75 16.42 -10.78
CA LEU B 196 10.82 16.51 -9.32
C LEU B 196 11.43 17.85 -8.93
N LYS B 197 10.73 18.57 -8.06
CA LYS B 197 11.22 19.86 -7.59
C LYS B 197 10.81 20.04 -6.13
N PHE B 198 11.68 20.66 -5.35
CA PHE B 198 11.46 20.88 -3.93
C PHE B 198 11.00 22.31 -3.67
N HIS B 199 10.26 22.49 -2.60
CA HIS B 199 9.83 23.81 -2.17
C HIS B 199 11.05 24.63 -1.76
N PRO B 200 11.29 25.80 -2.35
CA PRO B 200 12.51 26.55 -2.04
C PRO B 200 12.61 27.00 -0.59
N ARG B 201 11.49 27.24 0.09
CA ARG B 201 11.52 27.70 1.47
C ARG B 201 11.43 26.54 2.46
N ASP B 202 10.52 25.61 2.22
CA ASP B 202 10.35 24.47 3.11
C ASP B 202 10.98 23.24 2.46
N PRO B 203 12.12 22.76 2.96
CA PRO B 203 12.78 21.60 2.32
C PRO B 203 11.97 20.32 2.40
N ASN B 204 11.04 20.22 3.34
CA ASN B 204 10.29 18.99 3.55
C ASN B 204 9.11 18.83 2.58
N LEU B 205 8.72 19.89 1.88
CA LEU B 205 7.65 19.80 0.89
C LEU B 205 8.27 19.44 -0.45
N LEU B 206 7.82 18.33 -1.02
CA LEU B 206 8.42 17.77 -2.23
C LEU B 206 7.31 17.59 -3.27
N LEU B 207 7.51 18.13 -4.46
CA LEU B 207 6.52 18.09 -5.52
C LEU B 207 6.99 17.17 -6.64
N SER B 208 6.06 16.37 -7.16
CA SER B 208 6.35 15.41 -8.21
C SER B 208 5.42 15.65 -9.40
N VAL B 209 5.97 15.51 -10.60
CA VAL B 209 5.24 15.71 -11.84
C VAL B 209 5.11 14.36 -12.53
N SER B 210 3.89 13.95 -12.84
CA SER B 210 3.68 12.56 -13.26
C SER B 210 2.77 12.48 -14.47
N LYS B 211 2.90 11.37 -15.21
CA LYS B 211 2.00 11.01 -16.30
C LYS B 211 0.59 10.69 -15.80
N ASP B 212 0.38 10.70 -14.48
CA ASP B 212 -0.91 10.37 -13.88
C ASP B 212 -1.98 11.38 -14.30
N HIS B 213 -1.58 12.49 -14.93
CA HIS B 213 -2.44 13.63 -15.26
C HIS B 213 -2.77 14.44 -14.01
N ALA B 214 -1.91 14.34 -12.99
CA ALA B 214 -2.14 15.04 -11.74
C ALA B 214 -0.80 15.38 -11.13
N LEU B 215 -0.83 16.29 -10.16
CA LEU B 215 0.35 16.74 -9.45
C LEU B 215 0.23 16.35 -7.97
N ARG B 216 1.37 16.06 -7.35
CA ARG B 216 1.37 15.67 -5.94
C ARG B 216 2.50 16.38 -5.21
N LEU B 217 2.18 16.89 -4.02
CA LEU B 217 3.17 17.51 -3.14
C LEU B 217 3.32 16.63 -1.91
N TRP B 218 4.55 16.15 -1.67
CA TRP B 218 4.84 15.22 -0.60
C TRP B 218 5.50 15.95 0.56
N ASN B 219 5.23 15.46 1.77
CA ASN B 219 5.92 15.91 2.97
C ASN B 219 7.03 14.93 3.31
N ILE B 220 8.09 15.45 3.91
CA ILE B 220 9.28 14.65 4.14
C ILE B 220 9.49 14.32 5.62
N GLN B 221 9.36 15.28 6.53
CA GLN B 221 9.45 14.99 7.96
C GLN B 221 8.42 13.94 8.36
N THR B 222 7.16 14.19 8.03
CA THR B 222 6.15 13.14 8.07
C THR B 222 5.95 12.59 6.66
N ASP B 223 5.54 11.33 6.59
CA ASP B 223 5.32 10.67 5.31
C ASP B 223 3.99 11.06 4.67
N THR B 224 3.37 12.14 5.14
CA THR B 224 2.07 12.56 4.62
C THR B 224 2.20 13.06 3.19
N LEU B 225 1.14 12.82 2.41
CA LEU B 225 0.99 13.41 1.09
C LEU B 225 -0.22 14.33 1.12
N VAL B 226 0.02 15.64 0.99
CA VAL B 226 -1.10 16.55 0.85
C VAL B 226 -0.90 17.44 -0.36
N ALA B 227 -1.32 16.93 -1.52
CA ALA B 227 -1.76 17.69 -2.69
C ALA B 227 -2.14 16.70 -3.77
N ILE B 228 -3.19 17.04 -4.51
CA ILE B 228 -3.49 16.42 -5.80
C ILE B 228 -4.04 17.50 -6.72
N PHE B 229 -3.21 17.95 -7.66
CA PHE B 229 -3.60 18.98 -8.61
C PHE B 229 -3.98 18.29 -9.92
N GLY B 230 -5.27 18.09 -10.11
CA GLY B 230 -5.76 17.44 -11.32
C GLY B 230 -7.21 17.06 -11.18
N GLY B 231 -7.74 16.51 -12.26
CA GLY B 231 -9.13 16.09 -12.27
C GLY B 231 -9.95 16.72 -13.38
N VAL B 232 -11.10 17.30 -13.02
CA VAL B 232 -12.01 17.85 -14.02
C VAL B 232 -11.36 19.03 -14.73
N GLU B 233 -10.83 19.99 -13.98
CA GLU B 233 -10.18 21.16 -14.53
C GLU B 233 -8.67 21.09 -14.40
N GLY B 234 -8.14 19.93 -13.99
CA GLY B 234 -6.73 19.69 -14.07
C GLY B 234 -6.33 19.32 -15.49
N HIS B 235 -5.06 18.98 -15.64
CA HIS B 235 -4.58 18.57 -16.96
C HIS B 235 -5.31 17.30 -17.42
N ARG B 236 -5.75 17.32 -18.67
CA ARG B 236 -6.46 16.20 -19.27
C ARG B 236 -5.53 15.27 -20.04
N ASP B 237 -4.23 15.44 -19.88
CA ASP B 237 -3.25 14.52 -20.43
C ASP B 237 -2.00 14.58 -19.55
N GLU B 238 -0.93 13.95 -20.04
CA GLU B 238 0.30 13.81 -19.26
C GLU B 238 0.88 15.17 -18.87
N VAL B 239 1.26 15.29 -17.61
CA VAL B 239 1.98 16.45 -17.09
C VAL B 239 3.45 16.09 -17.02
N LEU B 240 4.31 16.93 -17.57
CA LEU B 240 5.73 16.60 -17.62
C LEU B 240 6.59 17.83 -17.31
N SER B 241 6.04 18.79 -16.57
CA SER B 241 6.83 19.95 -16.15
C SER B 241 6.07 20.73 -15.09
N ALA B 242 6.83 21.35 -14.18
CA ALA B 242 6.32 22.30 -13.21
C ALA B 242 7.48 23.15 -12.70
N ASP B 243 7.13 24.28 -12.08
CA ASP B 243 8.13 25.21 -11.56
C ASP B 243 7.67 25.77 -10.23
N TYR B 244 8.64 26.21 -9.42
CA TYR B 244 8.37 26.77 -8.11
C TYR B 244 8.70 28.26 -8.09
N ASP B 245 7.82 29.04 -7.49
CA ASP B 245 8.07 30.46 -7.31
C ASP B 245 9.18 30.69 -6.29
N LEU B 246 9.85 31.84 -6.41
CA LEU B 246 10.97 32.15 -5.52
C LEU B 246 10.53 32.24 -4.08
N LEU B 247 9.39 32.90 -3.83
CA LEU B 247 8.89 33.04 -2.46
C LEU B 247 8.31 31.74 -1.92
N GLY B 248 7.95 30.80 -2.79
CA GLY B 248 7.42 29.53 -2.34
C GLY B 248 5.96 29.59 -1.95
N GLU B 249 5.13 30.16 -2.82
CA GLU B 249 3.69 30.24 -2.56
C GLU B 249 2.84 29.97 -3.80
N LYS B 250 3.45 29.61 -4.93
CA LYS B 250 2.70 29.45 -6.17
C LYS B 250 3.42 28.45 -7.08
N ILE B 251 2.69 27.46 -7.56
CA ILE B 251 3.19 26.50 -8.54
C ILE B 251 2.44 26.70 -9.85
N MET B 252 3.06 26.29 -10.96
CA MET B 252 2.41 26.23 -12.24
C MET B 252 2.77 24.92 -12.91
N SER B 253 1.88 24.45 -13.79
CA SER B 253 2.07 23.15 -14.44
C SER B 253 1.79 23.27 -15.93
N CYS B 254 2.42 22.38 -16.70
CA CYS B 254 2.19 22.29 -18.13
C CYS B 254 2.28 20.82 -18.55
N GLY B 255 1.58 20.49 -19.63
CA GLY B 255 1.53 19.12 -20.09
C GLY B 255 1.26 19.03 -21.58
N MET B 256 0.99 17.79 -22.03
CA MET B 256 0.72 17.56 -23.44
C MET B 256 -0.57 18.21 -23.92
N ASP B 257 -1.47 18.60 -23.02
CA ASP B 257 -2.74 19.19 -23.39
C ASP B 257 -2.65 20.67 -23.73
N HIS B 258 -1.44 21.17 -24.01
CA HIS B 258 -1.22 22.55 -24.44
C HIS B 258 -1.64 23.53 -23.35
N SER B 259 -1.82 23.03 -22.13
CA SER B 259 -2.38 23.85 -21.06
C SER B 259 -1.30 24.27 -20.08
N LEU B 260 -1.32 25.55 -19.71
CA LEU B 260 -0.42 26.10 -18.71
C LEU B 260 -1.26 26.56 -17.52
N LYS B 261 -1.19 25.82 -16.43
CA LYS B 261 -2.13 25.97 -15.33
C LYS B 261 -1.39 26.44 -14.08
N LEU B 262 -2.06 27.25 -13.27
CA LEU B 262 -1.44 27.92 -12.14
C LEU B 262 -2.03 27.42 -10.84
N TRP B 263 -1.17 27.23 -9.83
CA TRP B 263 -1.59 26.75 -8.52
C TRP B 263 -0.99 27.65 -7.43
N ARG B 264 -1.66 27.71 -6.29
CA ARG B 264 -1.30 28.61 -5.20
C ARG B 264 -1.01 27.84 -3.92
N ILE B 265 -0.08 28.36 -3.13
CA ILE B 265 0.13 27.88 -1.77
C ILE B 265 -0.24 28.92 -0.73
N ASN B 266 -0.15 30.21 -1.04
CA ASN B 266 -0.47 31.27 -0.11
C ASN B 266 -1.94 31.29 0.30
N SER B 267 -2.79 30.54 -0.40
CA SER B 267 -4.18 30.40 0.01
C SER B 267 -4.26 29.81 1.41
N LYS B 268 -5.23 30.29 2.19
CA LYS B 268 -5.36 29.88 3.57
C LYS B 268 -5.54 28.36 3.68
N ARG B 269 -6.28 27.77 2.74
CA ARG B 269 -6.50 26.33 2.78
C ARG B 269 -5.20 25.56 2.62
N MET B 270 -4.35 25.97 1.67
CA MET B 270 -3.06 25.30 1.51
C MET B 270 -2.15 25.52 2.71
N MET B 271 -2.14 26.72 3.28
CA MET B 271 -1.31 26.95 4.46
C MET B 271 -1.76 26.07 5.62
N ASN B 272 -3.08 25.97 5.83
CA ASN B 272 -3.59 25.09 6.89
C ASN B 272 -3.25 23.64 6.61
N ALA B 273 -3.34 23.21 5.35
CA ALA B 273 -3.01 21.82 5.01
C ALA B 273 -1.54 21.52 5.26
N ILE B 274 -0.66 22.46 4.88
CA ILE B 274 0.77 22.26 5.09
C ILE B 274 1.09 22.22 6.58
N LYS B 275 0.46 23.12 7.35
CA LYS B 275 0.67 23.13 8.79
C LYS B 275 0.19 21.83 9.43
N GLU B 276 -0.96 21.30 8.97
CA GLU B 276 -1.48 20.07 9.54
C GLU B 276 -0.69 18.85 9.08
N SER B 277 0.04 18.97 7.97
CA SER B 277 0.84 17.84 7.51
C SER B 277 1.93 17.47 8.50
N TYR B 278 2.56 18.47 9.12
CA TYR B 278 3.55 18.19 10.16
C TYR B 278 2.90 17.74 11.46
N ASP B 279 1.63 18.11 11.68
CA ASP B 279 0.92 17.81 12.92
C ASP B 279 0.14 16.51 12.85
N TYR B 280 0.55 15.56 12.01
CA TYR B 280 -0.13 14.29 11.85
C TYR B 280 0.76 13.18 12.39
N ASN B 281 0.22 12.41 13.34
CA ASN B 281 0.91 11.22 13.83
C ASN B 281 0.09 9.99 13.47
N PRO B 282 0.56 9.12 12.60
CA PRO B 282 -0.26 7.96 12.20
C PRO B 282 -0.63 7.06 13.36
N ASN B 283 0.25 6.94 14.36
CA ASN B 283 -0.06 6.10 15.51
C ASN B 283 -1.07 6.75 16.44
N LYS B 284 -1.13 8.08 16.47
CA LYS B 284 -2.01 8.78 17.38
C LYS B 284 -3.48 8.66 17.00
N THR B 285 -3.81 8.62 15.72
CA THR B 285 -5.19 8.59 15.28
C THR B 285 -5.41 7.46 14.30
N ASN B 286 -6.61 6.87 14.35
CA ASN B 286 -6.96 5.82 13.40
C ASN B 286 -7.28 6.39 12.02
N ARG B 287 -7.78 7.63 11.97
CA ARG B 287 -8.12 8.24 10.70
C ARG B 287 -6.87 8.49 9.88
N PRO B 288 -6.88 8.18 8.58
CA PRO B 288 -5.76 8.55 7.72
C PRO B 288 -5.73 10.05 7.49
N PHE B 289 -4.58 10.53 7.02
CA PHE B 289 -4.43 11.95 6.75
C PHE B 289 -5.39 12.39 5.65
N ILE B 290 -6.00 13.56 5.82
CA ILE B 290 -6.97 14.08 4.86
C ILE B 290 -6.22 14.84 3.77
N SER B 291 -5.76 14.12 2.76
CA SER B 291 -5.06 14.75 1.65
C SER B 291 -6.00 15.66 0.87
N GLN B 292 -5.47 16.80 0.44
CA GLN B 292 -6.27 17.84 -0.20
C GLN B 292 -6.30 17.62 -1.70
N LYS B 293 -7.48 17.28 -2.23
CA LYS B 293 -7.70 17.16 -3.66
C LYS B 293 -8.04 18.52 -4.24
N ILE B 294 -7.35 18.91 -5.30
CA ILE B 294 -7.50 20.22 -5.92
C ILE B 294 -7.68 20.01 -7.41
N HIS B 295 -8.87 20.34 -7.92
CA HIS B 295 -9.19 20.13 -9.32
C HIS B 295 -9.17 21.41 -10.14
N PHE B 296 -9.21 22.57 -9.50
CA PHE B 296 -9.39 23.85 -10.19
C PHE B 296 -8.18 24.75 -10.05
N PRO B 297 -7.36 24.89 -11.08
CA PRO B 297 -6.24 25.82 -11.01
C PRO B 297 -6.73 27.26 -10.92
N ASP B 298 -5.91 28.12 -10.30
CA ASP B 298 -6.27 29.52 -10.18
C ASP B 298 -6.37 30.19 -11.56
N PHE B 299 -5.42 29.90 -12.43
CA PHE B 299 -5.45 30.40 -13.79
C PHE B 299 -5.05 29.28 -14.74
N SER B 300 -5.73 29.22 -15.89
CA SER B 300 -5.47 28.18 -16.87
C SER B 300 -5.70 28.73 -18.26
N THR B 301 -4.77 28.46 -19.17
CA THR B 301 -4.88 28.88 -20.55
C THR B 301 -4.31 27.80 -21.45
N ARG B 302 -4.76 27.79 -22.71
CA ARG B 302 -4.33 26.80 -23.67
C ARG B 302 -3.94 27.39 -25.02
N ASP B 303 -3.88 28.71 -25.15
CA ASP B 303 -3.62 29.37 -26.42
C ASP B 303 -2.17 29.81 -26.59
N ILE B 304 -1.33 29.63 -25.57
CA ILE B 304 0.06 30.04 -25.69
C ILE B 304 0.81 29.17 -26.69
N HIS B 305 0.59 27.85 -26.64
CA HIS B 305 1.31 26.92 -27.49
C HIS B 305 0.32 26.04 -28.25
N ARG B 306 0.64 25.75 -29.51
CA ARG B 306 -0.14 24.86 -30.35
C ARG B 306 0.50 23.48 -30.46
N ASN B 307 1.36 23.11 -29.51
CA ASN B 307 2.03 21.82 -29.50
C ASN B 307 2.25 21.42 -28.03
N TYR B 308 3.12 20.45 -27.82
CA TYR B 308 3.44 20.01 -26.47
C TYR B 308 4.29 21.05 -25.76
N VAL B 309 3.72 21.72 -24.76
CA VAL B 309 4.50 22.56 -23.86
C VAL B 309 5.17 21.65 -22.85
N ASP B 310 6.49 21.75 -22.75
CA ASP B 310 7.25 20.68 -22.10
C ASP B 310 8.27 21.13 -21.07
N CYS B 311 8.45 22.43 -20.84
CA CYS B 311 9.33 22.88 -19.78
C CYS B 311 8.95 24.30 -19.38
N VAL B 312 9.02 24.57 -18.09
CA VAL B 312 8.58 25.85 -17.54
C VAL B 312 9.56 26.34 -16.49
N ARG B 313 9.74 27.66 -16.43
CA ARG B 313 10.50 28.33 -15.40
C ARG B 313 9.82 29.66 -15.12
N TRP B 314 10.03 30.21 -13.93
CA TRP B 314 9.41 31.51 -13.63
C TRP B 314 10.42 32.64 -13.75
N LEU B 315 9.91 33.83 -14.07
CA LEU B 315 10.70 35.05 -14.17
C LEU B 315 10.03 36.04 -13.24
N GLY B 316 10.36 35.98 -11.95
CA GLY B 316 9.66 36.80 -10.98
C GLY B 316 8.17 36.55 -11.02
N ASP B 317 7.42 37.51 -11.56
CA ASP B 317 6.01 37.32 -11.87
C ASP B 317 5.80 36.83 -13.30
N LEU B 318 6.65 37.25 -14.24
CA LEU B 318 6.55 36.78 -15.61
C LEU B 318 6.90 35.30 -15.68
N ILE B 319 6.44 34.66 -16.75
CA ILE B 319 6.51 33.21 -16.88
C ILE B 319 7.27 32.87 -18.16
N LEU B 320 8.18 31.90 -18.07
CA LEU B 320 8.83 31.34 -19.25
C LEU B 320 8.35 29.92 -19.47
N SER B 321 8.02 29.60 -20.71
CA SER B 321 7.60 28.25 -21.08
C SER B 321 8.08 27.95 -22.49
N LYS B 322 8.41 26.69 -22.73
CA LYS B 322 8.89 26.25 -24.02
C LYS B 322 8.04 25.09 -24.52
N SER B 323 8.09 24.87 -25.83
CA SER B 323 7.29 23.83 -26.47
C SER B 323 8.07 23.25 -27.63
N CYS B 324 7.42 22.39 -28.41
CA CYS B 324 8.02 21.79 -29.59
C CYS B 324 8.07 22.73 -30.78
N GLU B 325 7.70 24.00 -30.61
CA GLU B 325 7.74 24.99 -31.67
C GLU B 325 9.07 25.74 -31.72
N ASN B 326 10.15 25.09 -31.28
CA ASN B 326 11.54 25.59 -31.37
C ASN B 326 11.69 27.02 -30.85
N ALA B 327 10.84 27.45 -29.92
CA ALA B 327 10.94 28.80 -29.39
C ALA B 327 10.41 28.82 -27.96
N ILE B 328 11.24 29.33 -27.04
CA ILE B 328 10.80 29.61 -25.67
C ILE B 328 10.01 30.91 -25.69
N VAL B 329 8.91 30.95 -24.96
CA VAL B 329 8.06 32.13 -24.89
C VAL B 329 8.06 32.66 -23.46
N CYS B 330 8.10 33.99 -23.34
CA CYS B 330 7.92 34.67 -22.07
C CYS B 330 6.57 35.35 -22.09
N TRP B 331 5.79 35.18 -21.02
CA TRP B 331 4.44 35.70 -20.99
C TRP B 331 3.99 35.84 -19.55
N LYS B 332 2.89 36.56 -19.36
CA LYS B 332 2.30 36.77 -18.04
C LYS B 332 0.78 36.64 -18.16
N PRO B 333 0.11 36.25 -17.08
CA PRO B 333 -1.36 36.23 -17.10
C PRO B 333 -1.92 37.64 -17.10
N GLY B 334 -3.16 37.75 -17.60
CA GLY B 334 -3.83 39.03 -17.61
C GLY B 334 -3.22 40.00 -18.63
N LYS B 335 -3.40 41.29 -18.33
CA LYS B 335 -2.90 42.36 -19.17
C LYS B 335 -1.64 42.97 -18.55
N MET B 336 -1.19 44.09 -19.11
CA MET B 336 0.02 44.74 -18.61
C MET B 336 -0.13 45.15 -17.14
N GLU B 337 -1.26 45.74 -16.79
CA GLU B 337 -1.49 46.24 -15.45
C GLU B 337 -2.07 45.18 -14.51
N ASP B 338 -2.29 43.96 -14.98
CA ASP B 338 -2.91 42.94 -14.16
C ASP B 338 -1.89 42.31 -13.22
N ASP B 339 -2.19 42.34 -11.93
CA ASP B 339 -1.32 41.77 -10.91
C ASP B 339 -1.65 40.29 -10.71
N ILE B 340 -0.62 39.52 -10.36
CA ILE B 340 -0.79 38.08 -10.20
C ILE B 340 -1.72 37.77 -9.03
N ASP B 341 -1.63 38.55 -7.95
CA ASP B 341 -2.53 38.35 -6.82
C ASP B 341 -3.96 38.72 -7.18
N LYS B 342 -4.12 39.75 -8.02
CA LYS B 342 -5.45 40.22 -8.41
C LYS B 342 -6.05 39.42 -9.55
N ILE B 343 -5.34 38.44 -10.10
CA ILE B 343 -5.85 37.62 -11.19
C ILE B 343 -7.07 36.85 -10.70
N LYS B 344 -8.21 37.08 -11.33
CA LYS B 344 -9.42 36.36 -10.97
C LYS B 344 -9.32 34.90 -11.44
N PRO B 345 -9.99 33.99 -10.73
CA PRO B 345 -9.97 32.58 -11.18
C PRO B 345 -10.52 32.39 -12.58
N SER B 346 -11.50 33.20 -13.00
CA SER B 346 -12.11 33.09 -14.31
C SER B 346 -11.38 33.91 -15.37
N GLU B 347 -10.10 34.22 -15.16
CA GLU B 347 -9.35 34.98 -16.14
C GLU B 347 -9.21 34.19 -17.43
N SER B 348 -9.40 34.87 -18.56
CA SER B 348 -9.33 34.23 -19.87
C SER B 348 -8.39 34.93 -20.84
N ASN B 349 -7.85 36.08 -20.50
CA ASN B 349 -6.95 36.83 -21.37
C ASN B 349 -5.53 36.73 -20.87
N VAL B 350 -4.61 36.42 -21.79
CA VAL B 350 -3.20 36.30 -21.48
C VAL B 350 -2.43 37.40 -22.21
N THR B 351 -1.18 37.58 -21.81
CA THR B 351 -0.30 38.58 -22.42
C THR B 351 1.05 37.95 -22.74
N ILE B 352 1.40 37.91 -24.02
CA ILE B 352 2.74 37.49 -24.39
C ILE B 352 3.72 38.62 -24.10
N LEU B 353 4.94 38.26 -23.73
CA LEU B 353 5.96 39.25 -23.39
C LEU B 353 7.14 39.22 -24.35
N GLY B 354 7.74 38.06 -24.58
CA GLY B 354 8.90 37.99 -25.46
C GLY B 354 9.10 36.58 -25.98
N ARG B 355 10.00 36.46 -26.94
CA ARG B 355 10.31 35.20 -27.58
C ARG B 355 11.81 34.96 -27.58
N PHE B 356 12.19 33.68 -27.53
CA PHE B 356 13.58 33.25 -27.68
C PHE B 356 13.63 32.22 -28.80
N ASP B 357 14.60 32.39 -29.70
CA ASP B 357 14.64 31.63 -30.94
C ASP B 357 15.78 30.63 -30.94
N TYR B 358 15.51 29.45 -31.48
CA TYR B 358 16.50 28.40 -31.67
C TYR B 358 15.95 27.44 -32.72
N SER B 359 16.81 26.55 -33.20
CA SER B 359 16.46 25.65 -34.28
C SER B 359 16.55 24.19 -33.82
N GLN B 360 16.09 23.30 -34.70
CA GLN B 360 16.18 21.85 -34.50
C GLN B 360 15.62 21.38 -33.17
N CYS B 361 14.61 22.06 -32.64
CA CYS B 361 13.89 21.58 -31.47
C CYS B 361 12.64 20.81 -31.87
N ASP B 362 12.82 19.80 -32.71
CA ASP B 362 11.69 19.06 -33.27
C ASP B 362 11.22 17.91 -32.39
N ILE B 363 11.87 17.66 -31.26
CA ILE B 363 11.52 16.57 -30.37
C ILE B 363 11.15 17.15 -29.02
N TRP B 364 10.11 16.59 -28.41
CA TRP B 364 9.66 17.07 -27.12
C TRP B 364 10.52 16.46 -26.01
N TYR B 365 10.17 16.82 -24.76
CA TYR B 365 10.93 16.46 -23.57
C TYR B 365 12.37 16.95 -23.67
N MET B 366 12.51 18.25 -23.88
CA MET B 366 13.77 18.96 -23.74
C MET B 366 13.55 20.16 -22.84
N ARG B 367 14.50 20.40 -21.94
CA ARG B 367 14.28 21.36 -20.87
C ARG B 367 15.35 22.43 -20.88
N PHE B 368 14.95 23.63 -20.46
CA PHE B 368 15.84 24.76 -20.32
C PHE B 368 15.99 25.09 -18.84
N SER B 369 17.20 25.51 -18.46
CA SER B 369 17.54 25.67 -17.06
C SER B 369 17.88 27.12 -16.75
N MET B 370 17.83 27.45 -15.47
CA MET B 370 18.01 28.82 -14.99
C MET B 370 18.93 28.81 -13.78
N ASP B 371 19.74 29.85 -13.65
CA ASP B 371 20.63 29.96 -12.51
C ASP B 371 19.86 30.46 -11.29
N PHE B 372 20.52 30.41 -10.13
CA PHE B 372 19.86 30.82 -8.89
C PHE B 372 19.51 32.30 -8.92
N TRP B 373 20.41 33.14 -9.42
CA TRP B 373 20.19 34.58 -9.44
C TRP B 373 19.32 35.03 -10.62
N GLN B 374 18.88 34.09 -11.46
CA GLN B 374 17.98 34.39 -12.57
C GLN B 374 18.59 35.42 -13.52
N LYS B 375 19.89 35.28 -13.79
CA LYS B 375 20.60 36.23 -14.62
C LYS B 375 20.94 35.70 -16.01
N MET B 376 21.02 34.38 -16.18
CA MET B 376 21.26 33.82 -17.51
C MET B 376 20.30 32.67 -17.75
N LEU B 377 20.00 32.43 -19.02
CA LEU B 377 19.18 31.32 -19.47
C LEU B 377 20.03 30.34 -20.26
N ALA B 378 19.72 29.05 -20.14
CA ALA B 378 20.42 28.02 -20.87
C ALA B 378 19.44 26.98 -21.37
N LEU B 379 19.75 26.40 -22.53
CA LEU B 379 18.92 25.38 -23.13
C LEU B 379 19.77 24.49 -24.03
N GLY B 380 19.53 23.19 -23.95
CA GLY B 380 20.16 22.23 -24.84
C GLY B 380 19.25 21.93 -26.02
N ASN B 381 19.83 21.36 -27.06
CA ASN B 381 19.11 21.13 -28.30
C ASN B 381 19.27 19.69 -28.75
N GLN B 382 18.46 19.31 -29.75
CA GLN B 382 18.54 17.97 -30.31
C GLN B 382 19.87 17.72 -31.00
N VAL B 383 20.42 18.75 -31.65
CA VAL B 383 21.73 18.63 -32.28
C VAL B 383 22.81 18.86 -31.23
N GLY B 384 22.39 19.07 -29.98
CA GLY B 384 23.32 19.22 -28.88
C GLY B 384 23.93 20.60 -28.72
N LYS B 385 23.53 21.56 -29.54
CA LYS B 385 24.04 22.93 -29.37
C LYS B 385 23.38 23.58 -28.16
N LEU B 386 24.16 24.39 -27.45
CA LEU B 386 23.67 25.08 -26.27
C LEU B 386 23.28 26.51 -26.63
N TYR B 387 22.19 26.98 -26.03
CA TYR B 387 21.67 28.33 -26.25
C TYR B 387 21.69 29.06 -24.93
N VAL B 388 22.59 30.03 -24.80
CA VAL B 388 22.79 30.78 -23.57
C VAL B 388 22.41 32.23 -23.82
N TRP B 389 21.48 32.75 -23.01
CA TRP B 389 21.08 34.15 -23.07
C TRP B 389 20.95 34.69 -21.66
N ASP B 390 21.40 35.92 -21.47
CA ASP B 390 21.27 36.57 -20.18
C ASP B 390 19.84 37.09 -19.99
N LEU B 391 19.48 37.30 -18.73
CA LEU B 391 18.15 37.77 -18.36
C LEU B 391 18.16 39.23 -17.92
N GLU B 392 18.98 40.05 -18.57
CA GLU B 392 19.13 41.45 -18.22
C GLU B 392 18.11 42.29 -19.00
N VAL B 393 18.34 43.61 -19.03
CA VAL B 393 17.40 44.56 -19.62
C VAL B 393 17.40 44.46 -21.14
N GLU B 394 18.23 43.57 -21.68
CA GLU B 394 18.28 43.37 -23.13
C GLU B 394 16.92 42.91 -23.66
N ASP B 395 16.48 43.53 -24.74
CA ASP B 395 15.17 43.19 -25.30
C ASP B 395 15.20 41.76 -25.83
N PRO B 396 14.10 41.01 -25.69
CA PRO B 396 14.09 39.62 -26.15
C PRO B 396 14.34 39.45 -27.64
N HIS B 397 14.04 40.47 -28.44
CA HIS B 397 14.26 40.38 -29.88
C HIS B 397 15.74 40.22 -30.20
N LYS B 398 16.60 40.95 -29.49
CA LYS B 398 18.04 40.89 -29.69
C LYS B 398 18.77 40.80 -28.35
N ALA B 399 18.29 39.91 -27.47
CA ALA B 399 18.91 39.75 -26.16
C ALA B 399 20.34 39.25 -26.29
N LYS B 400 20.53 38.15 -27.03
CA LYS B 400 21.84 37.56 -27.23
C LYS B 400 21.72 36.45 -28.28
N CYS B 401 22.86 35.98 -28.74
CA CYS B 401 22.91 34.82 -29.65
C CYS B 401 24.22 34.09 -29.36
N THR B 402 24.14 33.09 -28.48
CA THR B 402 25.30 32.33 -28.05
C THR B 402 25.06 30.85 -28.30
N THR B 403 25.98 30.23 -29.01
CA THR B 403 25.88 28.81 -29.38
C THR B 403 27.18 28.11 -28.98
N LEU B 404 27.19 27.54 -27.79
CA LEU B 404 28.34 26.78 -27.31
C LEU B 404 28.30 25.36 -27.86
N THR B 405 29.26 25.03 -28.72
CA THR B 405 29.25 23.78 -29.45
C THR B 405 30.59 23.08 -29.33
N HIS B 406 30.56 21.77 -29.52
CA HIS B 406 31.76 20.95 -29.67
C HIS B 406 31.46 19.86 -30.68
N HIS B 407 32.49 19.38 -31.36
CA HIS B 407 32.28 18.46 -32.47
C HIS B 407 31.68 17.12 -32.04
N LYS B 408 31.69 16.80 -30.75
CA LYS B 408 31.09 15.58 -30.25
C LYS B 408 29.71 15.80 -29.63
N CYS B 409 29.15 17.01 -29.77
CA CYS B 409 27.85 17.31 -29.20
C CYS B 409 26.67 16.81 -30.04
N GLY B 410 26.91 15.89 -30.97
CA GLY B 410 25.85 15.47 -31.89
C GLY B 410 24.64 14.87 -31.19
N ALA B 411 24.81 14.35 -29.98
CA ALA B 411 23.71 13.75 -29.24
C ALA B 411 22.76 14.82 -28.71
N ALA B 412 21.50 14.45 -28.54
CA ALA B 412 20.49 15.37 -28.07
C ALA B 412 20.66 15.63 -26.57
N ILE B 413 20.39 16.87 -26.17
CA ILE B 413 20.47 17.28 -24.77
C ILE B 413 19.05 17.23 -24.19
N ARG B 414 18.96 16.79 -22.94
CA ARG B 414 17.69 16.70 -22.23
C ARG B 414 17.50 17.81 -21.20
N GLN B 415 18.52 18.11 -20.41
CA GLN B 415 18.41 19.12 -19.37
C GLN B 415 19.80 19.60 -19.01
N THR B 416 19.88 20.86 -18.60
CA THR B 416 21.12 21.45 -18.11
C THR B 416 20.94 21.85 -16.66
N SER B 417 22.06 22.14 -15.99
CA SER B 417 22.05 22.53 -14.58
C SER B 417 23.04 23.64 -14.35
N PHE B 418 22.66 24.60 -13.52
CA PHE B 418 23.53 25.70 -13.13
C PHE B 418 24.03 25.50 -11.71
N SER B 419 25.27 25.92 -11.46
CA SER B 419 25.85 25.82 -10.12
C SER B 419 25.12 26.74 -9.15
N ARG B 420 25.47 26.66 -7.87
CA ARG B 420 24.79 27.46 -6.86
C ARG B 420 24.97 28.96 -7.11
N ASP B 421 26.11 29.35 -7.67
CA ASP B 421 26.39 30.76 -7.98
C ASP B 421 26.59 31.00 -9.46
N SER B 422 26.06 30.12 -10.31
CA SER B 422 26.14 30.19 -11.76
C SER B 422 27.57 30.14 -12.28
N SER B 423 28.52 29.61 -11.49
CA SER B 423 29.91 29.56 -11.95
C SER B 423 30.12 28.54 -13.05
N ILE B 424 29.51 27.36 -12.93
CA ILE B 424 29.67 26.29 -13.90
C ILE B 424 28.31 25.73 -14.26
N LEU B 425 28.25 25.02 -15.39
CA LEU B 425 27.02 24.40 -15.86
C LEU B 425 27.30 22.99 -16.36
N ILE B 426 26.37 22.08 -16.09
CA ILE B 426 26.50 20.68 -16.47
C ILE B 426 25.30 20.30 -17.35
N ALA B 427 25.58 19.63 -18.46
CA ALA B 427 24.55 19.18 -19.38
C ALA B 427 24.59 17.67 -19.51
N VAL B 428 23.42 17.08 -19.79
CA VAL B 428 23.31 15.64 -19.98
C VAL B 428 22.72 15.38 -21.35
N CYS B 429 22.94 14.18 -21.89
CA CYS B 429 22.56 13.87 -23.25
C CYS B 429 21.94 12.47 -23.34
N ASP B 430 21.52 12.14 -24.56
CA ASP B 430 20.88 10.84 -24.81
C ASP B 430 21.92 9.74 -24.91
N ASP B 431 23.13 10.05 -25.36
CA ASP B 431 24.17 9.06 -25.55
C ASP B 431 24.88 8.67 -24.25
N ALA B 432 24.23 8.91 -23.11
CA ALA B 432 24.78 8.62 -21.79
C ALA B 432 26.05 9.41 -21.51
N SER B 433 26.07 10.68 -21.92
CA SER B 433 27.23 11.54 -21.76
C SER B 433 26.88 12.74 -20.89
N ILE B 434 27.89 13.23 -20.17
CA ILE B 434 27.76 14.41 -19.30
C ILE B 434 28.78 15.43 -19.78
N TRP B 435 28.33 16.67 -19.97
CA TRP B 435 29.18 17.75 -20.44
C TRP B 435 29.28 18.83 -19.38
N ARG B 436 30.47 19.39 -19.23
CA ARG B 436 30.75 20.41 -18.23
C ARG B 436 31.09 21.72 -18.91
N TRP B 437 30.47 22.81 -18.45
CA TRP B 437 30.73 24.15 -18.98
C TRP B 437 31.11 25.06 -17.83
N ASP B 438 32.28 25.67 -17.92
CA ASP B 438 32.80 26.57 -16.90
C ASP B 438 32.88 27.98 -17.44
N ARG B 439 32.43 28.93 -16.63
CA ARG B 439 32.33 30.33 -17.03
C ARG B 439 33.68 31.02 -16.93
N LEU B 440 34.00 31.85 -17.93
CA LEU B 440 35.20 32.67 -17.95
C LEU B 440 34.76 34.11 -18.26
N ARG B 441 34.43 34.86 -17.22
CA ARG B 441 33.95 36.23 -17.38
C ARG B 441 35.08 37.16 -17.83
N LYS C 4 23.78 0.93 11.42
CA LYS C 4 24.62 -0.11 11.98
C LYS C 4 24.64 -1.35 11.09
N GLU C 5 25.19 -2.44 11.61
CA GLU C 5 25.22 -3.71 10.90
C GLU C 5 24.11 -4.65 11.35
N ALA C 6 23.50 -4.41 12.52
CA ALA C 6 22.43 -5.28 12.99
C ALA C 6 21.21 -5.20 12.09
N ALA C 7 20.87 -4.00 11.62
CA ALA C 7 19.66 -3.83 10.80
C ALA C 7 19.78 -4.56 9.46
N PHE C 8 20.97 -4.51 8.85
CA PHE C 8 21.17 -5.15 7.55
C PHE C 8 20.98 -6.67 7.66
N ASP C 9 21.66 -7.28 8.63
CA ASP C 9 21.49 -8.71 8.84
C ASP C 9 20.07 -9.06 9.29
N ASP C 10 19.41 -8.17 10.03
CA ASP C 10 18.03 -8.40 10.40
C ASP C 10 17.13 -8.44 9.17
N ALA C 11 17.33 -7.52 8.23
CA ALA C 11 16.54 -7.53 7.01
C ALA C 11 16.81 -8.78 6.18
N VAL C 12 18.08 -9.15 6.06
CA VAL C 12 18.42 -10.37 5.30
C VAL C 12 17.78 -11.59 5.94
N GLU C 13 17.80 -11.66 7.27
CA GLU C 13 17.21 -12.81 7.96
C GLU C 13 15.69 -12.78 7.88
N GLU C 14 15.08 -11.59 7.83
CA GLU C 14 13.65 -11.51 7.59
C GLU C 14 13.30 -12.10 6.23
N ARG C 15 14.08 -11.76 5.20
CA ARG C 15 13.84 -12.31 3.88
C ARG C 15 14.02 -13.82 3.86
N VAL C 16 15.10 -14.32 4.50
CA VAL C 16 15.34 -15.77 4.48
C VAL C 16 14.30 -16.50 5.32
N ILE C 17 13.76 -15.86 6.37
CA ILE C 17 12.72 -16.48 7.17
C ILE C 17 11.43 -16.56 6.38
N ASN C 18 11.12 -15.52 5.60
CA ASN C 18 9.96 -15.60 4.71
C ASN C 18 10.14 -16.72 3.69
N GLU C 19 11.36 -16.88 3.16
CA GLU C 19 11.62 -17.98 2.23
C GLU C 19 11.42 -19.33 2.92
N GLU C 20 11.90 -19.47 4.15
CA GLU C 20 11.73 -20.71 4.90
C GLU C 20 10.25 -21.01 5.12
N TYR C 21 9.48 -19.98 5.49
CA TYR C 21 8.05 -20.17 5.71
C TYR C 21 7.33 -20.57 4.43
N LYS C 22 7.71 -19.99 3.29
CA LYS C 22 7.10 -20.39 2.02
C LYS C 22 7.44 -21.83 1.68
N ILE C 23 8.70 -22.24 1.91
CA ILE C 23 9.08 -23.61 1.63
C ILE C 23 8.33 -24.57 2.54
N TRP C 24 8.14 -24.19 3.80
CA TRP C 24 7.36 -25.03 4.70
C TRP C 24 5.91 -25.14 4.26
N LYS C 25 5.33 -24.03 3.80
CA LYS C 25 3.97 -24.06 3.27
C LYS C 25 3.87 -24.96 2.05
N LYS C 26 4.92 -24.99 1.24
CA LYS C 26 4.87 -25.88 0.08
C LYS C 26 5.08 -27.35 0.47
N ASN C 27 5.84 -27.62 1.52
CA ASN C 27 6.12 -28.98 1.95
C ASN C 27 5.11 -29.54 2.95
N THR C 28 4.20 -28.71 3.48
CA THR C 28 3.30 -29.21 4.50
C THR C 28 2.28 -30.27 4.06
N PRO C 29 1.84 -30.35 2.80
CA PRO C 29 0.89 -31.42 2.46
C PRO C 29 1.48 -32.82 2.66
N PHE C 30 2.78 -32.97 2.50
CA PHE C 30 3.45 -34.26 2.68
C PHE C 30 4.02 -34.42 4.09
N LEU C 31 3.66 -33.55 5.02
CA LEU C 31 4.18 -33.58 6.38
C LEU C 31 3.10 -33.54 7.46
N TYR C 32 1.89 -33.12 7.14
CA TYR C 32 0.83 -32.99 8.13
C TYR C 32 -0.43 -33.67 7.63
N ASP C 33 -1.28 -34.08 8.57
CA ASP C 33 -2.63 -34.52 8.26
C ASP C 33 -3.66 -33.43 8.50
N LEU C 34 -3.24 -32.28 9.03
CA LEU C 34 -4.13 -31.15 9.25
C LEU C 34 -3.32 -29.88 9.50
N VAL C 35 -3.57 -28.83 8.72
CA VAL C 35 -2.94 -27.53 8.91
C VAL C 35 -4.02 -26.46 8.80
N MET C 36 -4.15 -25.65 9.84
CA MET C 36 -5.09 -24.54 9.86
C MET C 36 -4.41 -23.33 10.47
N THR C 37 -4.43 -22.21 9.75
CA THR C 37 -3.76 -21.00 10.19
C THR C 37 -4.73 -19.82 10.10
N HIS C 38 -4.59 -18.90 11.05
CA HIS C 38 -5.42 -17.70 11.10
C HIS C 38 -4.64 -16.60 11.78
N ALA C 39 -4.76 -15.38 11.27
CA ALA C 39 -4.04 -14.23 11.79
C ALA C 39 -4.96 -13.42 12.69
N LEU C 40 -4.62 -13.32 13.96
CA LEU C 40 -5.41 -12.51 14.88
C LEU C 40 -5.14 -11.03 14.63
N GLU C 41 -6.12 -10.19 14.99
CA GLU C 41 -5.94 -8.75 14.87
C GLU C 41 -4.83 -8.25 15.77
N TRP C 42 -4.59 -8.92 16.89
CA TRP C 42 -3.49 -8.64 17.80
C TRP C 42 -2.87 -9.93 18.26
N PRO C 43 -1.55 -9.95 18.48
CA PRO C 43 -0.88 -11.18 18.90
C PRO C 43 -1.30 -11.60 20.30
N SER C 44 -1.22 -12.90 20.55
CA SER C 44 -1.61 -13.48 21.82
C SER C 44 -0.38 -14.07 22.49
N LEU C 45 -0.27 -13.87 23.81
CA LEU C 45 0.78 -14.46 24.61
C LEU C 45 0.31 -15.72 25.33
N THR C 46 -0.83 -16.27 24.94
CA THR C 46 -1.42 -17.41 25.62
C THR C 46 -2.06 -18.33 24.59
N ALA C 47 -2.00 -19.63 24.86
CA ALA C 47 -2.62 -20.62 24.00
C ALA C 47 -2.99 -21.87 24.77
N GLN C 48 -4.27 -22.05 25.06
CA GLN C 48 -4.74 -23.21 25.80
C GLN C 48 -6.16 -23.55 25.36
N TRP C 49 -6.43 -24.84 25.18
CA TRP C 49 -7.75 -25.30 24.78
C TRP C 49 -8.64 -25.47 26.00
N LEU C 50 -9.91 -25.10 25.85
CA LEU C 50 -10.89 -25.37 26.89
C LEU C 50 -11.23 -26.86 26.90
N PRO C 51 -11.44 -27.44 28.09
CA PRO C 51 -11.64 -28.91 28.16
C PRO C 51 -12.89 -29.38 27.44
N ASP C 52 -13.95 -28.59 27.43
CA ASP C 52 -15.21 -29.01 26.84
C ASP C 52 -15.11 -29.06 25.32
N VAL C 53 -15.97 -29.87 24.71
CA VAL C 53 -16.00 -30.01 23.27
C VAL C 53 -17.43 -30.40 22.87
N THR C 54 -17.84 -29.99 21.68
CA THR C 54 -19.12 -30.38 21.11
C THR C 54 -18.90 -30.96 19.73
N ARG C 55 -19.59 -32.07 19.44
CA ARG C 55 -19.50 -32.76 18.16
C ARG C 55 -20.87 -32.70 17.50
N PRO C 56 -21.10 -31.76 16.59
CA PRO C 56 -22.41 -31.65 15.95
C PRO C 56 -22.69 -32.85 15.05
N GLU C 57 -23.86 -33.46 15.24
CA GLU C 57 -24.21 -34.65 14.48
C GLU C 57 -24.55 -34.30 13.05
N GLY C 58 -24.27 -35.25 12.15
CA GLY C 58 -24.61 -35.10 10.75
C GLY C 58 -23.61 -34.34 9.91
N LYS C 59 -22.52 -33.84 10.50
CA LYS C 59 -21.50 -33.11 9.76
C LYS C 59 -20.13 -33.66 10.12
N ASP C 60 -19.13 -33.21 9.38
CA ASP C 60 -17.76 -33.75 9.45
C ASP C 60 -16.82 -32.82 10.19
N PHE C 61 -17.27 -32.17 11.26
CA PHE C 61 -16.39 -31.30 12.04
C PHE C 61 -16.83 -31.29 13.49
N SER C 62 -15.91 -30.88 14.36
CA SER C 62 -16.16 -30.71 15.78
C SER C 62 -15.62 -29.36 16.22
N ILE C 63 -16.30 -28.75 17.20
CA ILE C 63 -16.02 -27.39 17.62
C ILE C 63 -15.23 -27.43 18.92
N HIS C 64 -14.12 -26.70 18.96
CA HIS C 64 -13.29 -26.56 20.15
C HIS C 64 -13.07 -25.09 20.43
N ARG C 65 -12.85 -24.76 21.71
CA ARG C 65 -12.66 -23.39 22.15
C ARG C 65 -11.25 -23.19 22.68
N LEU C 66 -10.67 -22.03 22.37
CA LEU C 66 -9.30 -21.70 22.72
C LEU C 66 -9.30 -20.57 23.74
N VAL C 67 -8.43 -20.66 24.74
CA VAL C 67 -8.22 -19.59 25.69
C VAL C 67 -7.08 -18.72 25.18
N LEU C 68 -7.34 -17.43 25.01
CA LEU C 68 -6.38 -16.54 24.38
C LEU C 68 -6.36 -15.21 25.09
N GLY C 69 -5.53 -14.30 24.58
CA GLY C 69 -5.45 -12.94 25.08
C GLY C 69 -5.03 -11.99 23.98
N THR C 70 -5.05 -10.71 24.31
CA THR C 70 -4.71 -9.65 23.37
C THR C 70 -3.50 -8.87 23.88
N HIS C 71 -2.50 -8.74 23.01
CA HIS C 71 -1.32 -7.92 23.29
C HIS C 71 -1.21 -6.90 22.17
N THR C 72 -1.52 -5.64 22.48
CA THR C 72 -1.59 -4.59 21.48
C THR C 72 -0.58 -3.50 21.80
N SER C 73 -0.07 -2.86 20.74
CA SER C 73 0.82 -1.72 20.92
C SER C 73 0.10 -0.57 21.61
N ASP C 74 -0.95 -0.04 20.99
CA ASP C 74 -1.77 0.99 21.60
C ASP C 74 -3.21 0.86 21.15
N GLU C 75 -4.02 0.14 21.94
CA GLU C 75 -5.42 -0.05 21.63
C GLU C 75 -6.11 -0.64 22.86
N GLN C 76 -7.43 -0.72 22.80
CA GLN C 76 -8.17 -1.38 23.86
C GLN C 76 -7.80 -2.86 23.90
N ASN C 77 -7.54 -3.36 25.11
CA ASN C 77 -7.01 -4.70 25.30
C ASN C 77 -8.13 -5.61 25.79
N HIS C 78 -8.19 -6.82 25.23
CA HIS C 78 -9.31 -7.72 25.43
C HIS C 78 -8.82 -9.12 25.81
N LEU C 79 -9.70 -9.87 26.46
CA LEU C 79 -9.51 -11.29 26.67
C LEU C 79 -10.42 -12.03 25.70
N VAL C 80 -9.83 -12.84 24.83
CA VAL C 80 -10.53 -13.43 23.70
C VAL C 80 -10.53 -14.95 23.87
N ILE C 81 -11.71 -15.54 23.71
CA ILE C 81 -11.87 -16.99 23.64
C ILE C 81 -12.48 -17.31 22.28
N ALA C 82 -11.73 -18.03 21.45
CA ALA C 82 -12.14 -18.31 20.08
C ALA C 82 -12.65 -19.74 19.94
N SER C 83 -13.67 -19.90 19.11
CA SER C 83 -14.23 -21.20 18.78
C SER C 83 -13.70 -21.62 17.42
N VAL C 84 -13.04 -22.78 17.38
CA VAL C 84 -12.40 -23.28 16.17
C VAL C 84 -12.94 -24.68 15.89
N GLN C 85 -13.45 -24.89 14.67
CA GLN C 85 -14.01 -26.17 14.30
C GLN C 85 -12.93 -27.01 13.62
N LEU C 86 -12.86 -28.28 13.99
CA LEU C 86 -11.83 -29.21 13.51
C LEU C 86 -12.45 -30.36 12.73
N PRO C 87 -11.85 -30.75 11.60
CA PRO C 87 -12.37 -31.91 10.85
C PRO C 87 -12.13 -33.20 11.62
N ASN C 88 -13.22 -33.92 11.91
CA ASN C 88 -13.15 -35.18 12.64
C ASN C 88 -13.49 -36.37 11.76
N ASP C 89 -13.25 -36.24 10.45
CA ASP C 89 -13.51 -37.31 9.50
C ASP C 89 -12.24 -37.63 8.73
N ASP C 90 -12.08 -38.90 8.38
CA ASP C 90 -10.91 -39.37 7.67
C ASP C 90 -11.06 -39.33 6.15
N ALA C 91 -12.26 -39.60 5.64
CA ALA C 91 -12.50 -39.60 4.20
C ALA C 91 -13.00 -38.25 3.69
N GLN C 92 -13.50 -37.39 4.56
CA GLN C 92 -14.01 -36.09 4.14
C GLN C 92 -12.87 -35.11 3.91
N PHE C 93 -12.98 -34.34 2.84
CA PHE C 93 -11.97 -33.35 2.50
C PHE C 93 -12.55 -32.27 1.60
N GLY C 106 -14.78 -25.34 -0.23
CA GLY C 106 -14.10 -25.25 1.05
C GLY C 106 -12.93 -26.21 1.16
N GLY C 107 -12.32 -26.25 2.34
CA GLY C 107 -11.21 -27.16 2.58
C GLY C 107 -11.66 -28.53 2.98
N PHE C 108 -12.42 -28.62 4.07
CA PHE C 108 -13.00 -29.88 4.51
C PHE C 108 -14.50 -29.79 4.73
N GLY C 109 -15.00 -28.64 5.17
CA GLY C 109 -16.41 -28.48 5.46
C GLY C 109 -17.02 -27.29 4.75
N SER C 110 -17.59 -26.36 5.52
CA SER C 110 -18.24 -25.20 4.94
C SER C 110 -17.21 -24.28 4.29
N VAL C 111 -17.72 -23.38 3.43
CA VAL C 111 -16.85 -22.46 2.70
C VAL C 111 -16.73 -21.11 3.40
N SER C 112 -17.67 -20.77 4.29
CA SER C 112 -17.69 -19.44 4.89
C SER C 112 -16.45 -19.20 5.75
N GLY C 113 -16.27 -19.99 6.80
CA GLY C 113 -15.16 -19.78 7.70
C GLY C 113 -14.98 -20.89 8.72
N LYS C 114 -13.72 -21.19 9.05
CA LYS C 114 -13.40 -22.24 10.00
C LYS C 114 -13.11 -21.73 11.41
N ILE C 115 -12.71 -20.46 11.55
CA ILE C 115 -12.32 -19.88 12.83
C ILE C 115 -13.09 -18.59 13.03
N GLU C 116 -13.73 -18.45 14.18
CA GLU C 116 -14.49 -17.25 14.51
C GLU C 116 -14.29 -16.91 15.97
N ILE C 117 -14.37 -15.62 16.28
CA ILE C 117 -14.25 -15.13 17.66
C ILE C 117 -15.64 -15.10 18.27
N GLU C 118 -15.78 -15.71 19.45
CA GLU C 118 -17.07 -15.78 20.12
C GLU C 118 -17.11 -15.08 21.47
N ILE C 119 -15.98 -14.91 22.14
CA ILE C 119 -15.93 -14.28 23.45
C ILE C 119 -14.86 -13.21 23.44
N LYS C 120 -15.20 -12.02 23.94
CA LYS C 120 -14.24 -10.92 24.05
C LYS C 120 -14.53 -10.15 25.32
N ILE C 121 -13.56 -10.11 26.23
CA ILE C 121 -13.70 -9.44 27.51
C ILE C 121 -12.58 -8.42 27.65
N ASN C 122 -12.95 -7.19 28.01
CA ASN C 122 -12.01 -6.09 28.17
C ASN C 122 -10.97 -6.43 29.23
N HIS C 123 -9.76 -5.90 29.04
CA HIS C 123 -8.62 -6.27 29.85
C HIS C 123 -7.99 -5.02 30.47
N GLU C 124 -7.36 -5.21 31.62
CA GLU C 124 -6.60 -4.14 32.28
C GLU C 124 -5.11 -4.26 31.94
N GLY C 125 -4.81 -4.04 30.67
CA GLY C 125 -3.44 -4.14 30.20
C GLY C 125 -3.22 -5.35 29.31
N GLU C 126 -1.94 -5.65 29.10
CA GLU C 126 -1.58 -6.78 28.24
C GLU C 126 -2.00 -8.10 28.88
N VAL C 127 -2.20 -9.11 28.04
CA VAL C 127 -2.49 -10.46 28.51
C VAL C 127 -1.20 -11.26 28.49
N ASN C 128 -0.58 -11.41 29.66
CA ASN C 128 0.69 -12.14 29.74
C ASN C 128 0.46 -13.64 29.72
N ARG C 129 -0.39 -14.14 30.62
CA ARG C 129 -0.72 -15.56 30.67
C ARG C 129 -2.18 -15.69 31.06
N ALA C 130 -2.75 -16.87 30.74
CA ALA C 130 -4.14 -17.15 31.08
C ALA C 130 -4.33 -18.66 31.10
N ARG C 131 -4.73 -19.19 32.25
CA ARG C 131 -4.93 -20.63 32.39
C ARG C 131 -6.30 -20.89 32.98
N TYR C 132 -7.03 -21.82 32.37
CA TYR C 132 -8.37 -22.17 32.81
C TYR C 132 -8.31 -23.11 34.01
N MET C 133 -9.29 -22.99 34.88
CA MET C 133 -9.41 -23.91 36.01
C MET C 133 -9.96 -25.23 35.47
N PRO C 134 -9.21 -26.34 35.60
CA PRO C 134 -9.71 -27.62 35.05
C PRO C 134 -11.02 -28.08 35.63
N GLN C 135 -11.26 -27.87 36.93
CA GLN C 135 -12.51 -28.31 37.53
C GLN C 135 -13.69 -27.47 37.04
N ASN C 136 -13.50 -26.16 36.91
CA ASN C 136 -14.53 -25.25 36.42
C ASN C 136 -13.94 -24.40 35.31
N PRO C 137 -14.08 -24.83 34.05
CA PRO C 137 -13.49 -24.07 32.94
C PRO C 137 -14.09 -22.68 32.75
N CYS C 138 -15.29 -22.42 33.29
CA CYS C 138 -15.92 -21.13 33.10
C CYS C 138 -15.14 -20.00 33.77
N ILE C 139 -14.36 -20.29 34.80
CA ILE C 139 -13.55 -19.30 35.50
C ILE C 139 -12.10 -19.53 35.14
N ILE C 140 -11.45 -18.50 34.62
CA ILE C 140 -10.04 -18.56 34.26
C ILE C 140 -9.33 -17.37 34.91
N ALA C 141 -8.04 -17.53 35.16
CA ALA C 141 -7.21 -16.49 35.75
C ALA C 141 -6.19 -16.01 34.74
N THR C 142 -5.86 -14.73 34.80
CA THR C 142 -4.94 -14.12 33.85
C THR C 142 -3.95 -13.23 34.59
N LYS C 143 -2.78 -13.04 33.99
CA LYS C 143 -1.73 -12.19 34.56
C LYS C 143 -1.51 -10.98 33.67
N THR C 144 -1.50 -9.81 34.27
CA THR C 144 -1.25 -8.55 33.60
C THR C 144 0.16 -8.07 33.89
N PRO C 145 0.68 -7.13 33.10
CA PRO C 145 1.96 -6.50 33.47
C PRO C 145 1.90 -5.77 34.79
N SER C 146 0.70 -5.43 35.27
CA SER C 146 0.57 -4.86 36.60
C SER C 146 0.90 -5.91 37.67
N SER C 147 0.87 -5.48 38.91
CA SER C 147 1.24 -6.30 40.05
C SER C 147 0.12 -7.19 40.56
N ASP C 148 -0.96 -7.45 39.82
CA ASP C 148 -2.09 -8.21 40.34
C ASP C 148 -2.49 -9.30 39.37
N VAL C 149 -3.35 -10.19 39.85
CA VAL C 149 -3.90 -11.29 39.07
C VAL C 149 -5.40 -11.08 38.96
N LEU C 150 -5.92 -11.19 37.73
CA LEU C 150 -7.33 -10.94 37.45
C LEU C 150 -8.06 -12.25 37.20
N VAL C 151 -9.22 -12.41 37.83
CA VAL C 151 -10.06 -13.58 37.68
C VAL C 151 -11.31 -13.17 36.91
N PHE C 152 -11.54 -13.82 35.77
CA PHE C 152 -12.68 -13.52 34.91
C PHE C 152 -13.55 -14.76 34.73
N ASP C 153 -14.86 -14.54 34.67
CA ASP C 153 -15.83 -15.59 34.39
C ASP C 153 -16.64 -15.13 33.18
N TYR C 154 -16.33 -15.67 32.00
CA TYR C 154 -16.94 -15.18 30.77
C TYR C 154 -18.43 -15.45 30.69
N THR C 155 -18.97 -16.35 31.51
CA THR C 155 -20.41 -16.53 31.56
C THR C 155 -21.12 -15.33 32.15
N LYS C 156 -20.44 -14.55 33.00
CA LYS C 156 -21.00 -13.35 33.59
C LYS C 156 -20.69 -12.09 32.81
N HIS C 157 -20.01 -12.21 31.67
CA HIS C 157 -19.66 -11.06 30.85
C HIS C 157 -20.19 -11.23 29.43
N PRO C 158 -20.69 -10.17 28.81
CA PRO C 158 -21.20 -10.28 27.45
C PRO C 158 -20.09 -10.54 26.44
N SER C 159 -20.47 -11.18 25.33
CA SER C 159 -19.52 -11.44 24.26
C SER C 159 -19.02 -10.15 23.64
N LYS C 160 -19.91 -9.18 23.44
CA LYS C 160 -19.51 -7.90 22.88
C LYS C 160 -18.78 -7.08 23.93
N PRO C 161 -17.55 -6.63 23.67
CA PRO C 161 -16.83 -5.83 24.67
C PRO C 161 -17.44 -4.45 24.82
N ASP C 162 -17.60 -4.02 26.07
CA ASP C 162 -18.15 -2.70 26.33
C ASP C 162 -17.13 -1.63 25.93
N PRO C 163 -17.59 -0.52 25.34
CA PRO C 163 -16.64 0.54 24.97
C PRO C 163 -16.07 1.29 26.16
N SER C 164 -16.60 1.08 27.37
CA SER C 164 -16.18 1.81 28.56
C SER C 164 -14.77 1.46 29.01
N GLY C 165 -14.07 0.56 28.33
CA GLY C 165 -12.71 0.24 28.72
C GLY C 165 -12.66 -0.98 29.60
N GLU C 166 -11.71 -0.97 30.55
CA GLU C 166 -11.43 -2.12 31.40
C GLU C 166 -12.66 -2.61 32.14
N CYS C 167 -13.00 -3.88 31.94
CA CYS C 167 -14.15 -4.47 32.63
C CYS C 167 -13.73 -4.93 34.02
N ASN C 168 -14.61 -4.75 34.99
CA ASN C 168 -14.32 -5.15 36.36
C ASN C 168 -14.30 -6.67 36.45
N PRO C 169 -13.21 -7.29 36.87
CA PRO C 169 -13.18 -8.75 37.00
C PRO C 169 -14.01 -9.21 38.19
N ASP C 170 -14.30 -10.51 38.21
CA ASP C 170 -14.98 -11.09 39.36
C ASP C 170 -14.16 -10.90 40.62
N LEU C 171 -12.85 -11.16 40.54
CA LEU C 171 -11.92 -10.90 41.63
C LEU C 171 -10.58 -10.52 41.03
N ARG C 172 -9.84 -9.68 41.77
CA ARG C 172 -8.46 -9.39 41.44
C ARG C 172 -7.58 -9.75 42.63
N LEU C 173 -6.45 -10.39 42.34
CA LEU C 173 -5.60 -10.99 43.36
C LEU C 173 -4.34 -10.16 43.53
N ARG C 174 -4.08 -9.73 44.76
CA ARG C 174 -2.91 -8.93 45.09
C ARG C 174 -1.87 -9.80 45.79
N GLY C 175 -0.63 -9.32 45.81
CA GLY C 175 0.45 -10.05 46.44
C GLY C 175 1.78 -9.88 45.73
N HIS C 176 1.73 -9.48 44.46
CA HIS C 176 2.94 -9.21 43.71
C HIS C 176 3.19 -7.69 43.66
N GLN C 177 4.39 -7.31 43.21
CA GLN C 177 4.74 -5.92 43.03
C GLN C 177 5.33 -5.61 41.67
N LYS C 178 5.55 -6.62 40.82
CA LYS C 178 6.14 -6.45 39.50
C LYS C 178 5.47 -7.42 38.54
N GLU C 179 5.67 -7.19 37.25
CA GLU C 179 5.11 -8.04 36.22
C GLU C 179 5.63 -9.47 36.34
N GLY C 180 4.95 -10.38 35.65
CA GLY C 180 5.34 -11.78 35.64
C GLY C 180 4.20 -12.64 35.16
N TYR C 181 4.55 -13.80 34.63
CA TYR C 181 3.50 -14.71 34.12
C TYR C 181 3.98 -16.16 34.30
N GLY C 182 3.63 -16.75 35.43
CA GLY C 182 3.67 -18.18 35.62
C GLY C 182 2.40 -18.59 36.32
N LEU C 183 1.59 -19.44 35.69
CA LEU C 183 0.24 -19.68 36.20
C LEU C 183 -0.13 -21.14 36.06
N SER C 184 -0.91 -21.64 37.03
CA SER C 184 -1.47 -22.97 37.02
C SER C 184 -2.50 -23.07 38.15
N TRP C 185 -3.63 -23.70 37.84
CA TRP C 185 -4.70 -23.91 38.81
C TRP C 185 -4.50 -25.24 39.53
N ASN C 186 -5.04 -25.32 40.74
CA ASN C 186 -4.95 -26.55 41.53
C ASN C 186 -5.80 -27.63 40.87
N PRO C 187 -5.20 -28.75 40.44
CA PRO C 187 -5.97 -29.77 39.72
C PRO C 187 -7.03 -30.48 40.56
N ASN C 188 -6.93 -30.43 41.88
CA ASN C 188 -7.86 -31.16 42.74
C ASN C 188 -8.73 -30.27 43.62
N LEU C 189 -8.31 -29.04 43.91
CA LEU C 189 -9.09 -28.13 44.74
C LEU C 189 -9.36 -26.84 43.97
N SER C 190 -10.47 -26.21 44.31
CA SER C 190 -10.90 -25.00 43.62
C SER C 190 -10.47 -23.75 44.38
N GLY C 191 -9.90 -22.80 43.65
CA GLY C 191 -9.52 -21.52 44.21
C GLY C 191 -8.08 -21.40 44.66
N HIS C 192 -7.35 -22.51 44.77
CA HIS C 192 -5.96 -22.46 45.18
C HIS C 192 -5.09 -22.08 44.00
N LEU C 193 -4.52 -20.87 44.05
CA LEU C 193 -3.75 -20.33 42.94
C LEU C 193 -2.35 -19.97 43.42
N LEU C 194 -1.34 -20.57 42.80
CA LEU C 194 0.04 -20.16 42.93
C LEU C 194 0.48 -19.52 41.62
N SER C 195 1.13 -18.36 41.71
CA SER C 195 1.54 -17.61 40.53
C SER C 195 2.99 -17.15 40.69
N ALA C 196 3.64 -16.93 39.55
CA ALA C 196 5.03 -16.51 39.53
C ALA C 196 5.15 -15.09 39.01
N SER C 197 6.04 -14.31 39.61
CA SER C 197 6.27 -12.93 39.20
C SER C 197 7.74 -12.60 39.43
N ASP C 198 8.18 -11.51 38.81
CA ASP C 198 9.58 -11.10 38.90
C ASP C 198 9.96 -10.52 40.25
N ASP C 199 9.02 -10.41 41.19
CA ASP C 199 9.29 -9.94 42.54
C ASP C 199 10.01 -10.96 43.39
N HIS C 200 10.45 -12.06 42.79
CA HIS C 200 11.09 -13.18 43.49
C HIS C 200 10.12 -13.87 44.45
N THR C 201 8.83 -13.60 44.30
CA THR C 201 7.82 -14.09 45.21
C THR C 201 6.77 -14.91 44.46
N ILE C 202 6.30 -15.97 45.12
CA ILE C 202 5.20 -16.79 44.61
C ILE C 202 4.07 -16.70 45.62
N CYS C 203 2.90 -16.28 45.15
CA CYS C 203 1.78 -15.96 46.03
C CYS C 203 0.68 -17.00 45.91
N LEU C 204 0.04 -17.30 47.05
CA LEU C 204 -1.03 -18.29 47.11
C LEU C 204 -2.33 -17.58 47.51
N TRP C 205 -3.39 -17.84 46.76
CA TRP C 205 -4.73 -17.37 47.09
C TRP C 205 -5.67 -18.55 47.27
N ASP C 206 -6.67 -18.36 48.13
CA ASP C 206 -7.69 -19.38 48.41
C ASP C 206 -9.03 -18.79 47.99
N ILE C 207 -9.57 -19.27 46.88
CA ILE C 207 -10.81 -18.73 46.32
C ILE C 207 -11.88 -19.81 46.37
N SER C 208 -11.82 -20.67 47.39
CA SER C 208 -12.88 -21.64 47.59
C SER C 208 -14.22 -20.96 47.78
N ALA C 209 -14.30 -19.99 48.69
CA ALA C 209 -15.46 -19.13 48.84
C ALA C 209 -15.04 -17.90 49.62
N VAL C 210 -15.06 -16.74 48.97
CA VAL C 210 -14.74 -15.48 49.63
C VAL C 210 -15.74 -14.42 49.18
N PRO C 211 -16.99 -14.49 49.65
CA PRO C 211 -17.98 -13.48 49.25
C PRO C 211 -17.63 -12.07 49.67
N LYS C 212 -16.99 -11.91 50.83
CA LYS C 212 -16.69 -10.58 51.37
C LYS C 212 -15.42 -9.96 50.79
N GLU C 213 -14.91 -10.48 49.67
CA GLU C 213 -13.68 -9.96 49.11
C GLU C 213 -13.83 -8.54 48.60
N GLY C 214 -14.99 -8.17 48.08
CA GLY C 214 -15.12 -6.88 47.41
C GLY C 214 -14.27 -6.80 46.16
N LYS C 215 -14.22 -7.89 45.38
CA LYS C 215 -13.44 -8.03 44.16
C LYS C 215 -11.93 -7.98 44.41
N VAL C 216 -11.49 -7.94 45.66
CA VAL C 216 -10.08 -7.88 46.00
C VAL C 216 -9.76 -9.01 46.98
N VAL C 217 -8.74 -9.81 46.66
CA VAL C 217 -8.30 -10.90 47.52
C VAL C 217 -6.79 -10.80 47.70
N ASP C 218 -6.34 -10.79 48.95
CA ASP C 218 -4.92 -10.77 49.25
C ASP C 218 -4.36 -12.19 49.25
N ALA C 219 -3.05 -12.29 49.05
CA ALA C 219 -2.40 -13.60 49.02
C ALA C 219 -2.42 -14.26 50.38
N LYS C 220 -2.82 -15.53 50.41
CA LYS C 220 -2.84 -16.27 51.67
C LYS C 220 -1.42 -16.62 52.13
N THR C 221 -0.59 -17.08 51.20
CA THR C 221 0.79 -17.45 51.52
C THR C 221 1.70 -16.94 50.40
N ILE C 222 2.82 -16.34 50.78
CA ILE C 222 3.78 -15.79 49.83
C ILE C 222 5.06 -16.61 49.93
N PHE C 223 5.50 -17.16 48.81
CA PHE C 223 6.71 -17.98 48.75
C PHE C 223 7.84 -17.17 48.13
N THR C 224 8.87 -16.90 48.93
CA THR C 224 10.01 -16.10 48.50
C THR C 224 11.31 -16.92 48.61
N GLY C 225 11.24 -18.20 48.26
CA GLY C 225 12.39 -19.06 48.41
C GLY C 225 13.55 -18.71 47.49
N HIS C 226 13.25 -18.39 46.24
CA HIS C 226 14.30 -18.08 45.28
C HIS C 226 14.82 -16.66 45.46
N THR C 227 16.08 -16.46 45.10
CA THR C 227 16.72 -15.15 45.14
C THR C 227 16.70 -14.45 43.78
N ALA C 228 16.11 -15.08 42.77
CA ALA C 228 16.04 -14.48 41.44
C ALA C 228 14.60 -14.49 40.92
N VAL C 229 14.42 -14.06 39.68
CA VAL C 229 13.08 -13.90 39.11
C VAL C 229 12.50 -15.29 38.85
N VAL C 230 11.34 -15.56 39.45
CA VAL C 230 10.66 -16.84 39.24
C VAL C 230 9.62 -16.69 38.14
N GLU C 231 9.75 -17.48 37.07
CA GLU C 231 8.66 -17.51 36.09
C GLU C 231 8.32 -18.97 35.77
N ASP C 232 7.61 -19.62 36.69
CA ASP C 232 6.88 -20.86 36.44
C ASP C 232 6.21 -21.30 37.74
N VAL C 233 5.06 -21.93 37.60
CA VAL C 233 4.47 -22.71 38.67
C VAL C 233 3.58 -23.80 38.07
N SER C 234 3.84 -25.05 38.45
CA SER C 234 3.00 -26.16 38.02
C SER C 234 2.90 -27.18 39.14
N TRP C 235 1.68 -27.67 39.34
CA TRP C 235 1.39 -28.63 40.41
C TRP C 235 1.76 -30.04 39.96
N HIS C 236 2.20 -30.85 40.90
CA HIS C 236 2.30 -32.28 40.66
C HIS C 236 0.88 -32.86 40.63
N LEU C 237 0.46 -33.32 39.46
CA LEU C 237 -0.96 -33.58 39.22
C LEU C 237 -1.51 -34.70 40.09
N LEU C 238 -0.66 -35.53 40.68
CA LEU C 238 -1.10 -36.62 41.53
C LEU C 238 -0.94 -36.34 43.02
N HIS C 239 -0.57 -35.12 43.39
CA HIS C 239 -0.44 -34.73 44.79
C HIS C 239 -1.06 -33.35 45.00
N GLU C 240 -1.75 -33.20 46.14
CA GLU C 240 -2.37 -31.93 46.50
C GLU C 240 -1.39 -30.95 47.15
N SER C 241 -0.21 -31.42 47.56
CA SER C 241 0.71 -30.59 48.32
C SER C 241 2.04 -30.34 47.63
N LEU C 242 2.33 -30.99 46.52
CA LEU C 242 3.61 -30.86 45.84
C LEU C 242 3.43 -30.13 44.53
N PHE C 243 4.26 -29.10 44.32
CA PHE C 243 4.30 -28.37 43.05
C PHE C 243 5.72 -27.92 42.79
N GLY C 244 6.04 -27.75 41.51
CA GLY C 244 7.35 -27.31 41.09
C GLY C 244 7.40 -25.81 40.86
N SER C 245 8.55 -25.22 41.15
CA SER C 245 8.76 -23.79 40.96
C SER C 245 10.11 -23.58 40.30
N VAL C 246 10.15 -22.63 39.36
CA VAL C 246 11.32 -22.39 38.53
C VAL C 246 11.66 -20.92 38.58
N ALA C 247 12.96 -20.61 38.44
CA ALA C 247 13.43 -19.25 38.62
C ALA C 247 14.52 -18.92 37.60
N ASP C 248 14.80 -17.63 37.48
CA ASP C 248 15.94 -17.17 36.68
C ASP C 248 17.24 -17.53 37.40
N ASP C 249 17.13 -18.00 38.63
CA ASP C 249 18.21 -18.47 39.48
C ASP C 249 18.88 -19.73 38.96
N GLN C 250 18.49 -20.20 37.77
CA GLN C 250 19.02 -21.39 37.11
C GLN C 250 18.69 -22.67 37.86
N LYS C 251 17.73 -22.65 38.76
CA LYS C 251 17.36 -23.81 39.56
C LYS C 251 15.89 -24.17 39.36
N LEU C 252 15.59 -25.44 39.53
CA LEU C 252 14.21 -25.91 39.66
C LEU C 252 14.00 -26.35 41.10
N MET C 253 12.87 -25.94 41.68
CA MET C 253 12.68 -26.04 43.11
C MET C 253 11.26 -26.47 43.41
N ILE C 254 11.11 -27.53 44.20
CA ILE C 254 9.81 -28.11 44.51
C ILE C 254 9.44 -27.73 45.93
N TRP C 255 8.21 -27.26 46.13
CA TRP C 255 7.72 -26.86 47.44
C TRP C 255 6.62 -27.82 47.87
N ASP C 256 6.73 -28.32 49.09
CA ASP C 256 5.65 -29.06 49.74
C ASP C 256 4.95 -28.14 50.71
N THR C 257 3.64 -27.92 50.49
CA THR C 257 2.89 -27.01 51.33
C THR C 257 2.70 -27.61 52.73
N ARG C 258 2.03 -26.83 53.59
CA ARG C 258 1.74 -27.19 54.98
C ARG C 258 3.01 -27.31 55.81
N SER C 259 4.17 -27.08 55.19
CA SER C 259 5.43 -27.03 55.92
C SER C 259 5.57 -25.76 56.75
N ASN C 260 4.77 -24.73 56.44
CA ASN C 260 4.76 -23.48 57.20
C ASN C 260 6.16 -22.84 57.24
N ASN C 261 6.88 -22.95 56.13
CA ASN C 261 8.21 -22.36 56.00
C ASN C 261 8.31 -21.77 54.59
N THR C 262 7.98 -20.48 54.47
CA THR C 262 8.01 -19.81 53.18
C THR C 262 9.44 -19.66 52.66
N SER C 263 10.44 -19.87 53.50
CA SER C 263 11.84 -19.80 53.07
C SER C 263 12.41 -21.20 52.83
N LYS C 264 12.11 -22.14 53.71
CA LYS C 264 12.66 -23.49 53.59
C LYS C 264 11.82 -24.33 52.63
N PRO C 265 12.37 -24.78 51.52
CA PRO C 265 11.59 -25.59 50.58
C PRO C 265 11.66 -27.08 50.95
N SER C 266 10.85 -27.85 50.23
CA SER C 266 10.96 -29.31 50.35
C SER C 266 12.23 -29.82 49.68
N HIS C 267 12.57 -29.27 48.51
CA HIS C 267 13.77 -29.68 47.79
C HIS C 267 14.31 -28.49 47.01
N SER C 268 15.55 -28.62 46.56
CA SER C 268 16.19 -27.57 45.76
C SER C 268 17.30 -28.22 44.93
N VAL C 269 17.22 -28.06 43.61
CA VAL C 269 18.19 -28.66 42.70
C VAL C 269 18.51 -27.66 41.60
N ASP C 270 19.81 -27.53 41.30
CA ASP C 270 20.29 -26.68 40.22
C ASP C 270 19.87 -27.32 38.90
N ALA C 271 18.99 -26.64 38.17
CA ALA C 271 18.38 -27.25 36.99
C ALA C 271 19.30 -27.21 35.78
N HIS C 272 19.64 -26.00 35.31
CA HIS C 272 20.53 -25.85 34.16
C HIS C 272 21.45 -24.66 34.38
N THR C 273 22.27 -24.39 33.36
CA THR C 273 23.37 -23.45 33.49
C THR C 273 22.96 -22.00 33.33
N ALA C 274 21.77 -21.72 32.81
CA ALA C 274 21.35 -20.35 32.56
C ALA C 274 19.94 -20.16 33.12
N GLU C 275 19.37 -19.00 32.84
CA GLU C 275 18.00 -18.71 33.26
C GLU C 275 17.04 -19.77 32.70
N VAL C 276 16.18 -20.26 33.57
CA VAL C 276 15.26 -21.36 33.26
C VAL C 276 13.85 -20.95 33.64
N ASN C 277 12.92 -21.08 32.70
CA ASN C 277 11.51 -20.91 33.04
C ASN C 277 10.58 -21.71 32.13
N CYS C 278 10.35 -22.97 32.48
CA CYS C 278 9.18 -23.73 32.04
C CYS C 278 9.22 -25.07 32.76
N LEU C 279 8.10 -25.46 33.39
CA LEU C 279 8.06 -26.70 34.15
C LEU C 279 6.69 -27.34 34.00
N SER C 280 6.69 -28.66 33.80
CA SER C 280 5.45 -29.40 33.59
C SER C 280 5.56 -30.76 34.26
N PHE C 281 4.47 -31.19 34.90
CA PHE C 281 4.37 -32.50 35.50
C PHE C 281 3.58 -33.43 34.59
N ASN C 282 4.11 -34.64 34.40
CA ASN C 282 3.45 -35.60 33.55
C ASN C 282 2.13 -36.04 34.19
N PRO C 283 1.00 -35.96 33.48
CA PRO C 283 -0.28 -36.35 34.09
C PRO C 283 -0.35 -37.80 34.50
N TYR C 284 0.36 -38.71 33.81
CA TYR C 284 0.22 -40.13 34.02
C TYR C 284 1.34 -40.73 34.87
N SER C 285 2.17 -39.88 35.48
CA SER C 285 3.26 -40.34 36.32
C SER C 285 3.23 -39.61 37.66
N GLU C 286 3.67 -40.30 38.71
CA GLU C 286 3.68 -39.71 40.05
C GLU C 286 5.02 -39.10 40.42
N PHE C 287 6.07 -39.33 39.64
CA PHE C 287 7.39 -38.85 40.02
C PHE C 287 8.18 -38.19 38.89
N ILE C 288 7.65 -38.09 37.68
CA ILE C 288 8.37 -37.55 36.53
C ILE C 288 8.15 -36.04 36.47
N LEU C 289 9.25 -35.30 36.39
CA LEU C 289 9.20 -33.85 36.25
C LEU C 289 10.21 -33.43 35.18
N ALA C 290 9.76 -32.62 34.22
CA ALA C 290 10.59 -32.19 33.11
C ALA C 290 10.56 -30.67 32.98
N THR C 291 11.64 -30.11 32.47
CA THR C 291 11.76 -28.66 32.34
C THR C 291 12.73 -28.32 31.22
N GLY C 292 12.57 -27.12 30.66
CA GLY C 292 13.49 -26.61 29.66
C GLY C 292 14.02 -25.27 30.08
N SER C 293 15.15 -24.89 29.48
CA SER C 293 15.88 -23.70 29.90
C SER C 293 16.31 -22.87 28.70
N ALA C 294 16.82 -21.68 28.98
CA ALA C 294 17.39 -20.85 27.93
C ALA C 294 18.68 -21.44 27.37
N ASP C 295 19.22 -22.46 28.01
CA ASP C 295 20.41 -23.15 27.53
C ASP C 295 20.15 -23.99 26.29
N LYS C 296 18.96 -23.87 25.69
CA LYS C 296 18.54 -24.64 24.52
C LYS C 296 18.46 -26.14 24.83
N THR C 297 18.16 -26.48 26.08
CA THR C 297 18.03 -27.87 26.49
C THR C 297 16.72 -28.07 27.23
N VAL C 298 16.17 -29.27 27.11
CA VAL C 298 15.04 -29.73 27.91
C VAL C 298 15.50 -30.92 28.73
N ALA C 299 15.36 -30.81 30.04
CA ALA C 299 15.86 -31.83 30.96
C ALA C 299 14.75 -32.28 31.89
N LEU C 300 14.84 -33.53 32.34
CA LEU C 300 13.82 -34.12 33.19
C LEU C 300 14.47 -34.80 34.39
N TRP C 301 13.72 -34.90 35.47
CA TRP C 301 14.21 -35.43 36.73
C TRP C 301 13.17 -36.39 37.31
N ASP C 302 13.58 -37.09 38.37
CA ASP C 302 12.70 -37.97 39.12
C ASP C 302 12.46 -37.38 40.51
N LEU C 303 11.19 -37.32 40.91
CA LEU C 303 10.86 -36.79 42.22
C LEU C 303 11.39 -37.66 43.35
N ARG C 304 11.68 -38.93 43.08
CA ARG C 304 12.27 -39.79 44.11
C ARG C 304 13.74 -39.43 44.35
N ASN C 305 14.46 -39.01 43.32
CA ASN C 305 15.87 -38.65 43.44
C ASN C 305 16.12 -37.42 42.58
N LEU C 306 16.09 -36.24 43.20
CA LEU C 306 16.18 -34.98 42.47
C LEU C 306 17.61 -34.62 42.08
N LYS C 307 18.61 -35.28 42.64
CA LYS C 307 20.00 -34.89 42.43
C LYS C 307 20.62 -35.54 41.18
N LEU C 308 19.85 -36.26 40.39
CA LEU C 308 20.36 -36.89 39.17
C LEU C 308 19.45 -36.53 38.01
N LYS C 309 20.04 -36.06 36.92
CA LYS C 309 19.30 -35.69 35.72
C LYS C 309 19.13 -36.90 34.81
N LEU C 310 17.89 -37.19 34.44
CA LEU C 310 17.60 -38.38 33.64
C LEU C 310 18.16 -38.24 32.23
N HIS C 311 17.88 -37.13 31.56
CA HIS C 311 18.33 -36.92 30.19
C HIS C 311 18.19 -35.45 29.85
N SER C 312 18.99 -35.01 28.89
CA SER C 312 18.97 -33.63 28.39
C SER C 312 18.58 -33.65 26.92
N PHE C 313 17.38 -33.17 26.61
CA PHE C 313 16.93 -33.06 25.24
C PHE C 313 17.59 -31.84 24.60
N GLU C 314 18.46 -32.07 23.61
CA GLU C 314 19.31 -31.02 23.04
C GLU C 314 19.13 -30.98 21.53
N SER C 315 18.12 -30.24 21.07
CA SER C 315 17.99 -29.89 19.67
C SER C 315 17.58 -28.44 19.46
N HIS C 316 17.30 -27.70 20.53
CA HIS C 316 16.95 -26.29 20.40
C HIS C 316 18.18 -25.45 20.09
N LYS C 317 17.94 -24.27 19.51
CA LYS C 317 19.00 -23.33 19.23
C LYS C 317 18.86 -22.00 19.95
N ASP C 318 17.81 -21.81 20.74
CA ASP C 318 17.61 -20.54 21.42
C ASP C 318 16.81 -20.78 22.69
N GLU C 319 16.36 -19.68 23.29
CA GLU C 319 15.71 -19.70 24.60
C GLU C 319 14.38 -20.43 24.55
N ILE C 320 13.96 -20.99 25.68
CA ILE C 320 12.75 -21.79 25.79
C ILE C 320 11.92 -21.27 26.95
N PHE C 321 10.62 -21.12 26.75
CA PHE C 321 9.75 -20.61 27.80
C PHE C 321 8.42 -21.37 27.84
N GLN C 322 8.42 -22.62 27.37
CA GLN C 322 7.22 -23.44 27.47
C GLN C 322 7.56 -24.90 27.25
N VAL C 323 7.11 -25.74 28.18
CA VAL C 323 7.20 -27.19 28.07
C VAL C 323 5.86 -27.77 28.49
N GLN C 324 5.31 -28.63 27.64
CA GLN C 324 4.01 -29.23 27.90
C GLN C 324 4.08 -30.73 27.64
N TRP C 325 3.46 -31.50 28.54
CA TRP C 325 3.37 -32.94 28.42
C TRP C 325 2.14 -33.28 27.57
N SER C 326 2.32 -34.18 26.63
CA SER C 326 1.24 -34.56 25.73
C SER C 326 0.26 -35.47 26.44
N PRO C 327 -1.02 -35.11 26.53
CA PRO C 327 -2.02 -36.06 27.03
C PRO C 327 -2.25 -37.18 26.03
N HIS C 328 -2.75 -38.30 26.55
CA HIS C 328 -3.02 -39.51 25.77
C HIS C 328 -1.75 -40.16 25.24
N ASN C 329 -0.59 -39.56 25.55
CA ASN C 329 0.70 -40.13 25.16
C ASN C 329 1.72 -39.71 26.22
N GLU C 330 1.91 -40.57 27.23
CA GLU C 330 2.78 -40.23 28.33
C GLU C 330 4.23 -40.06 27.88
N THR C 331 4.68 -40.93 26.97
CA THR C 331 6.08 -40.92 26.54
C THR C 331 6.38 -39.85 25.49
N ILE C 332 5.51 -38.87 25.30
CA ILE C 332 5.70 -37.85 24.27
C ILE C 332 5.67 -36.48 24.94
N LEU C 333 6.68 -35.67 24.66
CA LEU C 333 6.86 -34.35 25.26
C LEU C 333 7.09 -33.32 24.16
N ALA C 334 6.60 -32.11 24.37
CA ALA C 334 6.76 -31.03 23.41
C ALA C 334 7.19 -29.75 24.13
N SER C 335 7.93 -28.90 23.42
CA SER C 335 8.45 -27.67 23.99
C SER C 335 8.57 -26.62 22.90
N SER C 336 8.39 -25.35 23.29
CA SER C 336 8.44 -24.22 22.38
C SER C 336 9.42 -23.18 22.90
N GLY C 337 10.03 -22.44 21.97
CA GLY C 337 10.99 -21.41 22.34
C GLY C 337 11.06 -20.34 21.27
N THR C 338 11.96 -19.38 21.52
CA THR C 338 12.15 -18.27 20.58
C THR C 338 12.77 -18.71 19.27
N ASP C 339 13.11 -20.00 19.13
CA ASP C 339 13.74 -20.49 17.91
C ASP C 339 12.74 -20.55 16.75
N ARG C 340 11.46 -20.25 17.01
CA ARG C 340 10.39 -20.29 16.02
C ARG C 340 10.20 -21.71 15.49
N ARG C 341 10.36 -22.70 16.37
CA ARG C 341 10.07 -24.08 16.04
C ARG C 341 9.33 -24.72 17.20
N LEU C 342 8.45 -25.66 16.88
CA LEU C 342 7.78 -26.49 17.87
C LEU C 342 8.31 -27.92 17.77
N ASN C 343 8.92 -28.38 18.85
CA ASN C 343 9.59 -29.67 18.89
C ASN C 343 8.72 -30.69 19.59
N VAL C 344 8.78 -31.94 19.11
CA VAL C 344 8.07 -33.06 19.72
C VAL C 344 9.12 -34.08 20.14
N TRP C 345 9.09 -34.47 21.41
CA TRP C 345 10.07 -35.38 21.98
C TRP C 345 9.39 -36.67 22.39
N ASP C 346 10.04 -37.79 22.08
CA ASP C 346 9.54 -39.12 22.42
C ASP C 346 10.58 -39.82 23.28
N LEU C 347 10.26 -40.01 24.56
CA LEU C 347 11.18 -40.71 25.45
C LEU C 347 11.37 -42.17 25.06
N SER C 348 10.44 -42.73 24.29
CA SER C 348 10.55 -44.13 23.91
C SER C 348 11.72 -44.39 22.98
N LYS C 349 12.34 -43.35 22.44
CA LYS C 349 13.45 -43.48 21.49
C LYS C 349 14.77 -42.99 22.06
N ILE C 350 14.94 -43.03 23.39
CA ILE C 350 16.20 -42.59 23.99
C ILE C 350 17.29 -43.61 23.66
N GLY C 351 18.33 -43.15 22.96
CA GLY C 351 19.48 -43.98 22.70
C GLY C 351 19.28 -45.05 21.66
N GLU C 352 18.28 -44.92 20.80
CA GLU C 352 18.07 -45.90 19.74
C GLU C 352 19.07 -45.66 18.61
N GLU C 353 19.70 -46.73 18.13
CA GLU C 353 20.61 -46.62 17.01
C GLU C 353 19.83 -46.27 15.74
N GLN C 354 20.43 -45.43 14.90
CA GLN C 354 19.77 -44.95 13.70
C GLN C 354 20.76 -44.89 12.56
N SER C 355 20.23 -44.85 11.34
CA SER C 355 21.05 -44.81 10.15
C SER C 355 21.78 -43.47 10.06
N PRO C 356 22.88 -43.41 9.29
CA PRO C 356 23.63 -42.15 9.21
C PRO C 356 22.80 -40.96 8.76
N GLU C 357 21.90 -41.14 7.81
CA GLU C 357 21.02 -40.04 7.40
C GLU C 357 20.08 -39.64 8.53
N ASP C 358 19.57 -40.63 9.27
CA ASP C 358 18.72 -40.33 10.42
C ASP C 358 19.49 -39.57 11.49
N ALA C 359 20.74 -39.96 11.73
CA ALA C 359 21.58 -39.23 12.68
C ALA C 359 21.85 -37.82 12.21
N GLU C 360 22.10 -37.65 10.91
CA GLU C 360 22.31 -36.31 10.37
C GLU C 360 21.06 -35.45 10.53
N ASP C 361 19.87 -36.05 10.36
CA ASP C 361 18.63 -35.30 10.56
C ASP C 361 18.50 -34.82 12.00
N GLY C 362 18.85 -35.67 12.96
CA GLY C 362 18.79 -35.29 14.36
C GLY C 362 18.84 -36.49 15.28
N PRO C 363 18.74 -36.22 16.59
CA PRO C 363 18.77 -37.32 17.56
C PRO C 363 17.51 -38.18 17.43
N PRO C 364 17.62 -39.47 17.76
CA PRO C 364 16.43 -40.34 17.65
C PRO C 364 15.30 -39.94 18.58
N GLU C 365 15.60 -39.36 19.75
CA GLU C 365 14.58 -39.00 20.72
C GLU C 365 13.73 -37.82 20.26
N LEU C 366 14.14 -37.09 19.23
CA LEU C 366 13.36 -35.99 18.68
C LEU C 366 12.38 -36.56 17.65
N LEU C 367 11.08 -36.41 17.94
CA LEU C 367 10.05 -37.03 17.13
C LEU C 367 9.59 -36.16 15.96
N PHE C 368 9.42 -34.86 16.16
CA PHE C 368 8.96 -33.98 15.09
C PHE C 368 9.24 -32.54 15.50
N ILE C 369 9.64 -31.74 14.51
CA ILE C 369 9.87 -30.31 14.70
C ILE C 369 9.01 -29.54 13.70
N HIS C 370 8.35 -28.49 14.19
CA HIS C 370 7.35 -27.76 13.43
C HIS C 370 7.96 -26.43 12.98
N GLY C 371 8.01 -26.21 11.67
CA GLY C 371 8.58 -25.02 11.08
C GLY C 371 7.60 -23.99 10.59
N GLY C 372 6.35 -24.03 11.05
CA GLY C 372 5.33 -23.14 10.54
C GLY C 372 5.14 -21.85 11.30
N HIS C 373 6.22 -21.12 11.54
CA HIS C 373 6.12 -19.84 12.23
C HIS C 373 7.21 -18.90 11.71
N THR C 374 6.92 -17.60 11.75
CA THR C 374 7.81 -16.56 11.26
C THR C 374 8.41 -15.75 12.39
N ALA C 375 7.91 -15.92 13.62
CA ALA C 375 8.38 -15.15 14.75
C ALA C 375 8.43 -16.04 15.99
N LYS C 376 8.85 -15.44 17.10
CA LYS C 376 8.93 -16.15 18.36
C LYS C 376 7.56 -16.68 18.78
N ILE C 377 7.51 -17.95 19.13
CA ILE C 377 6.28 -18.58 19.61
C ILE C 377 6.10 -18.24 21.07
N SER C 378 4.93 -17.71 21.41
CA SER C 378 4.61 -17.28 22.77
C SER C 378 4.02 -18.39 23.62
N ASP C 379 3.17 -19.25 23.04
CA ASP C 379 2.55 -20.32 23.80
C ASP C 379 2.09 -21.40 22.84
N PHE C 380 1.89 -22.60 23.38
CA PHE C 380 1.37 -23.72 22.62
C PHE C 380 0.71 -24.69 23.60
N SER C 381 -0.17 -25.54 23.08
CA SER C 381 -0.89 -26.47 23.94
C SER C 381 -1.36 -27.68 23.13
N TRP C 382 -1.35 -28.83 23.81
CA TRP C 382 -2.00 -30.03 23.33
C TRP C 382 -3.42 -30.07 23.86
N ASN C 383 -4.37 -30.46 23.03
CA ASN C 383 -5.73 -30.39 23.52
C ASN C 383 -6.23 -31.75 24.00
N PRO C 384 -7.16 -31.75 24.95
CA PRO C 384 -7.95 -32.96 25.17
C PRO C 384 -8.98 -33.12 24.07
N ASN C 385 -9.74 -34.21 24.07
CA ASN C 385 -10.77 -34.52 23.08
C ASN C 385 -10.18 -34.73 21.69
N GLU C 386 -8.87 -34.63 21.52
CA GLU C 386 -8.18 -34.89 20.27
C GLU C 386 -6.74 -35.23 20.59
N PRO C 387 -6.24 -36.38 20.12
CA PRO C 387 -4.95 -36.87 20.63
C PRO C 387 -3.73 -36.23 19.98
N TRP C 388 -3.86 -35.60 18.82
CA TRP C 388 -2.63 -35.33 18.06
C TRP C 388 -2.53 -33.96 17.41
N VAL C 389 -3.48 -33.04 17.59
CA VAL C 389 -3.37 -31.72 16.99
C VAL C 389 -2.81 -30.74 18.03
N ILE C 390 -2.05 -29.76 17.56
CA ILE C 390 -1.34 -28.81 18.41
C ILE C 390 -1.61 -27.40 17.89
N CYS C 391 -1.93 -26.50 18.80
CA CYS C 391 -2.03 -25.07 18.47
C CYS C 391 -0.79 -24.34 18.97
N SER C 392 -0.38 -23.33 18.22
CA SER C 392 0.78 -22.53 18.58
C SER C 392 0.56 -21.10 18.14
N VAL C 393 0.86 -20.17 19.05
CA VAL C 393 0.70 -18.74 18.81
C VAL C 393 2.05 -18.06 18.90
N SER C 394 2.39 -17.26 17.90
CA SER C 394 3.68 -16.61 17.83
C SER C 394 3.52 -15.10 17.76
N GLU C 395 4.65 -14.40 17.79
CA GLU C 395 4.68 -12.94 17.80
C GLU C 395 4.48 -12.32 16.43
N ASP C 396 4.20 -13.13 15.40
CA ASP C 396 3.89 -12.64 14.06
C ASP C 396 2.39 -12.53 13.83
N ASN C 397 1.60 -12.52 14.90
CA ASN C 397 0.14 -12.40 14.85
C ASN C 397 -0.54 -13.59 14.20
N ILE C 398 0.16 -14.70 14.01
CA ILE C 398 -0.40 -15.85 13.33
C ILE C 398 -0.71 -16.94 14.35
N MET C 399 -1.84 -17.64 14.15
CA MET C 399 -2.20 -18.81 14.93
C MET C 399 -2.19 -20.02 14.03
N GLN C 400 -1.56 -21.11 14.48
CA GLN C 400 -1.51 -22.33 13.71
C GLN C 400 -1.98 -23.51 14.54
N VAL C 401 -2.89 -24.30 13.95
CA VAL C 401 -3.33 -25.57 14.50
C VAL C 401 -2.91 -26.66 13.52
N TRP C 402 -2.12 -27.61 14.00
CA TRP C 402 -1.49 -28.57 13.10
C TRP C 402 -1.48 -29.95 13.73
N GLN C 403 -1.57 -30.96 12.86
CA GLN C 403 -1.40 -32.36 13.23
C GLN C 403 -0.42 -33.01 12.28
N MET C 404 0.63 -33.61 12.81
CA MET C 404 1.64 -34.25 11.98
C MET C 404 1.07 -35.50 11.33
N ALA C 405 1.76 -35.97 10.28
CA ALA C 405 1.27 -37.08 9.47
C ALA C 405 1.15 -38.34 10.33
N GLU C 406 0.11 -39.13 10.04
CA GLU C 406 -0.13 -40.37 10.77
C GLU C 406 1.00 -41.37 10.57
N ASN C 407 1.72 -41.31 9.45
CA ASN C 407 2.79 -42.26 9.20
C ASN C 407 3.93 -42.13 10.22
N ILE C 408 3.98 -41.02 10.96
CA ILE C 408 5.06 -40.80 11.91
C ILE C 408 4.94 -41.76 13.09
N TYR C 409 3.74 -41.95 13.60
CA TYR C 409 3.50 -42.80 14.76
C TYR C 409 2.56 -43.93 14.39
N ASN C 410 2.80 -45.11 14.96
CA ASN C 410 2.04 -46.32 14.64
C ASN C 410 2.07 -46.61 13.15
N LYS D 17 -6.88 36.30 -47.02
CA LYS D 17 -6.78 37.69 -47.44
C LYS D 17 -5.48 38.31 -46.93
N ARG D 18 -5.41 39.65 -46.97
CA ARG D 18 -4.25 40.39 -46.49
C ARG D 18 -4.39 40.76 -45.02
N VAL D 19 -5.15 39.98 -44.26
CA VAL D 19 -5.36 40.26 -42.84
C VAL D 19 -4.03 40.21 -42.09
N LYS D 20 -3.18 39.24 -42.40
CA LYS D 20 -1.87 39.16 -41.74
C LYS D 20 -1.01 40.37 -42.08
N SER D 21 -1.02 40.81 -43.34
CA SER D 21 -0.23 41.97 -43.73
C SER D 21 -0.71 43.23 -43.01
N GLU D 22 -2.03 43.43 -42.94
CA GLU D 22 -2.57 44.58 -42.22
C GLU D 22 -2.26 44.48 -40.73
N TYR D 23 -2.32 43.28 -40.16
CA TYR D 23 -2.01 43.09 -38.75
C TYR D 23 -0.57 43.45 -38.48
N MET D 24 0.35 43.05 -39.37
CA MET D 24 1.76 43.43 -39.20
C MET D 24 1.97 44.93 -39.37
N ARG D 25 1.27 45.54 -40.33
CA ARG D 25 1.41 46.98 -40.54
C ARG D 25 0.99 47.75 -39.30
N LEU D 26 -0.13 47.37 -38.68
CA LEU D 26 -0.52 48.00 -37.42
C LEU D 26 0.41 47.59 -36.29
N ARG D 27 0.90 46.35 -36.33
CA ARG D 27 1.73 45.82 -35.26
C ARG D 27 3.09 46.49 -35.23
N GLN D 28 3.51 47.15 -36.30
CA GLN D 28 4.72 47.98 -36.22
C GLN D 28 4.62 48.95 -35.04
N LEU D 29 3.64 49.87 -35.10
CA LEU D 29 3.45 50.82 -34.01
C LEU D 29 2.95 50.14 -32.74
N LYS D 30 2.12 49.10 -32.88
CA LYS D 30 1.63 48.39 -31.71
C LYS D 30 2.78 47.80 -30.90
N ARG D 31 3.75 47.20 -31.59
CA ARG D 31 4.93 46.63 -30.95
C ARG D 31 5.92 47.70 -30.52
N PHE D 32 5.93 48.86 -31.16
CA PHE D 32 6.70 49.98 -30.60
C PHE D 32 6.18 50.33 -29.21
N ARG D 33 4.87 50.53 -29.10
CA ARG D 33 4.28 50.81 -27.79
C ARG D 33 4.47 49.64 -26.83
N ARG D 34 4.35 48.41 -27.35
CA ARG D 34 4.54 47.23 -26.53
C ARG D 34 5.96 47.14 -25.98
N ALA D 35 6.95 47.48 -26.81
CA ALA D 35 8.33 47.51 -26.33
C ALA D 35 8.52 48.59 -25.28
N ASP D 36 7.90 49.76 -25.49
CA ASP D 36 7.93 50.81 -24.47
C ASP D 36 7.42 50.28 -23.14
N GLU D 37 6.31 49.55 -23.17
CA GLU D 37 5.75 49.01 -21.93
C GLU D 37 6.63 47.91 -21.34
N VAL D 38 7.11 46.98 -22.18
CA VAL D 38 7.79 45.80 -21.66
C VAL D 38 9.21 46.09 -21.20
N LYS D 39 9.83 47.19 -21.66
CA LYS D 39 11.11 47.58 -21.08
C LYS D 39 10.95 47.88 -19.59
N SER D 40 9.95 48.70 -19.25
CA SER D 40 9.65 48.97 -17.85
C SER D 40 9.19 47.71 -17.12
N MET D 41 8.41 46.87 -17.79
CA MET D 41 7.98 45.62 -17.17
C MET D 41 9.17 44.75 -16.80
N PHE D 42 10.12 44.60 -17.72
CA PHE D 42 11.32 43.82 -17.46
C PHE D 42 12.16 44.45 -16.35
N SER D 43 12.27 45.77 -16.33
CA SER D 43 13.04 46.42 -15.28
C SER D 43 12.43 46.16 -13.91
N SER D 44 11.10 46.32 -13.79
CA SER D 44 10.45 46.07 -12.51
C SER D 44 10.55 44.60 -12.11
N ASN D 45 10.40 43.69 -13.08
CA ASN D 45 10.51 42.28 -12.79
C ASN D 45 11.92 41.93 -12.30
N ARG D 46 12.94 42.51 -12.92
CA ARG D 46 14.31 42.24 -12.50
C ARG D 46 14.58 42.82 -11.12
N GLN D 47 14.00 43.99 -10.82
CA GLN D 47 14.17 44.56 -9.47
C GLN D 47 13.56 43.65 -8.42
N LYS D 48 12.32 43.19 -8.65
CA LYS D 48 11.71 42.26 -7.71
C LYS D 48 12.47 40.94 -7.65
N ILE D 49 13.04 40.50 -8.78
CA ILE D 49 13.85 39.29 -8.80
C ILE D 49 15.07 39.46 -7.91
N LEU D 50 15.73 40.61 -8.01
CA LEU D 50 16.88 40.87 -7.16
C LEU D 50 16.50 40.83 -5.69
N GLU D 51 15.37 41.46 -5.35
CA GLU D 51 14.95 41.46 -3.94
C GLU D 51 14.62 40.06 -3.44
N ARG D 52 13.86 39.29 -4.22
CA ARG D 52 13.49 37.93 -3.80
C ARG D 52 14.72 37.04 -3.70
N THR D 53 15.63 37.13 -4.67
CA THR D 53 16.84 36.31 -4.62
C THR D 53 17.73 36.72 -3.45
N GLU D 54 17.75 38.00 -3.11
CA GLU D 54 18.48 38.45 -1.94
C GLU D 54 17.90 37.83 -0.67
N ILE D 55 16.57 37.80 -0.57
CA ILE D 55 15.92 37.17 0.59
C ILE D 55 16.26 35.69 0.65
N LEU D 56 16.20 35.00 -0.49
CA LEU D 56 16.49 33.57 -0.52
C LEU D 56 17.94 33.31 -0.15
N ASN D 57 18.86 34.13 -0.65
CA ASN D 57 20.27 33.96 -0.32
C ASN D 57 20.52 34.19 1.17
N GLN D 58 19.87 35.19 1.75
CA GLN D 58 19.97 35.41 3.18
C GLN D 58 19.44 34.23 3.98
N GLU D 59 18.32 33.65 3.56
CA GLU D 59 17.80 32.47 4.24
C GLU D 59 18.72 31.27 4.10
N TRP D 60 19.41 31.15 2.97
CA TRP D 60 20.32 30.03 2.77
C TRP D 60 21.60 30.20 3.57
N LYS D 61 22.07 31.45 3.73
CA LYS D 61 23.38 31.68 4.34
C LYS D 61 23.44 31.21 5.78
N GLN D 62 22.30 31.09 6.45
CA GLN D 62 22.28 30.79 7.89
C GLN D 62 22.45 29.31 8.20
N ARG D 63 22.50 28.45 7.21
CA ARG D 63 22.47 27.00 7.43
C ARG D 63 23.81 26.37 7.04
N ARG D 64 24.25 25.42 7.85
CA ARG D 64 25.47 24.64 7.59
C ARG D 64 25.07 23.20 7.32
N ILE D 65 25.67 22.59 6.30
CA ILE D 65 25.29 21.27 5.84
C ILE D 65 26.53 20.39 5.70
N GLN D 66 26.44 19.16 6.19
CA GLN D 66 27.56 18.23 6.14
C GLN D 66 27.91 17.89 4.69
N PRO D 67 29.16 18.05 4.28
CA PRO D 67 29.54 17.68 2.92
C PRO D 67 29.50 16.18 2.69
N VAL D 68 29.32 15.80 1.43
CA VAL D 68 29.29 14.40 1.03
C VAL D 68 30.71 13.90 0.81
N HIS D 69 30.97 12.64 1.18
CA HIS D 69 32.29 12.06 1.03
C HIS D 69 32.29 11.07 -0.13
N ILE D 70 33.50 10.72 -0.58
CA ILE D 70 33.62 9.75 -1.65
C ILE D 70 33.16 8.38 -1.17
N LEU D 71 32.95 7.47 -2.12
CA LEU D 71 32.41 6.14 -1.83
C LEU D 71 33.57 5.13 -1.78
N THR D 72 33.93 4.73 -0.57
CA THR D 72 34.88 3.64 -0.39
C THR D 72 34.18 2.31 -0.68
N SER D 73 34.91 1.37 -1.26
CA SER D 73 34.34 0.06 -1.58
C SER D 73 33.85 -0.63 -0.32
N VAL D 74 32.53 -0.82 -0.21
CA VAL D 74 31.95 -1.42 0.98
C VAL D 74 32.28 -2.90 1.05
N SER D 75 32.45 -3.39 2.26
CA SER D 75 32.72 -4.82 2.47
C SER D 75 31.51 -5.70 2.22
N SER D 76 30.37 -5.12 1.83
CA SER D 76 29.18 -5.93 1.56
C SER D 76 29.19 -6.57 0.19
N LEU D 77 30.08 -6.14 -0.72
CA LEU D 77 30.10 -6.69 -2.07
C LEU D 77 31.53 -6.67 -2.60
N ARG D 78 32.24 -7.80 -2.46
CA ARG D 78 33.55 -7.92 -3.09
C ARG D 78 33.43 -8.19 -4.58
N GLY D 79 32.55 -9.12 -4.95
CA GLY D 79 32.26 -9.38 -6.35
C GLY D 79 30.88 -8.86 -6.73
N THR D 80 30.84 -7.77 -7.47
CA THR D 80 29.58 -7.13 -7.83
C THR D 80 29.79 -6.38 -9.14
N ARG D 81 28.83 -5.52 -9.49
CA ARG D 81 28.91 -4.72 -10.69
C ARG D 81 29.50 -3.35 -10.37
N GLU D 82 30.41 -2.90 -11.23
CA GLU D 82 31.03 -1.59 -11.09
C GLU D 82 30.88 -0.81 -12.40
N CYS D 83 30.57 0.47 -12.28
CA CYS D 83 30.36 1.33 -13.42
C CYS D 83 31.62 2.13 -13.72
N SER D 84 32.04 2.11 -14.98
CA SER D 84 33.26 2.80 -15.41
C SER D 84 32.85 4.05 -16.17
N VAL D 85 32.79 5.18 -15.45
CA VAL D 85 32.46 6.46 -16.07
C VAL D 85 33.67 6.90 -16.89
N THR D 86 33.56 6.79 -18.21
CA THR D 86 34.67 7.14 -19.09
C THR D 86 34.61 8.63 -19.45
N SER D 87 35.71 9.11 -20.01
CA SER D 87 35.82 10.50 -20.43
C SER D 87 36.39 10.57 -21.85
N ASP D 88 35.93 11.57 -22.60
CA ASP D 88 36.43 11.78 -23.95
C ASP D 88 37.81 12.43 -23.97
N LEU D 89 38.23 13.04 -22.86
CA LEU D 89 39.52 13.70 -22.75
C LEU D 89 40.53 12.75 -22.11
N ASP D 90 41.69 13.30 -21.74
CA ASP D 90 42.78 12.52 -21.16
C ASP D 90 42.50 12.08 -19.73
N PHE D 91 41.40 12.52 -19.12
CA PHE D 91 41.10 12.15 -17.75
C PHE D 91 40.92 10.63 -17.65
N PRO D 92 41.46 10.00 -16.61
CA PRO D 92 41.31 8.55 -16.47
C PRO D 92 39.87 8.16 -16.18
N THR D 93 39.49 6.97 -16.65
CA THR D 93 38.16 6.45 -16.38
C THR D 93 38.04 6.04 -14.91
N GLN D 94 36.97 6.48 -14.26
CA GLN D 94 36.75 6.21 -12.85
C GLN D 94 35.77 5.06 -12.69
N VAL D 95 36.10 4.14 -11.78
CA VAL D 95 35.31 2.94 -11.55
C VAL D 95 34.88 2.91 -10.09
N ILE D 96 33.59 2.73 -9.84
CA ILE D 96 33.05 2.70 -8.48
C ILE D 96 32.07 1.54 -8.40
N PRO D 97 31.91 0.88 -7.24
CA PRO D 97 30.92 -0.18 -7.13
C PRO D 97 29.51 0.36 -6.92
N LEU D 98 28.54 -0.20 -7.65
CA LEU D 98 27.16 0.25 -7.54
C LEU D 98 26.57 -0.16 -6.19
N LYS D 99 25.80 0.74 -5.59
CA LYS D 99 25.01 0.41 -4.41
C LYS D 99 23.62 -0.03 -4.86
N THR D 100 23.18 -1.19 -4.38
CA THR D 100 21.91 -1.75 -4.80
C THR D 100 20.77 -1.13 -3.99
N LEU D 101 19.85 -0.45 -4.67
CA LEU D 101 18.72 0.16 -4.00
C LEU D 101 17.74 -0.90 -3.51
N ASN D 102 17.15 -0.66 -2.35
CA ASN D 102 16.15 -1.57 -1.83
C ASN D 102 14.90 -1.53 -2.70
N ALA D 103 14.30 -2.70 -2.91
CA ALA D 103 13.13 -2.78 -3.77
C ALA D 103 11.90 -2.18 -3.08
N VAL D 104 10.96 -1.73 -3.90
CA VAL D 104 9.71 -1.15 -3.42
C VAL D 104 8.56 -1.81 -4.16
N ALA D 105 7.52 -2.20 -3.42
CA ALA D 105 6.35 -2.82 -4.02
C ALA D 105 5.57 -1.75 -4.76
N SER D 106 5.59 -1.79 -6.08
CA SER D 106 4.92 -0.78 -6.88
C SER D 106 3.42 -1.07 -6.95
N VAL D 107 2.71 -0.22 -7.68
CA VAL D 107 1.26 -0.35 -7.84
C VAL D 107 0.93 -0.31 -9.34
N PRO D 108 -0.16 -0.92 -9.78
CA PRO D 108 -0.48 -0.93 -11.21
C PRO D 108 -0.85 0.45 -11.72
N ILE D 109 -0.89 0.55 -13.05
CA ILE D 109 -1.18 1.82 -13.71
C ILE D 109 -2.62 2.23 -13.43
N MET D 110 -2.82 3.49 -13.05
CA MET D 110 -4.16 4.03 -12.86
C MET D 110 -4.12 5.54 -13.03
N TYR D 111 -4.69 6.04 -14.12
CA TYR D 111 -4.71 7.47 -14.37
C TYR D 111 -5.64 8.17 -13.38
N SER D 112 -5.44 9.49 -13.25
CA SER D 112 -6.26 10.27 -12.33
C SER D 112 -7.72 10.26 -12.77
N TRP D 113 -8.62 10.32 -11.78
CA TRP D 113 -10.04 10.33 -12.04
C TRP D 113 -10.75 11.04 -10.91
N SER D 114 -11.71 11.84 -11.24
CA SER D 114 -12.43 12.46 -10.16
C SER D 114 -13.55 11.55 -9.65
N PRO D 115 -13.81 11.56 -8.35
CA PRO D 115 -14.93 10.76 -7.83
C PRO D 115 -16.25 11.26 -8.38
N LEU D 116 -17.16 10.33 -8.63
CA LEU D 116 -18.45 10.65 -9.21
C LEU D 116 -19.50 9.70 -8.68
N GLN D 117 -20.63 10.26 -8.27
CA GLN D 117 -21.75 9.47 -7.78
C GLN D 117 -22.97 9.53 -8.68
N GLN D 118 -23.03 10.49 -9.60
CA GLN D 118 -24.08 10.60 -10.60
C GLN D 118 -23.44 10.49 -11.98
N ASN D 119 -24.23 10.78 -13.02
CA ASN D 119 -23.73 10.78 -14.38
C ASN D 119 -23.39 12.21 -14.80
N PHE D 120 -22.86 12.35 -16.01
CA PHE D 120 -22.22 13.61 -16.43
C PHE D 120 -22.24 13.68 -17.95
N MET D 121 -23.06 14.56 -18.51
CA MET D 121 -22.98 14.79 -19.95
C MET D 121 -21.79 15.70 -20.26
N VAL D 122 -21.09 15.36 -21.34
CA VAL D 122 -19.97 16.16 -21.83
C VAL D 122 -20.41 16.78 -23.15
N GLU D 123 -20.27 18.10 -23.25
CA GLU D 123 -20.53 18.76 -24.52
C GLU D 123 -19.59 18.21 -25.59
N ASP D 124 -20.15 17.88 -26.75
CA ASP D 124 -19.39 17.23 -27.80
C ASP D 124 -18.23 18.13 -28.23
N GLU D 125 -17.00 17.70 -27.92
CA GLU D 125 -15.80 18.46 -28.28
C GLU D 125 -15.47 18.15 -29.73
N THR D 126 -15.91 19.02 -30.64
CA THR D 126 -15.71 18.79 -32.05
C THR D 126 -14.24 18.87 -32.45
N VAL D 127 -13.40 19.51 -31.64
CA VAL D 127 -11.98 19.66 -31.93
C VAL D 127 -11.20 18.69 -31.06
N LEU D 128 -10.14 18.11 -31.63
CA LEU D 128 -9.28 17.20 -30.88
C LEU D 128 -8.56 17.96 -29.79
N HIS D 129 -8.65 17.47 -28.55
CA HIS D 129 -8.04 18.17 -27.42
C HIS D 129 -6.52 18.23 -27.57
N ASN D 130 -5.89 17.08 -27.82
CA ASN D 130 -4.47 16.99 -28.04
C ASN D 130 -4.14 15.59 -28.55
N ILE D 131 -3.09 15.51 -29.35
CA ILE D 131 -2.66 14.20 -29.86
C ILE D 131 -2.00 13.41 -28.73
N PRO D 132 -2.52 12.25 -28.36
CA PRO D 132 -1.91 11.48 -27.27
C PRO D 132 -0.59 10.85 -27.70
N TYR D 133 0.24 10.57 -26.70
CA TYR D 133 1.53 9.94 -26.94
C TYR D 133 1.39 8.41 -26.96
N MET D 134 2.20 7.77 -27.80
CA MET D 134 2.19 6.32 -27.90
C MET D 134 3.62 5.78 -27.82
N GLY D 135 3.80 4.49 -28.09
CA GLY D 135 5.05 3.81 -27.85
C GLY D 135 6.24 4.25 -28.68
N ASP D 136 6.03 5.06 -29.71
CA ASP D 136 7.09 5.57 -30.59
C ASP D 136 7.78 4.47 -31.37
N GLU D 137 7.27 3.24 -31.34
CA GLU D 137 7.85 2.12 -32.07
C GLU D 137 6.88 1.52 -33.09
N VAL D 138 5.64 1.26 -32.68
CA VAL D 138 4.67 0.66 -33.58
C VAL D 138 4.28 1.62 -34.70
N LEU D 139 4.18 2.92 -34.37
CA LEU D 139 3.81 3.91 -35.37
C LEU D 139 4.87 4.13 -36.43
N ASP D 140 6.08 3.61 -36.24
CA ASP D 140 7.13 3.76 -37.25
C ASP D 140 6.75 3.05 -38.54
N GLN D 141 6.09 1.90 -38.45
CA GLN D 141 5.64 1.16 -39.62
C GLN D 141 4.14 1.22 -39.84
N ASP D 142 3.37 1.77 -38.89
CA ASP D 142 1.93 1.88 -39.00
C ASP D 142 1.47 3.27 -38.59
N GLY D 143 2.13 4.29 -39.14
CA GLY D 143 1.80 5.67 -38.79
C GLY D 143 0.47 6.15 -39.33
N THR D 144 -0.20 5.36 -40.18
CA THR D 144 -1.47 5.78 -40.75
C THR D 144 -2.58 5.87 -39.71
N PHE D 145 -2.36 5.34 -38.50
CA PHE D 145 -3.36 5.48 -37.45
C PHE D 145 -3.57 6.93 -37.06
N ILE D 146 -2.51 7.73 -37.08
CA ILE D 146 -2.64 9.16 -36.79
C ILE D 146 -3.52 9.84 -37.83
N GLU D 147 -3.30 9.54 -39.10
CA GLU D 147 -4.14 10.09 -40.16
C GLU D 147 -5.58 9.61 -40.03
N GLU D 148 -5.79 8.35 -39.65
CA GLU D 148 -7.14 7.87 -39.41
C GLU D 148 -7.82 8.64 -38.29
N LEU D 149 -7.09 8.91 -37.21
CA LEU D 149 -7.66 9.67 -36.09
C LEU D 149 -7.98 11.10 -36.51
N ILE D 150 -7.08 11.76 -37.25
CA ILE D 150 -7.36 13.14 -37.65
C ILE D 150 -8.50 13.17 -38.66
N LYS D 151 -8.66 12.13 -39.47
CA LYS D 151 -9.84 12.05 -40.34
C LYS D 151 -11.10 11.84 -39.53
N ASN D 152 -11.02 11.08 -38.44
CA ASN D 152 -12.15 10.96 -37.53
C ASN D 152 -12.54 12.31 -36.96
N TYR D 153 -11.54 13.13 -36.62
CA TYR D 153 -11.84 14.50 -36.22
C TYR D 153 -11.87 15.44 -37.41
N ASP D 154 -11.66 14.91 -38.62
CA ASP D 154 -11.67 15.69 -39.86
C ASP D 154 -10.69 16.85 -39.79
N GLY D 155 -9.50 16.61 -39.25
CA GLY D 155 -8.46 17.61 -39.19
C GLY D 155 -8.61 18.64 -38.09
N LYS D 156 -9.65 18.55 -37.28
CA LYS D 156 -9.89 19.53 -36.23
C LYS D 156 -9.14 19.18 -34.96
N VAL D 157 -7.87 19.54 -34.90
CA VAL D 157 -7.04 19.39 -33.71
C VAL D 157 -6.70 20.77 -33.18
N HIS D 158 -6.66 20.91 -31.86
CA HIS D 158 -6.45 22.22 -31.24
C HIS D 158 -5.18 22.89 -31.77
N GLY D 159 -5.32 24.13 -32.20
CA GLY D 159 -4.21 24.89 -32.72
C GLY D 159 -3.86 24.64 -34.17
N ASP D 160 -4.64 23.83 -34.89
CA ASP D 160 -4.34 23.54 -36.29
C ASP D 160 -4.58 24.75 -37.16
N ARG D 161 -3.57 25.12 -37.94
CA ARG D 161 -3.65 26.25 -38.89
C ARG D 161 -4.09 27.53 -38.18
N GLU D 162 -3.59 27.74 -36.95
CA GLU D 162 -3.98 28.91 -36.18
C GLU D 162 -3.48 30.21 -36.77
N CYS D 163 -2.44 30.18 -37.60
CA CYS D 163 -1.85 31.38 -38.19
C CYS D 163 -1.48 32.40 -37.11
N GLY D 164 -0.90 31.90 -36.03
CA GLY D 164 -0.56 32.75 -34.90
C GLY D 164 -1.68 32.87 -33.89
N PHE D 165 -1.86 34.06 -33.33
CA PHE D 165 -2.92 34.30 -32.37
C PHE D 165 -3.35 35.76 -32.45
N ILE D 166 -4.57 36.02 -31.99
CA ILE D 166 -5.15 37.35 -32.00
C ILE D 166 -5.68 37.67 -30.61
N ASN D 167 -5.35 38.85 -30.10
CA ASN D 167 -5.80 39.30 -28.79
C ASN D 167 -7.05 40.17 -28.87
N ASP D 168 -7.84 40.03 -29.93
CA ASP D 168 -9.08 40.76 -30.20
C ASP D 168 -8.85 42.24 -30.47
N GLU D 169 -7.60 42.71 -30.46
CA GLU D 169 -7.32 44.10 -30.79
C GLU D 169 -6.90 44.26 -32.25
N ILE D 170 -5.93 43.45 -32.69
CA ILE D 170 -5.54 43.47 -34.10
C ILE D 170 -6.69 42.98 -34.97
N PHE D 171 -7.45 41.99 -34.50
CA PHE D 171 -8.62 41.53 -35.25
C PHE D 171 -9.65 42.63 -35.36
N VAL D 172 -9.89 43.38 -34.29
CA VAL D 172 -10.85 44.49 -34.33
C VAL D 172 -10.37 45.56 -35.29
N GLU D 173 -9.08 45.87 -35.26
CA GLU D 173 -8.52 46.87 -36.18
C GLU D 173 -8.68 46.43 -37.63
N LEU D 174 -8.40 45.15 -37.91
CA LEU D 174 -8.55 44.64 -39.27
C LEU D 174 -10.01 44.67 -39.71
N VAL D 175 -10.93 44.31 -38.81
CA VAL D 175 -12.35 44.35 -39.14
C VAL D 175 -12.80 45.78 -39.45
N ASN D 176 -12.34 46.74 -38.64
CA ASN D 176 -12.67 48.13 -38.91
C ASN D 176 -12.09 48.59 -40.24
N ALA D 177 -10.85 48.18 -40.54
CA ALA D 177 -10.24 48.54 -41.81
C ALA D 177 -10.80 47.74 -42.98
N LEU D 178 -11.54 46.66 -42.71
CA LEU D 178 -12.11 45.83 -43.76
C LEU D 178 -13.42 46.43 -44.25
N GLY D 179 -13.30 47.61 -44.86
CA GLY D 179 -14.45 48.27 -45.44
C GLY D 179 -14.77 47.77 -46.83
N GLN D 180 -15.85 48.32 -47.39
CA GLN D 180 -16.28 47.95 -48.74
C GLN D 180 -15.31 48.55 -49.75
N TYR D 181 -14.38 47.74 -50.23
CA TYR D 181 -13.38 48.19 -51.20
C TYR D 181 -12.93 47.06 -52.10
N SER D 220 -17.86 42.66 -42.75
CA SER D 220 -19.19 42.30 -42.30
C SER D 220 -19.39 40.79 -42.30
N ASP D 221 -19.57 40.22 -43.49
CA ASP D 221 -19.76 38.78 -43.66
C ASP D 221 -18.55 38.11 -44.28
N LYS D 222 -18.06 38.62 -45.42
CA LYS D 222 -16.87 38.06 -46.02
C LYS D 222 -15.65 38.23 -45.12
N ILE D 223 -15.53 39.40 -44.49
CA ILE D 223 -14.46 39.62 -43.52
C ILE D 223 -14.61 38.69 -42.34
N PHE D 224 -15.86 38.45 -41.90
CA PHE D 224 -16.10 37.52 -40.81
C PHE D 224 -15.67 36.10 -41.19
N GLU D 225 -16.00 35.68 -42.41
CA GLU D 225 -15.59 34.35 -42.87
C GLU D 225 -14.07 34.24 -42.95
N ALA D 226 -13.41 35.29 -43.45
CA ALA D 226 -11.96 35.27 -43.53
C ALA D 226 -11.33 35.20 -42.14
N ILE D 227 -11.87 35.95 -41.18
CA ILE D 227 -11.35 35.92 -39.83
C ILE D 227 -11.55 34.55 -39.20
N SER D 228 -12.73 33.95 -39.41
CA SER D 228 -12.99 32.61 -38.87
C SER D 228 -12.05 31.58 -39.47
N SER D 229 -11.81 31.66 -40.79
CA SER D 229 -10.91 30.73 -41.44
C SER D 229 -9.48 30.89 -40.95
N MET D 230 -9.03 32.14 -40.81
CA MET D 230 -7.66 32.42 -40.39
C MET D 230 -7.43 32.21 -38.90
N PHE D 231 -8.49 32.09 -38.11
CA PHE D 231 -8.34 31.93 -36.66
C PHE D 231 -9.38 30.96 -36.12
N PRO D 232 -8.97 29.75 -35.70
CA PRO D 232 -9.93 28.79 -35.12
C PRO D 232 -10.40 29.16 -33.74
N ASP D 233 -9.83 30.20 -33.11
CA ASP D 233 -10.27 30.60 -31.77
C ASP D 233 -11.73 31.04 -31.80
N LYS D 234 -12.11 31.84 -32.80
CA LYS D 234 -13.51 32.22 -32.96
C LYS D 234 -14.29 31.12 -33.68
N GLY D 235 -13.90 30.81 -34.91
CA GLY D 235 -14.49 29.71 -35.65
C GLY D 235 -15.96 29.87 -35.97
N THR D 236 -16.50 31.08 -35.85
CA THR D 236 -17.91 31.31 -36.13
C THR D 236 -18.13 32.79 -36.41
N ALA D 237 -19.09 33.08 -37.29
CA ALA D 237 -19.44 34.46 -37.59
C ALA D 237 -20.21 35.13 -36.45
N GLU D 238 -20.70 34.35 -35.49
CA GLU D 238 -21.43 34.94 -34.36
C GLU D 238 -20.51 35.84 -33.53
N GLU D 239 -19.28 35.39 -33.27
CA GLU D 239 -18.33 36.21 -32.55
C GLU D 239 -17.95 37.46 -33.34
N LEU D 240 -17.78 37.34 -34.65
CA LEU D 240 -17.47 38.50 -35.47
C LEU D 240 -18.61 39.52 -35.44
N LYS D 241 -19.86 39.04 -35.52
CA LYS D 241 -21.00 39.95 -35.44
C LYS D 241 -21.12 40.58 -34.06
N GLU D 242 -20.81 39.83 -33.00
CA GLU D 242 -20.81 40.40 -31.66
C GLU D 242 -19.76 41.50 -31.54
N LYS D 243 -18.57 41.27 -32.08
CA LYS D 243 -17.53 42.30 -32.06
C LYS D 243 -17.95 43.51 -32.88
N TYR D 244 -18.60 43.29 -34.03
CA TYR D 244 -19.09 44.39 -34.85
C TYR D 244 -20.11 45.22 -34.08
N LYS D 245 -21.05 44.55 -33.40
CA LYS D 245 -22.05 45.27 -32.62
C LYS D 245 -21.41 46.03 -31.46
N GLU D 246 -20.42 45.42 -30.80
CA GLU D 246 -19.73 46.09 -29.71
C GLU D 246 -19.00 47.34 -30.20
N LEU D 247 -18.35 47.23 -31.36
CA LEU D 247 -17.66 48.39 -31.93
C LEU D 247 -18.64 49.48 -32.35
N THR D 248 -19.80 49.09 -32.90
CA THR D 248 -20.77 50.08 -33.35
C THR D 248 -21.43 50.79 -32.16
N GLU D 249 -21.71 50.05 -31.09
CA GLU D 249 -22.40 50.62 -29.94
C GLU D 249 -21.45 51.18 -28.90
N GLN D 250 -20.34 50.48 -28.63
CA GLN D 250 -19.35 50.88 -27.62
C GLN D 250 -19.99 51.05 -26.24
N GLN D 251 -20.97 50.21 -25.93
CA GLN D 251 -21.64 50.27 -24.63
C GLN D 251 -22.24 48.90 -24.33
N LEU D 252 -22.40 48.62 -23.04
CA LEU D 252 -22.98 47.36 -22.58
C LEU D 252 -24.10 47.66 -21.60
N PRO D 253 -25.24 46.94 -21.70
CA PRO D 253 -26.33 47.19 -20.74
C PRO D 253 -25.93 46.94 -19.30
N GLY D 254 -25.07 45.97 -19.05
CA GLY D 254 -24.61 45.64 -17.71
C GLY D 254 -24.62 44.16 -17.50
N ALA D 255 -24.53 43.76 -16.22
CA ALA D 255 -24.57 42.33 -15.88
C ALA D 255 -25.92 41.72 -16.23
N LEU D 256 -26.98 42.52 -16.22
CA LEU D 256 -28.29 42.05 -16.63
C LEU D 256 -28.32 41.79 -18.14
N PRO D 257 -29.27 41.00 -18.62
CA PRO D 257 -29.41 40.79 -20.07
C PRO D 257 -29.68 42.09 -20.79
N PRO D 258 -29.69 42.09 -22.13
CA PRO D 258 -30.01 43.33 -22.86
C PRO D 258 -31.32 43.97 -22.42
N GLU D 259 -32.31 43.16 -22.06
CA GLU D 259 -33.47 43.66 -21.32
C GLU D 259 -33.08 43.66 -19.85
N CYS D 260 -32.74 44.83 -19.32
CA CYS D 260 -32.17 44.92 -17.98
C CYS D 260 -33.15 44.43 -16.93
N THR D 261 -32.79 43.33 -16.27
CA THR D 261 -33.61 42.72 -15.23
C THR D 261 -32.76 42.51 -13.99
N PRO D 262 -32.46 43.56 -13.25
CA PRO D 262 -31.66 43.40 -12.02
C PRO D 262 -32.43 42.65 -10.95
N ASN D 263 -31.68 42.10 -10.00
CA ASN D 263 -32.28 41.32 -8.93
C ASN D 263 -33.18 42.21 -8.07
N ILE D 264 -34.17 41.56 -7.43
CA ILE D 264 -35.13 42.29 -6.62
C ILE D 264 -34.45 42.95 -5.43
N ASP D 265 -33.55 42.23 -4.77
CA ASP D 265 -32.90 42.76 -3.57
C ASP D 265 -31.86 43.83 -3.87
N GLY D 266 -31.47 44.01 -5.13
CA GLY D 266 -30.47 44.99 -5.48
C GLY D 266 -31.04 46.40 -5.48
N PRO D 267 -30.12 47.38 -5.35
CA PRO D 267 -30.56 48.78 -5.38
C PRO D 267 -31.11 49.23 -6.72
N ASN D 268 -30.74 48.57 -7.81
CA ASN D 268 -31.25 48.94 -9.13
C ASN D 268 -32.57 48.25 -9.39
N ALA D 269 -33.56 48.49 -8.52
CA ALA D 269 -34.86 47.87 -8.67
C ALA D 269 -35.56 48.39 -9.92
N LYS D 270 -36.42 47.55 -10.48
CA LYS D 270 -37.17 47.92 -11.68
C LYS D 270 -38.48 47.17 -11.70
N SER D 271 -39.51 47.82 -12.23
CA SER D 271 -40.84 47.23 -12.35
C SER D 271 -40.88 46.41 -13.64
N VAL D 272 -40.79 45.09 -13.50
CA VAL D 272 -40.77 44.17 -14.62
C VAL D 272 -41.83 43.10 -14.39
N GLN D 273 -42.53 42.73 -15.46
CA GLN D 273 -43.61 41.75 -15.35
C GLN D 273 -43.06 40.39 -14.89
N ARG D 274 -43.99 39.53 -14.47
CA ARG D 274 -43.61 38.26 -13.86
C ARG D 274 -42.83 37.38 -14.82
N GLU D 275 -43.24 37.32 -16.08
CA GLU D 275 -42.62 36.39 -17.03
C GLU D 275 -41.15 36.73 -17.22
N GLN D 276 -40.83 38.00 -17.46
CA GLN D 276 -39.44 38.37 -17.67
C GLN D 276 -38.62 38.24 -16.39
N SER D 277 -39.23 38.53 -15.23
CA SER D 277 -38.50 38.41 -13.97
C SER D 277 -38.11 36.97 -13.69
N LEU D 278 -39.02 36.02 -13.95
CA LEU D 278 -38.75 34.62 -13.69
C LEU D 278 -38.26 33.87 -14.93
N HIS D 279 -37.98 34.59 -16.03
CA HIS D 279 -37.49 33.93 -17.23
C HIS D 279 -36.17 33.20 -16.98
N SER D 280 -35.24 33.83 -16.28
CA SER D 280 -33.97 33.18 -16.00
C SER D 280 -34.16 31.92 -15.17
N PHE D 281 -34.98 32.01 -14.11
CA PHE D 281 -35.22 30.84 -13.28
C PHE D 281 -35.87 29.72 -14.08
N HIS D 282 -36.86 30.04 -14.91
CA HIS D 282 -37.54 29.02 -15.68
C HIS D 282 -36.60 28.39 -16.72
N THR D 283 -35.75 29.20 -17.35
CA THR D 283 -34.90 28.68 -18.41
C THR D 283 -33.75 27.84 -17.87
N LEU D 284 -33.11 28.27 -16.79
CA LEU D 284 -31.95 27.54 -16.30
C LEU D 284 -32.29 26.45 -15.29
N PHE D 285 -33.45 26.50 -14.63
CA PHE D 285 -33.81 25.43 -13.73
C PHE D 285 -34.13 24.17 -14.51
N CYS D 286 -33.74 23.03 -13.94
CA CYS D 286 -33.91 21.73 -14.55
C CYS D 286 -34.75 20.86 -13.63
N ARG D 287 -35.90 20.41 -14.12
CA ARG D 287 -36.91 19.83 -13.24
C ARG D 287 -36.54 18.40 -12.84
N ARG D 288 -35.86 17.66 -13.72
CA ARG D 288 -35.71 16.22 -13.51
C ARG D 288 -34.95 15.90 -12.22
N CYS D 289 -33.67 16.26 -12.15
CA CYS D 289 -32.87 15.93 -10.97
C CYS D 289 -32.59 17.15 -10.09
N PHE D 290 -33.45 18.16 -10.14
CA PHE D 290 -33.62 19.06 -9.00
C PHE D 290 -32.39 19.95 -8.82
N LYS D 291 -31.81 20.39 -9.94
CA LYS D 291 -30.59 21.17 -9.91
C LYS D 291 -30.67 22.27 -10.96
N TYR D 292 -30.31 23.50 -10.58
CA TYR D 292 -30.14 24.57 -11.55
C TYR D 292 -28.91 24.28 -12.39
N ASP D 293 -29.05 24.41 -13.71
CA ASP D 293 -27.99 24.04 -14.66
C ASP D 293 -27.58 22.58 -14.44
N CYS D 294 -28.53 21.69 -14.73
CA CYS D 294 -28.34 20.26 -14.57
C CYS D 294 -27.03 19.80 -15.18
N PHE D 295 -26.30 18.98 -14.45
CA PHE D 295 -25.05 18.40 -14.92
C PHE D 295 -25.28 17.14 -15.74
N LEU D 296 -26.52 16.66 -15.79
CA LEU D 296 -26.87 15.45 -16.53
C LEU D 296 -28.14 15.64 -17.35
N HIS D 297 -28.44 16.89 -17.74
CA HIS D 297 -29.63 17.18 -18.54
C HIS D 297 -29.38 18.38 -19.44
N PRO D 298 -29.84 18.34 -20.69
CA PRO D 298 -29.70 19.50 -21.57
C PRO D 298 -30.71 20.58 -21.25
N PHE D 299 -30.40 21.79 -21.70
CA PHE D 299 -31.27 22.94 -21.44
C PHE D 299 -32.39 23.08 -22.48
N HIS D 300 -32.41 22.24 -23.51
CA HIS D 300 -33.45 22.33 -24.53
C HIS D 300 -34.75 21.72 -24.02
N ALA D 301 -35.58 22.54 -23.37
CA ALA D 301 -36.83 22.06 -22.82
C ALA D 301 -37.82 23.22 -22.73
N THR D 302 -39.09 22.88 -22.61
CA THR D 302 -40.13 23.87 -22.51
C THR D 302 -40.06 24.57 -21.14
N PRO D 303 -40.45 25.85 -21.07
CA PRO D 303 -40.44 26.54 -19.78
C PRO D 303 -41.56 26.10 -18.87
N ASN D 304 -41.70 26.76 -17.72
CA ASN D 304 -42.71 26.43 -16.71
C ASN D 304 -44.13 26.77 -17.15
N THR D 305 -44.36 27.16 -18.39
CA THR D 305 -45.70 27.45 -18.88
C THR D 305 -46.48 26.15 -19.01
N TYR D 306 -47.34 25.88 -18.03
CA TYR D 306 -48.13 24.65 -18.03
C TYR D 306 -49.37 24.89 -17.17
N LYS D 307 -50.35 23.99 -17.33
CA LYS D 307 -51.60 24.11 -16.60
C LYS D 307 -51.39 23.81 -15.11
N ARG D 308 -52.30 24.33 -14.30
CA ARG D 308 -52.25 24.13 -12.86
C ARG D 308 -53.66 24.21 -12.29
N LYS D 309 -53.82 23.67 -11.08
CA LYS D 309 -55.11 23.65 -10.41
C LYS D 309 -55.41 25.06 -9.89
N ASN D 310 -56.34 25.75 -10.54
CA ASN D 310 -56.67 27.11 -10.15
C ASN D 310 -57.43 27.14 -8.83
N THR D 311 -58.38 26.23 -8.66
CA THR D 311 -59.24 26.19 -7.47
C THR D 311 -58.65 25.18 -6.49
N GLU D 312 -57.76 25.67 -5.62
CA GLU D 312 -57.15 24.82 -4.60
C GLU D 312 -57.02 25.57 -3.27
N THR D 313 -57.90 26.54 -3.03
CA THR D 313 -57.84 27.35 -1.82
C THR D 313 -59.20 27.35 -1.12
N ALA D 314 -59.16 27.63 0.18
CA ALA D 314 -60.39 27.70 0.96
C ALA D 314 -61.28 28.85 0.49
N LEU D 315 -60.69 29.99 0.15
CA LEU D 315 -61.42 31.16 -0.33
C LEU D 315 -62.44 31.65 0.68
N ASP D 316 -62.10 31.58 1.97
CA ASP D 316 -62.98 32.05 3.04
C ASP D 316 -62.54 33.46 3.44
N ASN D 317 -63.48 34.41 3.37
CA ASN D 317 -63.16 35.79 3.72
C ASN D 317 -62.92 35.91 5.22
N LYS D 318 -61.80 36.51 5.59
CA LYS D 318 -61.42 36.70 6.98
C LYS D 318 -60.78 38.07 7.14
N PRO D 319 -60.84 38.64 8.35
CA PRO D 319 -60.14 39.92 8.58
C PRO D 319 -58.64 39.74 8.64
N CYS D 320 -57.94 40.19 7.59
CA CYS D 320 -56.49 40.04 7.50
C CYS D 320 -55.80 41.25 8.10
N GLY D 321 -55.89 41.35 9.43
CA GLY D 321 -55.28 42.44 10.16
C GLY D 321 -56.11 43.70 10.11
N PRO D 322 -55.63 44.76 10.76
CA PRO D 322 -56.38 46.03 10.71
C PRO D 322 -56.49 46.60 9.31
N GLN D 323 -55.37 46.65 8.57
CA GLN D 323 -55.38 47.09 7.19
C GLN D 323 -55.62 45.91 6.25
N CYS D 324 -56.82 45.35 6.36
CA CYS D 324 -57.19 44.16 5.60
C CYS D 324 -57.85 44.53 4.27
N TYR D 325 -57.82 43.58 3.33
CA TYR D 325 -58.59 43.75 2.10
C TYR D 325 -60.08 43.78 2.40
N GLN D 326 -60.53 42.98 3.35
CA GLN D 326 -61.91 43.03 3.82
C GLN D 326 -62.05 44.19 4.80
N HIS D 327 -63.18 44.25 5.50
CA HIS D 327 -63.51 45.33 6.44
C HIS D 327 -63.53 46.69 5.75
N LEU D 328 -63.74 46.71 4.44
CA LEU D 328 -63.85 47.94 3.67
C LEU D 328 -64.84 47.71 2.54
N GLU D 329 -65.91 48.50 2.50
CA GLU D 329 -66.99 48.25 1.55
C GLU D 329 -66.50 48.30 0.12
N GLY D 330 -65.73 49.34 -0.22
CA GLY D 330 -65.21 49.44 -1.58
C GLY D 330 -64.28 48.30 -1.94
N ALA D 331 -63.35 47.98 -1.04
CA ALA D 331 -62.44 46.88 -1.29
C ALA D 331 -63.14 45.54 -1.28
N LYS D 332 -64.13 45.36 -0.39
CA LYS D 332 -64.90 44.11 -0.40
C LYS D 332 -65.65 43.93 -1.70
N GLU D 333 -66.26 45.00 -2.22
CA GLU D 333 -66.94 44.91 -3.51
C GLU D 333 -65.95 44.64 -4.64
N PHE D 334 -64.79 45.30 -4.61
CA PHE D 334 -63.77 45.10 -5.63
C PHE D 334 -63.19 43.70 -5.60
N ALA D 335 -63.20 43.05 -4.44
CA ALA D 335 -62.72 41.67 -4.36
C ALA D 335 -63.55 40.75 -5.26
N ALA D 336 -64.87 40.91 -5.22
CA ALA D 336 -65.73 40.12 -6.11
C ALA D 336 -65.70 40.66 -7.53
N ALA D 337 -65.57 41.98 -7.69
CA ALA D 337 -65.58 42.57 -9.03
C ALA D 337 -64.38 42.13 -9.85
N LEU D 338 -63.20 42.08 -9.23
CA LEU D 338 -61.98 41.71 -9.94
C LEU D 338 -61.92 40.22 -10.26
N THR D 339 -62.80 39.41 -9.69
CA THR D 339 -62.80 37.98 -9.95
C THR D 339 -63.27 37.68 -11.37
N PRO D 426 -60.22 55.57 -0.99
CA PRO D 426 -59.08 56.49 -1.01
C PRO D 426 -57.74 55.77 -1.13
N PRO D 427 -57.40 55.31 -2.33
CA PRO D 427 -56.13 54.60 -2.53
C PRO D 427 -54.95 55.56 -2.45
N GLU D 428 -54.14 55.41 -1.40
CA GLU D 428 -52.97 56.25 -1.23
C GLU D 428 -51.91 55.92 -2.26
N ASN D 429 -51.19 56.95 -2.70
CA ASN D 429 -50.11 56.78 -3.69
C ASN D 429 -48.80 56.42 -2.98
N VAL D 430 -48.77 55.21 -2.43
CA VAL D 430 -47.58 54.76 -1.72
C VAL D 430 -46.43 54.58 -2.71
N GLU D 431 -45.20 54.72 -2.19
CA GLU D 431 -44.00 54.63 -3.02
C GLU D 431 -43.69 53.16 -3.27
N TRP D 432 -44.46 52.56 -4.16
CA TRP D 432 -44.23 51.16 -4.56
C TRP D 432 -43.01 51.12 -5.46
N SER D 433 -41.91 50.58 -4.94
CA SER D 433 -40.67 50.53 -5.68
C SER D 433 -40.77 49.55 -6.85
N GLY D 434 -39.79 49.62 -7.75
CA GLY D 434 -39.79 48.73 -8.90
C GLY D 434 -39.71 47.28 -8.50
N ALA D 435 -38.86 46.96 -7.51
CA ALA D 435 -38.78 45.59 -7.02
C ALA D 435 -40.11 45.17 -6.40
N GLU D 436 -40.73 46.06 -5.63
CA GLU D 436 -42.03 45.75 -5.03
C GLU D 436 -43.09 45.51 -6.10
N ALA D 437 -43.12 46.34 -7.15
CA ALA D 437 -44.10 46.15 -8.21
C ALA D 437 -43.86 44.85 -8.96
N SER D 438 -42.61 44.56 -9.28
CA SER D 438 -42.29 43.32 -10.00
C SER D 438 -42.65 42.09 -9.16
N MET D 439 -42.35 42.12 -7.87
CA MET D 439 -42.67 40.99 -7.01
C MET D 439 -44.17 40.89 -6.73
N PHE D 440 -44.90 42.00 -6.74
CA PHE D 440 -46.36 41.91 -6.71
C PHE D 440 -46.89 41.25 -7.98
N ARG D 441 -46.35 41.63 -9.14
CA ARG D 441 -46.73 40.98 -10.39
C ARG D 441 -46.42 39.49 -10.37
N VAL D 442 -45.31 39.09 -9.75
CA VAL D 442 -44.98 37.68 -9.61
C VAL D 442 -45.94 36.96 -8.67
N LEU D 443 -46.21 37.56 -7.51
CA LEU D 443 -47.03 36.91 -6.50
C LEU D 443 -48.48 36.81 -6.92
N ILE D 444 -48.95 37.73 -7.78
CA ILE D 444 -50.32 37.63 -8.26
C ILE D 444 -50.52 36.41 -9.13
N GLY D 445 -49.44 35.82 -9.64
CA GLY D 445 -49.50 34.63 -10.48
C GLY D 445 -49.59 33.31 -9.75
N THR D 446 -49.67 33.34 -8.42
CA THR D 446 -49.78 32.11 -7.64
C THR D 446 -51.07 32.00 -6.83
N TYR D 447 -51.76 33.10 -6.57
CA TYR D 447 -53.06 33.05 -5.91
C TYR D 447 -54.15 33.76 -6.71
N TYR D 448 -53.82 34.90 -7.33
CA TYR D 448 -54.70 35.68 -8.21
C TYR D 448 -55.86 36.30 -7.43
N ASP D 449 -56.04 35.92 -6.17
CA ASP D 449 -57.09 36.51 -5.34
C ASP D 449 -56.68 36.80 -3.91
N ASN D 450 -55.67 36.12 -3.36
CA ASN D 450 -55.38 36.17 -1.93
C ASN D 450 -54.49 37.37 -1.64
N PHE D 451 -55.12 38.50 -1.34
CA PHE D 451 -54.36 39.69 -0.96
C PHE D 451 -53.69 39.51 0.39
N CYS D 452 -54.25 38.67 1.26
CA CYS D 452 -53.68 38.47 2.60
C CYS D 452 -52.28 37.86 2.50
N ALA D 453 -52.16 36.74 1.77
CA ALA D 453 -50.86 36.06 1.68
C ALA D 453 -49.85 36.92 0.94
N ILE D 454 -50.27 37.52 -0.18
CA ILE D 454 -49.35 38.35 -0.96
C ILE D 454 -48.85 39.52 -0.12
N ALA D 455 -49.74 40.19 0.59
CA ALA D 455 -49.35 41.33 1.43
C ALA D 455 -48.49 40.89 2.60
N ARG D 456 -48.76 39.70 3.16
CA ARG D 456 -47.91 39.18 4.22
C ARG D 456 -46.51 38.92 3.70
N LEU D 457 -46.39 38.50 2.44
CA LEU D 457 -45.09 38.38 1.80
C LEU D 457 -44.51 39.72 1.35
N ILE D 458 -45.27 40.81 1.47
CA ILE D 458 -44.80 42.14 1.12
C ILE D 458 -44.45 42.85 2.42
N GLY D 459 -43.17 43.19 2.60
CA GLY D 459 -42.77 43.94 3.77
C GLY D 459 -43.13 45.41 3.71
N THR D 460 -43.36 45.95 2.51
CA THR D 460 -43.57 47.38 2.32
C THR D 460 -45.04 47.77 2.17
N LYS D 461 -45.96 46.82 2.25
CA LYS D 461 -47.38 47.13 2.05
C LYS D 461 -48.22 46.20 2.92
N THR D 462 -49.45 46.63 3.18
CA THR D 462 -50.40 45.89 3.98
C THR D 462 -51.49 45.27 3.09
N CYS D 463 -52.37 44.51 3.72
CA CYS D 463 -53.45 43.85 2.98
C CYS D 463 -54.41 44.87 2.38
N ARG D 464 -54.75 45.92 3.15
CA ARG D 464 -55.50 47.02 2.57
C ARG D 464 -54.71 47.72 1.47
N GLN D 465 -53.41 47.90 1.69
CA GLN D 465 -52.55 48.44 0.64
C GLN D 465 -52.48 47.49 -0.54
N VAL D 466 -52.52 46.18 -0.30
CA VAL D 466 -52.53 45.22 -1.39
C VAL D 466 -53.80 45.37 -2.22
N TYR D 467 -54.95 45.51 -1.55
CA TYR D 467 -56.21 45.71 -2.28
C TYR D 467 -56.21 47.03 -3.03
N GLU D 468 -55.65 48.09 -2.43
CA GLU D 468 -55.58 49.37 -3.11
C GLU D 468 -54.70 49.30 -4.35
N PHE D 469 -53.55 48.63 -4.25
CA PHE D 469 -52.70 48.44 -5.42
C PHE D 469 -53.39 47.58 -6.46
N ARG D 470 -54.17 46.58 -6.03
CA ARG D 470 -54.94 45.78 -6.97
C ARG D 470 -55.91 46.67 -7.75
N VAL D 471 -56.71 47.47 -7.05
CA VAL D 471 -57.67 48.34 -7.72
C VAL D 471 -56.96 49.37 -8.60
N LYS D 472 -55.76 49.78 -8.22
CA LYS D 472 -55.02 50.79 -8.97
C LYS D 472 -54.41 50.24 -10.26
N GLU D 473 -53.85 49.04 -10.22
CA GLU D 473 -53.11 48.50 -11.36
C GLU D 473 -53.72 47.25 -11.96
N SER D 474 -54.04 46.25 -11.14
CA SER D 474 -54.54 44.98 -11.67
C SER D 474 -55.97 45.10 -12.19
N SER D 475 -56.68 46.17 -11.85
CA SER D 475 -57.98 46.41 -12.47
C SER D 475 -57.86 46.67 -13.97
N ILE D 476 -56.69 47.09 -14.43
CA ILE D 476 -56.42 47.25 -15.86
C ILE D 476 -55.62 46.07 -16.41
N ILE D 477 -55.36 45.06 -15.59
CA ILE D 477 -54.62 43.87 -16.02
C ILE D 477 -55.55 42.92 -16.76
N ALA D 478 -54.98 41.94 -17.43
CA ALA D 478 -55.77 40.98 -18.18
C ALA D 478 -56.57 40.08 -17.23
N PRO D 479 -57.75 39.63 -17.66
CA PRO D 479 -58.54 38.73 -16.80
C PRO D 479 -57.85 37.39 -16.60
N ALA D 480 -58.13 36.79 -15.45
CA ALA D 480 -57.54 35.50 -15.13
C ALA D 480 -58.06 34.41 -16.07
N PRO D 481 -57.22 33.44 -16.43
CA PRO D 481 -57.66 32.37 -17.34
C PRO D 481 -58.71 31.46 -16.71
N ALA D 482 -58.45 31.00 -15.49
CA ALA D 482 -59.36 30.11 -14.75
C ALA D 482 -59.69 28.87 -15.58
N GLU D 483 -58.66 28.29 -16.22
CA GLU D 483 -58.83 27.12 -17.06
C GLU D 483 -58.86 25.85 -16.22
N ASP D 484 -59.52 24.83 -16.76
CA ASP D 484 -59.64 23.54 -16.08
C ASP D 484 -59.89 22.46 -17.12
N VAL D 485 -59.69 21.21 -16.70
CA VAL D 485 -59.88 20.06 -17.57
C VAL D 485 -61.11 19.27 -17.09
N ASP D 486 -61.49 18.27 -17.88
CA ASP D 486 -62.66 17.45 -17.60
C ASP D 486 -62.28 16.12 -16.96
N THR D 487 -61.40 15.36 -17.60
CA THR D 487 -60.95 14.04 -17.16
C THR D 487 -62.13 13.11 -16.89
N PRO D 488 -62.83 12.63 -17.91
CA PRO D 488 -63.96 11.72 -17.70
C PRO D 488 -63.56 10.42 -17.00
N PRO D 489 -62.50 9.72 -17.44
CA PRO D 489 -62.30 8.35 -16.93
C PRO D 489 -62.02 8.32 -15.44
N ARG D 490 -62.46 7.23 -14.80
CA ARG D 490 -62.25 7.03 -13.37
C ARG D 490 -61.74 5.64 -13.00
N LYS D 491 -61.65 4.71 -13.95
CA LYS D 491 -61.19 3.35 -13.68
C LYS D 491 -59.66 3.34 -13.71
N LYS D 492 -59.07 3.73 -12.58
CA LYS D 492 -57.61 3.76 -12.48
C LYS D 492 -57.03 2.35 -12.51
N LYS D 493 -57.71 1.40 -11.87
CA LYS D 493 -57.21 0.03 -11.84
C LYS D 493 -57.19 -0.58 -13.24
N ARG D 494 -58.23 -0.32 -14.04
CA ARG D 494 -58.30 -0.88 -15.38
C ARG D 494 -57.28 -0.28 -16.33
N LYS D 495 -56.62 0.82 -15.94
CA LYS D 495 -55.65 1.45 -16.82
C LYS D 495 -54.44 0.56 -17.06
N HIS D 496 -54.12 -0.32 -16.11
CA HIS D 496 -52.97 -1.20 -16.27
C HIS D 496 -53.18 -2.18 -17.42
N ARG D 497 -54.40 -2.68 -17.59
CA ARG D 497 -54.67 -3.63 -18.66
C ARG D 497 -54.48 -2.98 -20.03
N LEU D 498 -54.98 -1.76 -20.21
CA LEU D 498 -54.73 -1.04 -21.45
C LEU D 498 -53.26 -0.65 -21.57
N TRP D 499 -52.65 -0.28 -20.45
CA TRP D 499 -51.21 -0.04 -20.44
C TRP D 499 -50.49 -1.25 -21.02
N ALA D 500 -50.79 -2.43 -20.48
CA ALA D 500 -50.21 -3.66 -20.98
C ALA D 500 -50.59 -3.91 -22.43
N ALA D 501 -51.73 -3.39 -22.87
CA ALA D 501 -52.09 -3.51 -24.28
C ALA D 501 -51.10 -2.74 -25.16
N HIS D 502 -50.77 -1.51 -24.76
CA HIS D 502 -49.74 -0.79 -25.52
C HIS D 502 -48.38 -1.48 -25.44
N CYS D 503 -48.01 -2.00 -24.27
CA CYS D 503 -46.74 -2.72 -24.18
C CYS D 503 -46.74 -3.95 -25.09
N ARG D 504 -47.87 -4.65 -25.16
CA ARG D 504 -47.98 -5.80 -26.04
C ARG D 504 -47.88 -5.40 -27.50
N LYS D 505 -48.48 -4.27 -27.86
CA LYS D 505 -48.34 -3.75 -29.22
C LYS D 505 -46.86 -3.49 -29.54
N ILE D 506 -46.15 -2.87 -28.61
CA ILE D 506 -44.73 -2.59 -28.82
C ILE D 506 -43.96 -3.91 -28.96
N GLN D 507 -44.20 -4.85 -28.04
CA GLN D 507 -43.45 -6.10 -28.00
C GLN D 507 -43.81 -7.03 -29.14
N LEU D 508 -44.92 -6.78 -29.83
CA LEU D 508 -45.26 -7.59 -31.00
C LEU D 508 -44.84 -6.92 -32.30
N LYS D 509 -44.71 -5.60 -32.33
CA LYS D 509 -44.33 -4.92 -33.56
C LYS D 509 -42.83 -4.70 -33.65
N LYS D 510 -42.24 -4.04 -32.64
CA LYS D 510 -40.84 -3.63 -32.71
C LYS D 510 -39.89 -4.64 -32.08
N ASP D 511 -40.36 -5.85 -31.77
CA ASP D 511 -39.49 -6.85 -31.14
C ASP D 511 -38.35 -7.26 -32.06
N GLY D 512 -38.56 -7.21 -33.37
CA GLY D 512 -37.50 -7.57 -34.30
C GLY D 512 -36.29 -6.66 -34.18
N SER D 513 -36.54 -5.36 -33.96
CA SER D 513 -35.49 -4.37 -33.77
C SER D 513 -35.63 -3.69 -32.41
N SER D 514 -35.91 -4.48 -31.37
CA SER D 514 -36.10 -3.96 -30.03
C SER D 514 -34.79 -3.63 -29.33
N ASN D 515 -33.65 -4.03 -29.90
CA ASN D 515 -32.37 -3.72 -29.28
C ASN D 515 -32.06 -2.21 -29.32
N HIS D 516 -32.75 -1.45 -30.16
CA HIS D 516 -32.56 0.00 -30.23
C HIS D 516 -33.41 0.67 -29.17
N VAL D 517 -32.97 0.52 -27.92
CA VAL D 517 -33.61 1.21 -26.81
C VAL D 517 -33.16 2.67 -26.82
N TYR D 518 -34.12 3.58 -26.90
CA TYR D 518 -33.84 4.99 -27.13
C TYR D 518 -33.83 5.75 -25.82
N ASN D 519 -32.92 6.72 -25.71
CA ASN D 519 -32.82 7.54 -24.52
C ASN D 519 -34.13 8.30 -24.29
N TYR D 520 -34.62 8.27 -23.05
CA TYR D 520 -35.88 8.92 -22.73
C TYR D 520 -35.73 10.43 -22.81
N GLN D 521 -36.75 11.08 -23.37
CA GLN D 521 -36.82 12.54 -23.44
C GLN D 521 -38.27 12.92 -23.17
N PRO D 522 -38.52 13.83 -22.22
CA PRO D 522 -39.91 14.19 -21.89
C PRO D 522 -40.56 14.91 -23.06
N CYS D 523 -41.52 14.23 -23.68
CA CYS D 523 -42.17 14.79 -24.86
C CYS D 523 -43.16 15.87 -24.45
N ASP D 524 -43.19 16.95 -25.22
CA ASP D 524 -44.09 18.08 -24.97
C ASP D 524 -45.19 18.06 -26.03
N HIS D 525 -46.42 17.80 -25.59
CA HIS D 525 -47.57 17.79 -26.49
C HIS D 525 -48.37 19.07 -26.29
N PRO D 526 -48.35 20.01 -27.24
CA PRO D 526 -49.12 21.25 -27.06
C PRO D 526 -50.61 21.02 -27.00
N ARG D 527 -51.16 20.38 -28.04
CA ARG D 527 -52.59 20.10 -28.11
C ARG D 527 -52.89 18.64 -28.42
N GLN D 528 -52.07 17.99 -29.23
CA GLN D 528 -52.32 16.61 -29.60
C GLN D 528 -52.12 15.70 -28.39
N PRO D 529 -52.84 14.57 -28.34
CA PRO D 529 -52.65 13.62 -27.23
C PRO D 529 -51.40 12.77 -27.42
N CYS D 530 -51.21 11.76 -26.57
CA CYS D 530 -50.01 10.93 -26.64
C CYS D 530 -50.14 9.96 -27.80
N ASP D 531 -50.30 10.49 -29.01
CA ASP D 531 -50.68 9.68 -30.17
C ASP D 531 -49.43 9.06 -30.80
N SER D 532 -49.58 8.51 -32.00
CA SER D 532 -48.46 7.96 -32.74
C SER D 532 -47.43 9.02 -33.13
N SER D 533 -47.80 10.30 -33.10
CA SER D 533 -46.86 11.38 -33.34
C SER D 533 -46.21 11.88 -32.05
N CYS D 534 -46.55 11.29 -30.91
CA CYS D 534 -45.93 11.68 -29.65
C CYS D 534 -44.45 11.30 -29.66
N PRO D 535 -43.54 12.22 -29.30
CA PRO D 535 -42.11 11.87 -29.31
C PRO D 535 -41.77 10.70 -28.41
N CYS D 536 -42.51 10.51 -27.31
CA CYS D 536 -42.23 9.37 -26.45
C CYS D 536 -42.74 8.08 -27.07
N VAL D 537 -43.88 8.14 -27.77
CA VAL D 537 -44.43 6.95 -28.42
C VAL D 537 -43.49 6.47 -29.52
N ILE D 538 -42.98 7.40 -30.33
CA ILE D 538 -42.05 7.02 -31.39
C ILE D 538 -40.72 6.55 -30.81
N ALA D 539 -40.43 6.91 -29.56
CA ALA D 539 -39.22 6.44 -28.89
C ALA D 539 -39.40 5.09 -28.22
N GLN D 540 -40.60 4.52 -28.27
CA GLN D 540 -40.89 3.21 -27.69
C GLN D 540 -40.58 3.17 -26.20
N ASN D 541 -40.81 4.27 -25.50
CA ASN D 541 -40.54 4.39 -24.08
C ASN D 541 -41.78 4.87 -23.35
N PHE D 542 -42.00 4.35 -22.14
CA PHE D 542 -43.12 4.79 -21.33
C PHE D 542 -42.92 6.24 -20.89
N CYS D 543 -44.02 6.95 -20.71
CA CYS D 543 -43.98 8.37 -20.36
C CYS D 543 -43.79 8.53 -18.87
N GLU D 544 -42.65 9.10 -18.46
CA GLU D 544 -42.40 9.36 -17.06
C GLU D 544 -43.19 10.58 -16.59
N LYS D 545 -43.08 10.89 -15.30
CA LYS D 545 -43.80 12.03 -14.73
C LYS D 545 -43.36 13.37 -15.29
N PHE D 546 -42.19 13.44 -15.94
CA PHE D 546 -41.72 14.65 -16.57
C PHE D 546 -42.35 14.89 -17.94
N CYS D 547 -43.21 13.98 -18.39
CA CYS D 547 -43.89 14.10 -19.66
C CYS D 547 -44.89 15.25 -19.63
N GLN D 548 -45.25 15.71 -20.83
CA GLN D 548 -46.36 16.64 -21.01
C GLN D 548 -47.61 15.94 -21.55
N CYS D 549 -47.65 14.61 -21.46
CA CYS D 549 -48.89 13.88 -21.66
C CYS D 549 -49.96 14.40 -20.71
N SER D 550 -51.22 14.05 -21.01
CA SER D 550 -52.31 14.33 -20.09
C SER D 550 -52.08 13.62 -18.76
N SER D 551 -52.85 14.02 -17.75
CA SER D 551 -52.72 13.42 -16.42
C SER D 551 -52.99 11.92 -16.44
N GLU D 552 -53.71 11.43 -17.45
CA GLU D 552 -53.97 10.01 -17.63
C GLU D 552 -53.50 9.53 -19.00
N CYS D 553 -52.29 9.94 -19.37
CA CYS D 553 -51.74 9.53 -20.66
C CYS D 553 -51.59 8.03 -20.72
N GLN D 554 -52.05 7.43 -21.83
CA GLN D 554 -52.05 5.98 -21.96
C GLN D 554 -50.65 5.39 -21.98
N ASN D 555 -49.64 6.17 -22.35
CA ASN D 555 -48.27 5.71 -22.38
C ASN D 555 -47.52 5.97 -21.09
N ARG D 556 -48.18 6.56 -20.09
CA ARG D 556 -47.54 6.89 -18.83
C ARG D 556 -47.47 5.67 -17.92
N PHE D 557 -46.33 5.50 -17.27
CA PHE D 557 -46.15 4.40 -16.33
C PHE D 557 -46.96 4.67 -15.07
N PRO D 558 -47.88 3.77 -14.68
CA PRO D 558 -48.70 4.03 -13.49
C PRO D 558 -47.98 3.69 -12.18
N GLY D 559 -47.06 2.74 -12.22
CA GLY D 559 -46.29 2.40 -11.05
C GLY D 559 -46.51 0.99 -10.54
N CYS D 560 -45.48 0.43 -9.89
CA CYS D 560 -45.59 -0.90 -9.31
C CYS D 560 -46.45 -0.87 -8.06
N ARG D 561 -46.88 -2.06 -7.63
CA ARG D 561 -47.83 -2.19 -6.52
C ARG D 561 -47.41 -3.29 -5.55
N CYS D 562 -46.17 -3.76 -5.60
CA CYS D 562 -45.73 -4.84 -4.74
C CYS D 562 -45.83 -4.46 -3.27
N LYS D 563 -46.37 -5.38 -2.46
CA LYS D 563 -46.51 -5.17 -1.03
C LYS D 563 -45.23 -5.50 -0.27
N ALA D 564 -44.24 -6.08 -0.92
CA ALA D 564 -43.01 -6.52 -0.28
C ALA D 564 -41.87 -6.39 -1.28
N GLN D 565 -40.76 -7.06 -1.00
CA GLN D 565 -39.60 -7.09 -1.87
C GLN D 565 -39.97 -7.31 -3.32
N CYS D 566 -39.59 -6.35 -4.17
CA CYS D 566 -40.05 -6.31 -5.55
C CYS D 566 -38.90 -6.52 -6.53
N ASN D 567 -37.98 -7.41 -6.20
CA ASN D 567 -36.94 -7.83 -7.13
C ASN D 567 -37.31 -9.10 -7.89
N THR D 568 -38.52 -9.61 -7.69
CA THR D 568 -38.99 -10.78 -8.41
C THR D 568 -39.64 -10.37 -9.72
N LYS D 569 -39.82 -11.35 -10.61
CA LYS D 569 -40.47 -11.08 -11.90
C LYS D 569 -41.92 -10.65 -11.74
N GLN D 570 -42.55 -10.96 -10.60
CA GLN D 570 -43.91 -10.49 -10.37
C GLN D 570 -43.99 -8.98 -10.28
N CYS D 571 -42.87 -8.31 -9.99
CA CYS D 571 -42.86 -6.86 -9.98
C CYS D 571 -42.82 -6.33 -11.41
N PRO D 572 -43.78 -5.49 -11.81
CA PRO D 572 -43.75 -4.93 -13.16
C PRO D 572 -42.51 -4.10 -13.45
N CYS D 573 -41.96 -3.43 -12.43
CA CYS D 573 -40.78 -2.62 -12.66
C CYS D 573 -39.57 -3.45 -13.04
N TYR D 574 -39.51 -4.70 -12.58
CA TYR D 574 -38.37 -5.56 -12.93
C TYR D 574 -38.51 -6.11 -14.34
N LEU D 575 -39.72 -6.46 -14.77
CA LEU D 575 -39.90 -7.06 -16.09
C LEU D 575 -39.38 -6.13 -17.18
N ALA D 576 -40.01 -4.97 -17.36
CA ALA D 576 -39.44 -3.90 -18.16
C ALA D 576 -38.48 -3.16 -17.24
N VAL D 577 -37.19 -3.45 -17.39
CA VAL D 577 -36.17 -3.12 -16.38
C VAL D 577 -36.23 -1.63 -16.04
N ARG D 578 -36.57 -1.35 -14.78
CA ARG D 578 -36.75 0.01 -14.30
C ARG D 578 -36.54 0.02 -12.80
N GLU D 579 -36.35 1.21 -12.25
CA GLU D 579 -36.33 1.43 -10.80
C GLU D 579 -37.65 2.05 -10.38
N CYS D 580 -38.25 1.50 -9.32
CA CYS D 580 -39.51 2.04 -8.81
C CYS D 580 -39.34 3.50 -8.41
N ASP D 581 -40.00 4.40 -9.14
CA ASP D 581 -39.89 5.81 -8.83
C ASP D 581 -40.55 6.10 -7.48
N PRO D 582 -39.99 7.01 -6.69
CA PRO D 582 -40.49 7.22 -5.32
C PRO D 582 -41.80 7.99 -5.26
N ASP D 583 -42.41 8.25 -6.40
CA ASP D 583 -43.71 8.91 -6.44
C ASP D 583 -44.85 7.98 -6.83
N LEU D 584 -44.54 6.75 -7.21
CA LEU D 584 -45.53 5.82 -7.74
C LEU D 584 -45.66 4.55 -6.91
N CYS D 585 -44.55 3.94 -6.50
CA CYS D 585 -44.59 2.70 -5.74
C CYS D 585 -44.47 3.02 -4.24
N LEU D 586 -45.55 3.58 -3.70
CA LEU D 586 -45.57 3.94 -2.29
C LEU D 586 -45.74 2.72 -1.39
N THR D 587 -46.24 1.60 -1.92
CA THR D 587 -46.48 0.43 -1.08
C THR D 587 -45.18 -0.32 -0.76
N CYS D 588 -44.21 -0.28 -1.68
CA CYS D 588 -42.97 -1.03 -1.51
C CYS D 588 -41.95 -0.29 -0.64
N GLY D 589 -42.29 0.91 -0.16
CA GLY D 589 -41.38 1.65 0.68
C GLY D 589 -40.36 2.51 -0.04
N ALA D 590 -40.45 2.60 -1.37
CA ALA D 590 -39.55 3.48 -2.10
C ALA D 590 -39.74 4.94 -1.70
N ALA D 591 -40.99 5.36 -1.52
CA ALA D 591 -41.26 6.72 -1.08
C ALA D 591 -40.94 6.87 0.42
N ASP D 592 -41.32 5.90 1.22
CA ASP D 592 -41.18 6.01 2.67
C ASP D 592 -39.73 5.87 3.09
N HIS D 593 -39.39 6.54 4.20
CA HIS D 593 -38.08 6.42 4.84
C HIS D 593 -36.96 6.84 3.88
N TRP D 594 -37.12 8.02 3.28
CA TRP D 594 -36.07 8.56 2.42
C TRP D 594 -34.81 8.92 3.21
N ASP D 595 -34.94 9.20 4.51
CA ASP D 595 -33.78 9.56 5.32
C ASP D 595 -32.97 8.33 5.70
N SER D 596 -33.59 7.37 6.39
CA SER D 596 -32.90 6.16 6.77
C SER D 596 -32.68 5.26 5.55
N LYS D 597 -31.86 4.23 5.73
CA LYS D 597 -31.50 3.32 4.66
C LYS D 597 -32.02 1.92 4.91
N ASN D 598 -33.06 1.79 5.74
CA ASN D 598 -33.70 0.51 6.04
C ASN D 598 -35.02 0.48 5.28
N VAL D 599 -34.97 0.01 4.03
CA VAL D 599 -36.13 -0.03 3.16
C VAL D 599 -36.33 -1.46 2.67
N SER D 600 -37.58 -1.92 2.68
CA SER D 600 -37.89 -3.27 2.22
C SER D 600 -37.61 -3.42 0.73
N CYS D 601 -37.88 -2.37 -0.05
CA CYS D 601 -37.68 -2.43 -1.49
C CYS D 601 -36.22 -2.69 -1.82
N LYS D 602 -36.00 -3.65 -2.72
CA LYS D 602 -34.68 -3.90 -3.28
C LYS D 602 -34.53 -3.37 -4.69
N ASN D 603 -35.55 -2.66 -5.20
CA ASN D 603 -35.51 -2.06 -6.53
C ASN D 603 -35.53 -0.54 -6.43
N CYS D 604 -34.95 0.01 -5.36
CA CYS D 604 -34.83 1.45 -5.20
C CYS D 604 -33.46 1.85 -4.66
N SER D 605 -32.49 0.93 -4.67
CA SER D 605 -31.17 1.22 -4.12
C SER D 605 -30.41 2.21 -4.99
N ILE D 606 -30.56 2.10 -6.32
CA ILE D 606 -29.84 3.00 -7.23
C ILE D 606 -30.26 4.44 -6.99
N GLN D 607 -31.57 4.68 -6.83
CA GLN D 607 -32.05 6.02 -6.51
C GLN D 607 -31.48 6.52 -5.20
N ARG D 608 -31.48 5.66 -4.18
CA ARG D 608 -30.93 6.03 -2.89
C ARG D 608 -29.41 5.99 -2.86
N GLY D 609 -28.78 5.35 -3.83
CA GLY D 609 -27.33 5.28 -3.87
C GLY D 609 -26.71 4.58 -2.68
N SER D 610 -27.38 3.55 -2.17
CA SER D 610 -26.89 2.83 -0.98
C SER D 610 -25.96 1.68 -1.39
N LYS D 611 -24.86 2.05 -2.05
CA LYS D 611 -23.87 1.07 -2.44
C LYS D 611 -23.13 0.56 -1.21
N LYS D 612 -22.64 -0.68 -1.31
CA LYS D 612 -21.94 -1.30 -0.20
C LYS D 612 -20.56 -0.68 -0.01
N HIS D 613 -19.83 -1.19 0.97
CA HIS D 613 -18.44 -0.79 1.17
C HIS D 613 -17.54 -1.64 0.29
N LEU D 614 -16.83 -0.99 -0.64
CA LEU D 614 -15.94 -1.68 -1.56
C LEU D 614 -14.52 -1.15 -1.39
N LEU D 615 -13.55 -2.00 -1.71
CA LEU D 615 -12.15 -1.70 -1.48
C LEU D 615 -11.37 -1.84 -2.79
N LEU D 616 -10.20 -1.21 -2.83
CA LEU D 616 -9.35 -1.18 -4.02
C LEU D 616 -8.01 -1.83 -3.72
N ALA D 617 -7.56 -2.69 -4.63
CA ALA D 617 -6.29 -3.38 -4.50
C ALA D 617 -5.88 -3.88 -5.86
N PRO D 618 -4.59 -4.19 -6.06
CA PRO D 618 -4.17 -4.79 -7.33
C PRO D 618 -4.90 -6.10 -7.59
N SER D 619 -5.29 -6.30 -8.84
CA SER D 619 -6.09 -7.46 -9.18
C SER D 619 -5.22 -8.69 -9.38
N ASP D 620 -5.87 -9.85 -9.30
CA ASP D 620 -5.21 -11.12 -9.60
C ASP D 620 -5.22 -11.45 -11.07
N VAL D 621 -5.82 -10.61 -11.91
CA VAL D 621 -5.96 -10.86 -13.34
C VAL D 621 -5.10 -9.88 -14.15
N ALA D 622 -5.39 -8.58 -14.06
CA ALA D 622 -4.65 -7.58 -14.82
C ALA D 622 -4.87 -6.22 -14.19
N GLY D 623 -3.77 -5.55 -13.86
CA GLY D 623 -3.85 -4.19 -13.34
C GLY D 623 -4.57 -4.13 -12.01
N TRP D 624 -5.23 -3.00 -11.76
CA TRP D 624 -5.97 -2.79 -10.53
C TRP D 624 -7.25 -3.61 -10.54
N GLY D 625 -7.81 -3.83 -9.35
CA GLY D 625 -9.06 -4.53 -9.21
C GLY D 625 -9.84 -3.98 -8.03
N ILE D 626 -11.09 -4.40 -7.94
CA ILE D 626 -11.97 -3.97 -6.86
C ILE D 626 -12.41 -5.20 -6.07
N PHE D 627 -12.34 -5.08 -4.74
CA PHE D 627 -12.64 -6.19 -3.85
C PHE D 627 -13.69 -5.73 -2.85
N ILE D 628 -14.72 -6.54 -2.67
CA ILE D 628 -15.82 -6.20 -1.77
C ILE D 628 -15.42 -6.58 -0.34
N LYS D 629 -15.79 -5.71 0.60
CA LYS D 629 -15.42 -5.93 2.00
C LYS D 629 -16.36 -6.92 2.68
N ASP D 630 -17.64 -6.58 2.75
CA ASP D 630 -18.57 -7.42 3.49
C ASP D 630 -19.19 -8.46 2.57
N PRO D 631 -19.61 -9.61 3.12
CA PRO D 631 -20.25 -10.63 2.28
C PRO D 631 -21.57 -10.15 1.71
N VAL D 632 -21.89 -10.62 0.51
CA VAL D 632 -23.10 -10.23 -0.20
C VAL D 632 -23.73 -11.46 -0.80
N GLN D 633 -25.06 -11.59 -0.65
CA GLN D 633 -25.77 -12.73 -1.20
C GLN D 633 -26.04 -12.54 -2.69
N LYS D 634 -26.54 -13.60 -3.32
CA LYS D 634 -26.82 -13.57 -4.74
C LYS D 634 -27.96 -12.60 -5.05
N ASN D 635 -27.84 -11.89 -6.17
CA ASN D 635 -28.84 -10.96 -6.66
C ASN D 635 -29.08 -9.83 -5.65
N GLU D 636 -28.00 -9.15 -5.31
CA GLU D 636 -28.05 -7.99 -4.44
C GLU D 636 -27.28 -6.84 -5.05
N PHE D 637 -27.86 -5.64 -4.97
CA PHE D 637 -27.19 -4.44 -5.45
C PHE D 637 -25.92 -4.18 -4.66
N ILE D 638 -24.84 -3.87 -5.37
CA ILE D 638 -23.56 -3.54 -4.75
C ILE D 638 -23.16 -2.10 -5.04
N SER D 639 -23.43 -1.61 -6.24
CA SER D 639 -22.93 -0.30 -6.65
C SER D 639 -23.49 0.06 -8.02
N GLU D 640 -23.35 1.35 -8.34
CA GLU D 640 -23.66 1.89 -9.66
C GLU D 640 -22.37 2.14 -10.44
N TYR D 641 -22.47 2.01 -11.76
CA TYR D 641 -21.36 2.31 -12.67
C TYR D 641 -21.60 3.72 -13.21
N CYS D 642 -21.04 4.71 -12.51
CA CYS D 642 -21.17 6.09 -12.93
C CYS D 642 -20.07 6.48 -13.91
N GLY D 643 -20.28 7.58 -14.62
CA GLY D 643 -19.31 8.05 -15.58
C GLY D 643 -19.84 9.23 -16.37
N GLU D 644 -19.10 9.58 -17.41
CA GLU D 644 -19.46 10.70 -18.27
C GLU D 644 -20.35 10.23 -19.43
N ILE D 645 -21.43 10.97 -19.66
CA ILE D 645 -22.35 10.70 -20.76
C ILE D 645 -21.86 11.40 -22.01
N ILE D 646 -21.76 10.65 -23.10
CA ILE D 646 -21.32 11.21 -24.38
C ILE D 646 -22.10 10.57 -25.52
N SER D 647 -22.04 11.18 -26.70
CA SER D 647 -22.77 10.68 -27.85
C SER D 647 -22.08 9.43 -28.41
N GLN D 648 -22.78 8.76 -29.33
CA GLN D 648 -22.23 7.55 -29.94
C GLN D 648 -20.96 7.86 -30.72
N ASP D 649 -20.96 8.96 -31.47
CA ASP D 649 -19.78 9.33 -32.25
C ASP D 649 -18.65 9.82 -31.34
N GLU D 650 -18.98 10.56 -30.29
CA GLU D 650 -17.96 10.94 -29.31
C GLU D 650 -17.43 9.71 -28.59
N ALA D 651 -18.30 8.74 -28.32
CA ALA D 651 -17.85 7.47 -27.76
C ALA D 651 -16.88 6.77 -28.71
N ASP D 652 -17.17 6.78 -30.00
CA ASP D 652 -16.24 6.21 -30.97
C ASP D 652 -14.91 6.97 -30.97
N ARG D 653 -14.97 8.29 -30.87
CA ARG D 653 -13.73 9.09 -30.84
C ARG D 653 -12.86 8.71 -29.66
N ARG D 654 -13.48 8.59 -28.47
CA ARG D 654 -12.70 8.20 -27.29
C ARG D 654 -12.22 6.75 -27.38
N GLY D 655 -13.06 5.87 -27.90
CA GLY D 655 -12.66 4.47 -28.02
C GLY D 655 -11.56 4.27 -29.03
N LYS D 656 -11.42 5.22 -29.96
CA LYS D 656 -10.32 5.12 -30.93
C LYS D 656 -8.97 5.13 -30.23
N VAL D 657 -8.81 5.95 -29.19
CA VAL D 657 -7.56 5.95 -28.45
C VAL D 657 -7.59 4.93 -27.33
N TYR D 658 -8.79 4.58 -26.84
CA TYR D 658 -8.87 3.53 -25.82
C TYR D 658 -8.40 2.19 -26.37
N ASP D 659 -8.73 1.88 -27.62
CA ASP D 659 -8.27 0.65 -28.25
C ASP D 659 -6.75 0.61 -28.33
N LYS D 660 -6.13 1.73 -28.71
CA LYS D 660 -4.67 1.78 -28.75
C LYS D 660 -4.08 1.62 -27.36
N TYR D 661 -4.73 2.20 -26.35
CA TYR D 661 -4.25 2.05 -24.98
C TYR D 661 -4.46 0.65 -24.46
N MET D 662 -5.25 -0.17 -25.17
CA MET D 662 -5.57 -1.56 -24.80
C MET D 662 -6.42 -1.59 -23.54
N CYS D 663 -6.67 -0.44 -22.94
CA CYS D 663 -7.48 -0.32 -21.73
C CYS D 663 -8.63 0.64 -22.02
N SER D 664 -9.85 0.21 -21.74
CA SER D 664 -11.03 0.98 -22.07
C SER D 664 -11.94 1.09 -20.86
N PHE D 665 -12.79 2.12 -20.87
CA PHE D 665 -13.79 2.30 -19.83
C PHE D 665 -15.18 2.55 -20.43
N LEU D 666 -15.35 2.37 -21.74
CA LEU D 666 -16.62 2.69 -22.39
C LEU D 666 -17.67 1.66 -22.03
N PHE D 667 -18.76 2.11 -21.41
CA PHE D 667 -19.90 1.27 -21.09
C PHE D 667 -21.07 1.72 -21.95
N ASN D 668 -21.50 0.85 -22.86
CA ASN D 668 -22.66 1.16 -23.70
C ASN D 668 -23.89 1.35 -22.82
N LEU D 669 -24.63 2.42 -23.06
CA LEU D 669 -25.75 2.80 -22.21
C LEU D 669 -27.09 2.62 -22.91
N ASN D 670 -27.27 3.22 -24.08
CA ASN D 670 -28.47 3.05 -24.87
C ASN D 670 -28.12 3.35 -26.33
N ASN D 671 -29.14 3.37 -27.19
CA ASN D 671 -28.92 3.61 -28.61
C ASN D 671 -28.46 5.03 -28.91
N ASP D 672 -28.53 5.95 -27.94
CA ASP D 672 -28.17 7.34 -28.15
C ASP D 672 -26.91 7.74 -27.40
N PHE D 673 -26.81 7.41 -26.11
CA PHE D 673 -25.71 7.83 -25.28
C PHE D 673 -24.87 6.64 -24.83
N VAL D 674 -23.61 6.94 -24.53
CA VAL D 674 -22.67 5.98 -23.96
C VAL D 674 -22.04 6.62 -22.72
N VAL D 675 -22.09 5.91 -21.60
CA VAL D 675 -21.47 6.41 -20.38
C VAL D 675 -19.98 6.02 -20.37
N ASP D 676 -19.12 7.02 -20.18
CA ASP D 676 -17.69 6.81 -20.16
C ASP D 676 -17.16 7.16 -18.77
N ALA D 677 -16.38 6.25 -18.19
CA ALA D 677 -15.85 6.42 -16.84
C ALA D 677 -14.34 6.64 -16.84
N THR D 678 -13.76 7.03 -17.97
CA THR D 678 -12.31 7.21 -18.03
C THR D 678 -11.86 8.39 -17.18
N ARG D 679 -12.62 9.49 -17.20
CA ARG D 679 -12.22 10.71 -16.50
C ARG D 679 -12.90 10.87 -15.15
N LYS D 680 -14.13 10.40 -15.00
CA LYS D 680 -14.84 10.45 -13.72
C LYS D 680 -15.43 9.07 -13.45
N GLY D 681 -16.00 8.91 -12.27
CA GLY D 681 -16.61 7.66 -11.89
C GLY D 681 -16.31 7.33 -10.44
N ASN D 682 -16.27 6.04 -10.14
CA ASN D 682 -15.98 5.55 -8.80
C ASN D 682 -15.09 4.33 -8.90
N LYS D 683 -14.99 3.59 -7.79
CA LYS D 683 -14.06 2.45 -7.71
C LYS D 683 -14.42 1.34 -8.70
N ILE D 684 -15.66 1.33 -9.19
CA ILE D 684 -16.16 0.20 -9.96
C ILE D 684 -15.53 0.06 -11.32
N ARG D 685 -14.97 1.15 -11.87
CA ARG D 685 -14.37 1.09 -13.19
C ARG D 685 -13.22 0.10 -13.28
N PHE D 686 -12.71 -0.36 -12.13
CA PHE D 686 -11.62 -1.32 -12.08
C PHE D 686 -12.08 -2.77 -12.19
N ALA D 687 -13.39 -3.02 -12.18
CA ALA D 687 -13.88 -4.39 -12.23
C ALA D 687 -13.46 -5.06 -13.55
N ASN D 688 -13.03 -6.30 -13.44
CA ASN D 688 -12.42 -7.01 -14.57
C ASN D 688 -13.40 -7.95 -15.24
N HIS D 689 -13.15 -8.20 -16.53
CA HIS D 689 -13.98 -9.10 -17.32
C HIS D 689 -13.71 -10.55 -16.94
N SER D 690 -14.76 -11.38 -17.02
CA SER D 690 -14.63 -12.82 -16.79
C SER D 690 -15.74 -13.53 -17.55
N VAL D 691 -15.37 -14.60 -18.27
CA VAL D 691 -16.37 -15.37 -18.99
C VAL D 691 -17.27 -16.14 -18.04
N ASN D 692 -16.82 -16.41 -16.81
CA ASN D 692 -17.62 -17.04 -15.77
C ASN D 692 -17.52 -16.20 -14.51
N PRO D 693 -18.15 -15.02 -14.52
CA PRO D 693 -17.96 -14.08 -13.41
C PRO D 693 -18.86 -14.35 -12.22
N ASN D 694 -18.80 -13.48 -11.22
CA ASN D 694 -19.64 -13.58 -10.03
C ASN D 694 -20.60 -12.42 -9.91
N CYS D 695 -20.62 -11.49 -10.86
CA CYS D 695 -21.55 -10.37 -10.87
C CYS D 695 -22.03 -10.13 -12.29
N TYR D 696 -23.17 -9.46 -12.40
CA TYR D 696 -23.76 -9.15 -13.70
C TYR D 696 -24.18 -7.69 -13.72
N ALA D 697 -24.12 -7.09 -14.91
CA ALA D 697 -24.46 -5.69 -15.11
C ALA D 697 -25.85 -5.59 -15.74
N LYS D 698 -26.62 -4.60 -15.31
CA LYS D 698 -27.97 -4.38 -15.82
C LYS D 698 -28.20 -2.90 -16.06
N VAL D 699 -28.60 -2.55 -17.27
CA VAL D 699 -28.93 -1.17 -17.62
C VAL D 699 -30.42 -0.97 -17.37
N MET D 700 -30.76 -0.09 -16.44
CA MET D 700 -32.13 0.07 -15.99
C MET D 700 -32.52 1.55 -16.01
N MET D 701 -33.81 1.79 -16.22
CA MET D 701 -34.35 3.15 -16.17
C MET D 701 -34.49 3.58 -14.72
N VAL D 702 -33.90 4.71 -14.37
CA VAL D 702 -33.97 5.26 -13.02
C VAL D 702 -34.51 6.69 -13.14
N ASN D 703 -35.81 6.86 -12.91
CA ASN D 703 -36.47 8.16 -12.99
C ASN D 703 -36.23 8.82 -14.35
N GLY D 704 -36.31 8.01 -15.40
CA GLY D 704 -36.14 8.50 -16.74
C GLY D 704 -34.70 8.62 -17.21
N ASP D 705 -33.76 8.01 -16.50
CA ASP D 705 -32.35 8.04 -16.90
C ASP D 705 -31.84 6.62 -17.04
N HIS D 706 -31.08 6.38 -18.10
CA HIS D 706 -30.40 5.09 -18.26
C HIS D 706 -29.23 5.02 -17.29
N ARG D 707 -29.38 4.23 -16.24
CA ARG D 707 -28.34 4.04 -15.25
C ARG D 707 -27.93 2.57 -15.21
N ILE D 708 -26.66 2.33 -14.89
CA ILE D 708 -26.10 0.99 -14.89
C ILE D 708 -25.82 0.58 -13.45
N GLY D 709 -26.49 -0.47 -13.00
CA GLY D 709 -26.28 -1.03 -11.68
C GLY D 709 -25.64 -2.40 -11.77
N ILE D 710 -24.80 -2.72 -10.79
CA ILE D 710 -24.10 -4.00 -10.74
C ILE D 710 -24.69 -4.80 -9.60
N PHE D 711 -24.91 -6.09 -9.83
CA PHE D 711 -25.52 -6.98 -8.86
C PHE D 711 -24.75 -8.28 -8.80
N ALA D 712 -24.85 -8.97 -7.66
CA ALA D 712 -24.10 -10.20 -7.42
C ALA D 712 -24.77 -11.35 -8.16
N LYS D 713 -24.06 -11.93 -9.13
CA LYS D 713 -24.57 -13.09 -9.84
C LYS D 713 -24.66 -14.32 -8.93
N ARG D 714 -23.94 -14.33 -7.83
CA ARG D 714 -23.95 -15.45 -6.88
C ARG D 714 -23.53 -14.91 -5.52
N ALA D 715 -23.68 -15.75 -4.50
CA ALA D 715 -23.25 -15.39 -3.16
C ALA D 715 -21.75 -15.13 -3.15
N ILE D 716 -21.36 -13.99 -2.56
CA ILE D 716 -19.96 -13.59 -2.49
C ILE D 716 -19.64 -13.23 -1.05
N GLN D 717 -18.63 -13.88 -0.48
CA GLN D 717 -18.22 -13.60 0.88
C GLN D 717 -17.03 -12.63 0.87
N THR D 718 -16.43 -12.45 2.05
CA THR D 718 -15.45 -11.39 2.26
C THR D 718 -14.21 -11.57 1.38
N GLY D 719 -13.72 -10.47 0.83
CA GLY D 719 -12.44 -10.46 0.18
C GLY D 719 -12.40 -10.98 -1.23
N GLU D 720 -13.50 -10.91 -1.98
CA GLU D 720 -13.52 -11.39 -3.35
C GLU D 720 -13.43 -10.24 -4.34
N GLU D 721 -12.78 -10.51 -5.46
CA GLU D 721 -12.77 -9.56 -6.57
C GLU D 721 -14.03 -9.74 -7.40
N LEU D 722 -14.62 -8.61 -7.78
CA LEU D 722 -15.86 -8.63 -8.55
C LEU D 722 -15.57 -8.67 -10.04
N PHE D 723 -16.32 -9.51 -10.75
CA PHE D 723 -16.18 -9.65 -12.19
C PHE D 723 -17.56 -9.61 -12.84
N PHE D 724 -17.61 -9.13 -14.06
CA PHE D 724 -18.80 -9.27 -14.89
C PHE D 724 -18.38 -9.32 -16.35
N ASP D 725 -19.22 -9.94 -17.16
CA ASP D 725 -18.95 -10.03 -18.59
C ASP D 725 -19.13 -8.66 -19.23
N TYR D 726 -18.22 -8.32 -20.14
CA TYR D 726 -18.28 -7.07 -20.86
C TYR D 726 -19.18 -7.14 -22.10
N ARG D 727 -19.75 -8.30 -22.38
CA ARG D 727 -20.61 -8.52 -23.55
C ARG D 727 -19.87 -8.18 -24.85
N TYR D 728 -18.56 -8.32 -24.84
CA TYR D 728 -17.76 -8.08 -26.03
C TYR D 728 -18.02 -9.16 -27.07
N SER D 729 -17.80 -8.80 -28.33
CA SER D 729 -17.75 -9.82 -29.38
C SER D 729 -16.57 -10.75 -29.11
N GLN D 730 -16.76 -12.02 -29.46
CA GLN D 730 -15.82 -13.06 -29.04
C GLN D 730 -14.40 -12.77 -29.50
N ALA D 731 -14.24 -12.38 -30.78
CA ALA D 731 -12.92 -12.01 -31.26
C ALA D 731 -12.40 -10.78 -30.53
N ASP D 732 -13.25 -9.76 -30.36
CA ASP D 732 -12.84 -8.57 -29.64
C ASP D 732 -12.66 -8.86 -28.15
N ALA D 733 -13.47 -9.76 -27.60
CA ALA D 733 -13.29 -10.13 -26.19
C ALA D 733 -11.93 -10.78 -25.96
N LEU D 734 -11.55 -11.72 -26.83
CA LEU D 734 -10.25 -12.36 -26.68
C LEU D 734 -9.11 -11.39 -26.98
N LYS D 735 -9.32 -10.45 -27.90
CA LYS D 735 -8.30 -9.45 -28.19
C LYS D 735 -8.07 -8.53 -26.99
N TYR D 736 -9.15 -8.12 -26.32
CA TYR D 736 -9.04 -7.17 -25.22
C TYR D 736 -8.84 -7.83 -23.87
N VAL D 737 -9.50 -8.96 -23.63
CA VAL D 737 -9.43 -9.67 -22.37
C VAL D 737 -9.02 -11.11 -22.69
N GLY D 738 -7.73 -11.41 -22.56
CA GLY D 738 -7.23 -12.73 -22.87
C GLY D 738 -6.75 -13.49 -21.65
N ILE D 739 -7.28 -13.16 -20.48
CA ILE D 739 -6.88 -13.79 -19.23
C ILE D 739 -8.11 -14.44 -18.61
N GLU D 740 -7.97 -15.73 -18.24
CA GLU D 740 -9.09 -16.49 -17.70
C GLU D 740 -8.95 -16.78 -16.21
N ARG D 741 -7.75 -16.67 -15.64
CA ARG D 741 -7.50 -16.82 -14.21
C ARG D 741 -7.63 -18.26 -13.74
N GLU D 742 -8.09 -19.14 -14.63
CA GLU D 742 -8.28 -20.54 -14.26
C GLU D 742 -8.33 -21.38 -15.52
N MET D 743 -7.80 -22.61 -15.42
CA MET D 743 -7.84 -23.56 -16.52
C MET D 743 -9.11 -24.39 -16.44
N GLU D 744 -9.33 -25.25 -17.44
CA GLU D 744 -10.50 -26.09 -17.47
C GLU D 744 -10.43 -27.15 -16.39
N ILE D 745 -11.50 -27.29 -15.62
CA ILE D 745 -11.54 -28.31 -14.56
C ILE D 745 -11.43 -29.73 -15.12
N PRO D 746 -12.20 -30.12 -16.15
CA PRO D 746 -12.00 -31.49 -16.64
C PRO D 746 -10.77 -31.63 -17.53
N ARG E 107 0.43 20.42 -42.80
CA ARG E 107 1.26 19.24 -42.63
C ARG E 107 1.98 19.18 -41.27
N PRO E 108 2.74 20.23 -40.89
CA PRO E 108 3.51 20.13 -39.63
C PRO E 108 2.65 19.98 -38.39
N ARG E 109 1.39 20.40 -38.46
CA ARG E 109 0.53 20.40 -37.28
C ARG E 109 -0.05 19.03 -36.96
N LEU E 110 0.13 18.04 -37.83
CA LEU E 110 -0.48 16.74 -37.61
C LEU E 110 0.50 15.57 -37.65
N GLN E 111 1.78 15.81 -37.92
CA GLN E 111 2.74 14.71 -37.94
C GLN E 111 2.96 14.16 -36.54
N ALA E 112 3.36 12.88 -36.48
CA ALA E 112 3.59 12.21 -35.22
C ALA E 112 4.70 12.88 -34.43
N GLN E 113 4.36 13.46 -33.28
CA GLN E 113 5.33 14.11 -32.42
C GLN E 113 6.22 13.05 -31.78
N ARG E 114 7.51 13.10 -32.10
CA ARG E 114 8.44 12.07 -31.66
C ARG E 114 9.30 12.55 -30.51
N M3L E 115 9.59 11.65 -29.57
CA M3L E 115 10.40 11.97 -28.42
CB M3L E 115 10.10 11.02 -27.26
CG M3L E 115 10.63 11.54 -25.94
CD M3L E 115 10.51 10.45 -24.89
CE M3L E 115 10.98 11.00 -23.54
NZ M3L E 115 10.71 10.15 -22.32
C M3L E 115 11.89 11.93 -28.68
O M3L E 115 12.71 12.66 -28.12
CM1 M3L E 115 11.01 8.71 -22.59
CM2 M3L E 115 9.29 10.29 -21.87
CM3 M3L E 115 11.60 10.62 -21.23
N PHE E 116 12.27 11.02 -29.57
CA PHE E 116 13.68 10.79 -29.88
C PHE E 116 14.02 11.20 -31.31
N ALA E 117 15.29 11.04 -31.68
CA ALA E 117 15.73 11.43 -33.01
C ALA E 117 15.11 10.51 -34.06
N GLN E 118 15.19 10.95 -35.32
CA GLN E 118 14.62 10.17 -36.42
C GLN E 118 15.31 8.83 -36.59
N SER E 119 16.58 8.72 -36.20
CA SER E 119 17.34 7.47 -36.28
C SER E 119 17.34 6.90 -37.70
N PRO E 137 30.56 -24.56 -23.15
CA PRO E 137 29.16 -24.97 -23.27
C PRO E 137 28.92 -26.33 -23.98
N PRO E 138 29.69 -26.67 -25.02
CA PRO E 138 29.57 -28.02 -25.60
C PRO E 138 29.79 -29.12 -24.58
N PRO E 139 30.77 -29.00 -23.64
CA PRO E 139 30.94 -30.05 -22.64
C PRO E 139 29.89 -29.95 -21.55
N ALA E 140 28.99 -30.94 -21.50
CA ALA E 140 28.07 -31.06 -20.38
C ALA E 140 28.80 -31.66 -19.19
N THR E 141 29.62 -30.84 -18.53
CA THR E 141 30.58 -31.34 -17.55
C THR E 141 29.91 -32.03 -16.37
N GLN E 142 29.20 -31.27 -15.54
CA GLN E 142 28.69 -31.78 -14.27
C GLN E 142 27.81 -30.76 -13.57
N ILE E 143 27.29 -31.12 -12.39
CA ILE E 143 26.66 -30.15 -11.50
C ILE E 143 27.67 -29.12 -10.98
N SER E 144 28.95 -29.28 -11.33
CA SER E 144 29.94 -28.26 -11.02
C SER E 144 29.66 -26.96 -11.76
N ASP E 145 28.76 -26.98 -12.75
CA ASP E 145 28.29 -25.74 -13.34
C ASP E 145 27.64 -24.85 -12.28
N LEU E 146 27.04 -25.45 -11.25
CA LEU E 146 26.48 -24.66 -10.16
C LEU E 146 27.58 -23.97 -9.36
N SER E 147 28.65 -24.70 -9.04
CA SER E 147 29.79 -24.08 -8.38
C SER E 147 30.50 -23.09 -9.29
N LYS E 148 30.29 -23.19 -10.60
CA LYS E 148 30.72 -22.15 -11.53
C LYS E 148 29.74 -20.99 -11.57
N ARG E 149 28.51 -21.20 -11.09
CA ARG E 149 27.44 -20.22 -11.28
C ARG E 149 27.48 -19.13 -10.22
N LYS E 150 27.33 -19.51 -8.95
CA LYS E 150 27.30 -18.51 -7.88
C LYS E 150 28.62 -17.76 -7.76
N PRO E 151 29.79 -18.41 -7.60
CA PRO E 151 31.03 -17.62 -7.57
C PRO E 151 31.68 -17.49 -8.96
N LYS E 152 31.07 -16.68 -9.81
CA LYS E 152 31.66 -16.41 -11.12
C LYS E 152 32.90 -15.53 -11.02
N THR E 153 33.17 -14.96 -9.85
CA THR E 153 34.36 -14.15 -9.63
C THR E 153 34.83 -14.38 -8.21
N GLU E 154 35.94 -13.73 -7.85
CA GLU E 154 36.53 -13.81 -6.51
C GLU E 154 36.92 -15.25 -6.16
N ASP E 155 37.92 -15.75 -6.89
CA ASP E 155 38.54 -17.06 -6.62
C ASP E 155 37.51 -18.20 -6.73
N PHE E 156 37.01 -18.37 -7.95
CA PHE E 156 36.13 -19.49 -8.23
C PHE E 156 36.82 -20.81 -7.92
N LEU E 157 36.08 -21.73 -7.30
CA LEU E 157 36.66 -22.94 -6.74
C LEU E 157 36.92 -24.00 -7.81
N THR E 158 37.72 -24.99 -7.43
CA THR E 158 37.99 -26.23 -8.17
C THR E 158 38.86 -26.01 -9.40
N PHE E 159 39.10 -24.76 -9.77
CA PHE E 159 40.05 -24.40 -10.82
C PHE E 159 39.71 -25.02 -12.19
N LEU E 160 38.58 -25.73 -12.27
CA LEU E 160 38.19 -26.42 -13.48
C LEU E 160 36.75 -26.18 -13.89
N CYS E 161 35.95 -25.50 -13.06
CA CYS E 161 34.58 -25.18 -13.44
C CYS E 161 34.52 -24.20 -14.61
N LEU E 162 35.66 -23.56 -14.94
CA LEU E 162 35.70 -22.68 -16.11
C LEU E 162 35.40 -23.43 -17.39
N ARG E 163 35.77 -24.72 -17.43
CA ARG E 163 35.41 -25.55 -18.59
C ARG E 163 33.91 -25.75 -18.71
N GLY E 164 33.16 -25.58 -17.63
CA GLY E 164 31.72 -25.65 -17.67
C GLY E 164 31.08 -24.30 -17.90
N SER E 165 31.73 -23.46 -18.70
CA SER E 165 31.23 -22.12 -18.99
C SER E 165 29.97 -22.18 -19.85
N ARG F 163 -4.23 -22.78 -14.81
CA ARG F 163 -3.35 -22.22 -15.83
C ARG F 163 -4.05 -21.10 -16.60
N ARG F 164 -3.30 -20.06 -16.91
CA ARG F 164 -3.82 -18.92 -17.66
C ARG F 164 -2.69 -18.31 -18.47
N ARG F 165 -3.04 -17.34 -19.32
CA ARG F 165 -2.07 -16.72 -20.22
C ARG F 165 -0.96 -16.00 -19.46
N SER F 166 -1.32 -14.94 -18.71
CA SER F 166 -0.31 -14.13 -18.02
C SER F 166 -0.93 -13.57 -16.75
N LEU F 167 -0.67 -14.22 -15.63
CA LEU F 167 -1.06 -13.70 -14.34
C LEU F 167 -0.04 -12.67 -13.86
N PRO F 168 -0.46 -11.73 -13.01
CA PRO F 168 0.49 -10.72 -12.51
C PRO F 168 1.64 -11.37 -11.74
N ARG F 169 2.83 -10.82 -11.92
CA ARG F 169 3.99 -11.29 -11.19
C ARG F 169 3.96 -10.72 -9.77
N PRO F 170 4.01 -11.57 -8.74
CA PRO F 170 3.80 -11.09 -7.37
C PRO F 170 4.93 -10.25 -6.79
N HIS F 171 5.93 -9.87 -7.59
CA HIS F 171 7.05 -9.04 -7.11
C HIS F 171 7.79 -9.75 -5.97
N ASP F 172 8.46 -10.83 -6.34
CA ASP F 172 9.24 -11.67 -5.43
C ASP F 172 9.96 -10.83 -4.39
N PHE F 173 9.90 -11.28 -3.14
CA PHE F 173 10.38 -10.49 -2.01
C PHE F 173 11.89 -10.40 -1.91
N PHE F 174 12.63 -11.34 -2.50
CA PHE F 174 14.09 -11.28 -2.43
C PHE F 174 14.58 -10.21 -3.39
N ASP F 175 14.81 -9.02 -2.87
CA ASP F 175 15.38 -7.94 -3.64
C ASP F 175 16.87 -8.20 -3.89
N ALA F 176 17.42 -7.50 -4.88
CA ALA F 176 18.84 -7.64 -5.18
C ALA F 176 19.72 -7.10 -4.07
N GLN F 177 19.18 -6.24 -3.21
CA GLN F 177 19.97 -5.70 -2.09
C GLN F 177 20.44 -6.82 -1.17
N THR F 178 19.55 -7.74 -0.81
CA THR F 178 19.95 -8.90 -0.04
C THR F 178 20.63 -9.95 -0.90
N LEU F 179 20.39 -9.95 -2.21
CA LEU F 179 21.05 -10.91 -3.09
C LEU F 179 22.55 -10.67 -3.16
N ASP F 180 22.97 -9.40 -3.23
CA ASP F 180 24.39 -9.09 -3.23
C ASP F 180 25.05 -9.46 -1.91
N ALA F 181 24.35 -9.22 -0.78
CA ALA F 181 24.88 -9.64 0.52
C ALA F 181 25.05 -11.14 0.58
N ILE F 182 24.05 -11.87 0.07
CA ILE F 182 24.15 -13.34 0.03
C ILE F 182 25.31 -13.77 -0.86
N ARG F 183 25.53 -13.06 -1.96
CA ARG F 183 26.62 -13.39 -2.87
C ARG F 183 27.97 -13.24 -2.17
N HIS F 184 28.18 -12.10 -1.50
CA HIS F 184 29.41 -11.92 -0.74
C HIS F 184 29.55 -12.96 0.37
N ARG F 185 28.47 -13.25 1.08
CA ARG F 185 28.55 -14.20 2.17
C ARG F 185 28.93 -15.58 1.66
N ALA F 186 28.32 -16.00 0.55
CA ALA F 186 28.66 -17.29 -0.04
C ALA F 186 30.10 -17.33 -0.53
N ILE F 187 30.56 -16.25 -1.17
CA ILE F 187 31.94 -16.23 -1.69
C ILE F 187 32.94 -16.32 -0.55
N CYS F 188 32.76 -15.47 0.47
CA CYS F 188 33.70 -15.48 1.59
C CYS F 188 33.62 -16.79 2.37
N PHE F 189 32.43 -17.36 2.48
CA PHE F 189 32.27 -18.61 3.22
C PHE F 189 32.90 -19.77 2.48
N ASN F 190 32.80 -19.79 1.15
CA ASN F 190 33.46 -20.84 0.37
C ASN F 190 34.98 -20.67 0.40
N LEU F 191 35.46 -19.42 0.39
CA LEU F 191 36.89 -19.20 0.53
C LEU F 191 37.38 -19.47 1.96
N SER F 192 36.48 -19.52 2.94
CA SER F 192 36.84 -19.81 4.31
C SER F 192 36.53 -21.23 4.75
N ALA F 193 35.76 -21.98 3.96
CA ALA F 193 35.41 -23.36 4.33
C ALA F 193 35.57 -24.36 3.20
N HIS F 194 35.69 -23.92 1.95
CA HIS F 194 35.91 -24.82 0.81
C HIS F 194 34.84 -25.90 0.73
N ILE F 195 33.57 -25.48 0.75
CA ILE F 195 32.47 -26.42 0.73
C ILE F 195 32.37 -27.10 -0.64
N GLU F 196 32.09 -26.31 -1.68
CA GLU F 196 31.85 -26.88 -3.00
C GLU F 196 33.09 -27.55 -3.57
N SER F 197 34.27 -27.15 -3.12
CA SER F 197 35.51 -27.69 -3.65
C SER F 197 35.95 -28.97 -2.93
N LEU F 198 35.99 -28.94 -1.60
CA LEU F 198 36.50 -30.06 -0.83
C LEU F 198 35.45 -30.74 0.04
N GLY F 199 34.49 -30.01 0.57
CA GLY F 199 33.47 -30.60 1.41
C GLY F 199 32.34 -31.28 0.68
N LYS F 200 32.39 -31.28 -0.66
CA LYS F 200 31.36 -31.92 -1.49
C LYS F 200 29.98 -31.35 -1.21
N GLY F 201 29.93 -30.04 -0.93
CA GLY F 201 28.68 -29.35 -0.75
C GLY F 201 27.99 -29.59 0.57
N HIS F 202 28.54 -30.41 1.45
CA HIS F 202 27.87 -30.74 2.71
C HIS F 202 28.82 -30.79 3.90
N SER F 203 30.08 -30.38 3.74
CA SER F 203 31.07 -30.56 4.78
C SER F 203 31.98 -29.34 4.89
N VAL F 204 32.34 -28.99 6.12
CA VAL F 204 33.21 -27.85 6.41
C VAL F 204 34.59 -28.39 6.78
N VAL F 205 35.63 -27.79 6.22
CA VAL F 205 36.99 -28.26 6.42
C VAL F 205 37.64 -27.49 7.56
N PHE F 206 38.68 -28.08 8.14
CA PHE F 206 39.47 -27.47 9.19
C PHE F 206 40.92 -27.86 9.00
N HIS F 207 41.83 -26.90 9.20
CA HIS F 207 43.26 -27.10 9.03
C HIS F 207 43.94 -27.02 10.39
N SER F 208 44.63 -28.09 10.78
CA SER F 208 45.27 -28.19 12.09
C SER F 208 46.75 -27.88 12.00
N THR F 209 47.34 -27.63 13.17
CA THR F 209 48.77 -27.44 13.32
C THR F 209 49.15 -27.75 14.76
N VAL F 210 50.36 -28.29 14.95
CA VAL F 210 50.82 -28.62 16.29
C VAL F 210 51.03 -27.35 17.09
N ILE F 211 50.52 -27.34 18.32
CA ILE F 211 50.58 -26.15 19.17
C ILE F 211 51.38 -26.44 20.43
N ALA F 212 50.90 -27.39 21.24
CA ALA F 212 51.54 -27.73 22.50
C ALA F 212 51.99 -29.18 22.44
N LYS F 213 53.26 -29.42 22.74
CA LYS F 213 53.84 -30.77 22.74
C LYS F 213 54.05 -31.17 24.20
N ARG F 214 53.11 -31.95 24.74
CA ARG F 214 53.14 -32.34 26.13
C ARG F 214 53.71 -33.74 26.28
N LYS F 215 54.38 -33.99 27.40
CA LYS F 215 55.10 -35.23 27.66
C LYS F 215 54.53 -35.80 28.96
N GLU F 216 53.85 -36.94 28.85
CA GLU F 216 53.07 -37.49 29.95
C GLU F 216 53.96 -38.27 30.91
N ASP F 217 53.34 -38.78 31.98
CA ASP F 217 54.09 -39.51 33.01
C ASP F 217 54.73 -40.76 32.43
N SER F 218 54.00 -41.51 31.60
CA SER F 218 54.55 -42.68 30.96
C SER F 218 55.24 -42.29 29.65
N GLY F 219 55.66 -43.30 28.89
CA GLY F 219 56.30 -43.06 27.62
C GLY F 219 55.34 -42.69 26.52
N LYS F 220 54.56 -41.63 26.74
CA LYS F 220 53.57 -41.17 25.76
C LYS F 220 53.69 -39.67 25.60
N ILE F 221 53.47 -39.20 24.37
CA ILE F 221 53.54 -37.77 24.05
C ILE F 221 52.24 -37.39 23.37
N LYS F 222 51.57 -36.37 23.91
CA LYS F 222 50.33 -35.87 23.35
C LYS F 222 50.54 -34.44 22.85
N LEU F 223 49.93 -34.12 21.71
CA LEU F 223 50.12 -32.81 21.07
C LEU F 223 48.77 -32.23 20.69
N LEU F 224 48.60 -30.93 20.93
CA LEU F 224 47.42 -30.21 20.47
C LEU F 224 47.49 -29.93 18.98
N LEU F 225 46.31 -29.93 18.36
CA LEU F 225 46.14 -29.52 16.97
C LEU F 225 45.01 -28.52 16.91
N HIS F 226 45.32 -27.28 16.55
CA HIS F 226 44.36 -26.19 16.51
C HIS F 226 43.90 -25.96 15.09
N TRP F 227 42.59 -25.91 14.88
CA TRP F 227 41.99 -25.84 13.56
C TRP F 227 41.70 -24.39 13.21
N MET F 228 42.01 -24.02 11.96
CA MET F 228 42.01 -22.61 11.56
C MET F 228 40.66 -21.92 11.70
N PRO F 229 39.53 -22.48 11.25
CA PRO F 229 38.27 -21.73 11.28
C PRO F 229 37.80 -21.33 12.67
N GLU F 230 38.39 -21.87 13.74
CA GLU F 230 38.04 -21.50 15.11
C GLU F 230 36.54 -21.70 15.38
N ASP F 231 36.04 -22.87 14.99
CA ASP F 231 34.62 -23.19 15.13
C ASP F 231 34.32 -23.60 16.57
N ILE F 232 33.13 -24.18 16.77
CA ILE F 232 32.67 -24.58 18.09
C ILE F 232 33.56 -25.62 18.74
N LEU F 233 34.38 -26.31 17.96
CA LEU F 233 35.19 -27.38 18.50
C LEU F 233 36.23 -26.84 19.48
N PRO F 234 36.47 -27.54 20.59
CA PRO F 234 37.57 -27.17 21.49
C PRO F 234 38.84 -27.94 21.16
N ASP F 235 39.92 -27.55 21.83
CA ASP F 235 41.21 -28.21 21.63
C ASP F 235 41.16 -29.64 22.16
N VAL F 236 41.89 -30.53 21.48
CA VAL F 236 41.91 -31.94 21.82
C VAL F 236 43.35 -32.43 21.81
N TRP F 237 43.71 -33.24 22.82
CA TRP F 237 45.03 -33.85 22.89
C TRP F 237 45.11 -35.02 21.91
N VAL F 238 46.19 -35.06 21.13
CA VAL F 238 46.39 -36.10 20.13
C VAL F 238 47.75 -36.72 20.33
N ASN F 239 47.81 -38.05 20.29
CA ASN F 239 49.07 -38.76 20.43
C ASN F 239 49.99 -38.49 19.24
N GLU F 240 51.30 -38.58 19.48
CA GLU F 240 52.26 -38.34 18.43
C GLU F 240 52.21 -39.40 17.34
N SER F 241 51.62 -40.56 17.62
CA SER F 241 51.51 -41.60 16.60
C SER F 241 50.62 -41.16 15.46
N GLU F 242 49.59 -40.37 15.74
CA GLU F 242 48.67 -39.88 14.72
C GLU F 242 49.22 -38.69 13.94
N ARG F 243 50.52 -38.43 14.03
CA ARG F 243 51.11 -37.30 13.31
C ARG F 243 50.99 -37.50 11.80
N HIS F 244 50.77 -36.38 11.11
CA HIS F 244 50.63 -36.32 9.65
C HIS F 244 49.42 -37.10 9.15
N GLN F 245 48.49 -37.45 10.02
CA GLN F 245 47.27 -38.16 9.64
C GLN F 245 46.04 -37.26 9.70
N LEU F 246 45.91 -36.47 10.75
CA LEU F 246 44.77 -35.55 10.92
C LEU F 246 45.18 -34.11 10.64
N LYS F 247 46.06 -33.89 9.68
CA LYS F 247 46.45 -32.53 9.32
C LYS F 247 45.28 -31.75 8.74
N THR F 248 44.48 -32.37 7.89
CA THR F 248 43.29 -31.76 7.31
C THR F 248 42.11 -32.69 7.60
N LYS F 249 41.08 -32.15 8.24
CA LYS F 249 39.95 -32.95 8.70
C LYS F 249 38.65 -32.35 8.17
N VAL F 250 37.73 -33.23 7.78
CA VAL F 250 36.48 -32.86 7.14
C VAL F 250 35.33 -33.55 7.87
N VAL F 251 34.34 -32.76 8.30
CA VAL F 251 33.12 -33.29 8.92
C VAL F 251 31.91 -32.63 8.29
N HIS F 252 30.77 -33.29 8.45
CA HIS F 252 29.50 -32.77 7.96
C HIS F 252 29.07 -31.56 8.78
N LEU F 253 28.24 -30.71 8.15
CA LEU F 253 27.81 -29.49 8.81
C LEU F 253 26.93 -29.77 10.02
N SER F 254 26.15 -30.86 9.99
CA SER F 254 25.23 -31.15 11.08
C SER F 254 25.94 -31.64 12.34
N LYS F 255 27.21 -32.05 12.22
CA LYS F 255 27.91 -32.64 13.36
C LYS F 255 28.61 -31.60 14.24
N LEU F 256 28.60 -30.33 13.85
CA LEU F 256 29.21 -29.30 14.67
C LEU F 256 28.43 -29.12 15.97
N PRO F 257 29.10 -28.77 17.06
CA PRO F 257 28.39 -28.55 18.34
C PRO F 257 27.33 -27.47 18.20
N LYS F 258 26.13 -27.79 18.69
CA LYS F 258 24.98 -26.92 18.46
C LYS F 258 25.07 -25.63 19.27
N ASP F 259 25.83 -25.63 20.36
CA ASP F 259 25.81 -24.48 21.27
C ASP F 259 26.40 -23.24 20.61
N THR F 260 27.57 -23.35 19.99
CA THR F 260 28.25 -22.20 19.39
C THR F 260 28.62 -22.49 17.95
N ALA F 261 27.70 -23.09 17.19
CA ALA F 261 27.88 -23.24 15.75
C ALA F 261 27.39 -22.02 14.97
N LEU F 262 26.71 -21.08 15.64
CA LEU F 262 26.20 -19.90 14.96
C LEU F 262 27.33 -18.98 14.51
N LEU F 263 28.51 -19.12 15.10
CA LEU F 263 29.65 -18.29 14.73
C LEU F 263 30.14 -18.56 13.31
N LEU F 264 29.69 -19.65 12.70
CA LEU F 264 30.09 -19.94 11.32
C LEU F 264 29.59 -18.87 10.36
N ASP F 265 28.36 -18.40 10.58
CA ASP F 265 27.78 -17.33 9.77
C ASP F 265 26.73 -16.59 10.60
N PRO F 266 26.79 -15.26 10.66
CA PRO F 266 25.79 -14.53 11.47
C PRO F 266 24.36 -14.75 11.00
N ASN F 267 24.15 -15.07 9.73
CA ASN F 267 22.82 -15.28 9.19
C ASN F 267 22.35 -16.72 9.31
N ILE F 268 23.15 -17.60 9.93
CA ILE F 268 22.67 -18.94 10.24
C ILE F 268 21.49 -18.88 11.20
N TYR F 269 21.61 -18.06 12.25
CA TYR F 269 20.50 -17.85 13.16
C TYR F 269 20.78 -16.61 14.01
N ARG F 270 19.73 -15.81 14.20
CA ARG F 270 19.74 -14.72 15.16
C ARG F 270 18.38 -14.66 15.85
N THR F 271 18.37 -14.18 17.08
CA THR F 271 17.12 -13.90 17.79
C THR F 271 16.53 -12.65 17.16
N MET F 272 15.55 -12.86 16.28
CA MET F 272 14.95 -11.75 15.55
C MET F 272 14.43 -10.63 16.44
N PRO F 273 13.71 -10.90 17.54
CA PRO F 273 13.45 -9.82 18.51
C PRO F 273 14.64 -9.60 19.45
N GLN F 274 15.76 -9.12 18.87
CA GLN F 274 16.96 -8.90 19.65
C GLN F 274 16.75 -7.89 20.77
N LYS F 275 15.86 -6.91 20.57
CA LYS F 275 15.46 -5.99 21.61
C LYS F 275 13.99 -6.20 21.92
N ARG F 276 13.70 -6.36 23.22
CA ARG F 276 12.35 -6.69 23.65
C ARG F 276 11.88 -5.69 24.70
N LEU F 277 10.67 -5.17 24.51
CA LEU F 277 10.02 -4.36 25.54
C LEU F 277 9.47 -5.21 26.68
N LYS F 278 9.12 -6.47 26.39
CA LYS F 278 8.70 -7.43 27.40
C LYS F 278 9.43 -8.74 27.12
N ARG F 279 9.59 -9.55 28.16
CA ARG F 279 10.27 -10.83 28.01
C ARG F 279 9.53 -11.65 26.96
N GLN H 1 -18.82 9.96 -42.00
CA GLN H 1 -17.79 8.94 -41.87
C GLN H 1 -18.20 7.89 -40.85
N LEU H 2 -17.46 7.83 -39.74
CA LEU H 2 -17.72 6.88 -38.66
C LEU H 2 -17.75 5.45 -39.17
N ALA H 3 -16.82 5.13 -40.07
CA ALA H 3 -16.76 3.78 -40.64
C ALA H 3 -16.40 2.75 -39.57
N THR H 4 -15.47 3.08 -38.69
CA THR H 4 -15.05 2.18 -37.62
C THR H 4 -15.85 2.45 -36.35
N LYS H 5 -16.17 1.38 -35.63
CA LYS H 5 -16.93 1.46 -34.40
C LYS H 5 -16.04 0.99 -33.25
N ALA H 6 -15.99 1.79 -32.19
CA ALA H 6 -15.21 1.42 -31.01
C ALA H 6 -15.92 0.34 -30.21
N ALA H 7 -15.15 -0.35 -29.37
CA ALA H 7 -15.68 -1.43 -28.56
C ALA H 7 -16.19 -0.88 -27.23
N ARG H 8 -17.49 -1.02 -26.99
CA ARG H 8 -18.12 -0.57 -25.76
C ARG H 8 -18.67 -1.77 -25.00
N LYS H 9 -18.34 -1.85 -23.72
CA LYS H 9 -18.95 -2.87 -22.88
C LYS H 9 -20.42 -2.54 -22.65
N SER H 10 -21.24 -3.57 -22.51
CA SER H 10 -22.68 -3.40 -22.49
C SER H 10 -23.29 -4.26 -21.39
N ALA H 11 -24.63 -4.26 -21.35
CA ALA H 11 -25.42 -5.05 -20.42
C ALA H 11 -26.83 -5.19 -20.97
N PRO H 12 -27.03 -6.01 -21.99
CA PRO H 12 -28.35 -6.04 -22.67
C PRO H 12 -29.44 -6.58 -21.75
N ALA H 13 -30.65 -6.08 -21.98
CA ALA H 13 -31.82 -6.48 -21.21
C ALA H 13 -33.07 -6.08 -21.97
N THR H 14 -34.03 -7.00 -22.03
CA THR H 14 -35.32 -6.75 -22.65
C THR H 14 -36.42 -7.26 -21.72
N GLY H 15 -37.59 -6.66 -21.82
CA GLY H 15 -38.67 -7.03 -20.92
C GLY H 15 -40.07 -6.92 -21.49
N GLY H 16 -40.87 -7.96 -21.26
CA GLY H 16 -42.27 -7.94 -21.61
C GLY H 16 -43.14 -7.48 -20.46
N VAL H 17 -44.42 -7.81 -20.55
CA VAL H 17 -45.37 -7.45 -19.50
C VAL H 17 -46.25 -8.64 -19.13
N M3L H 18 -46.79 -8.59 -17.91
CA M3L H 18 -47.64 -9.65 -17.42
CB M3L H 18 -47.75 -9.61 -15.89
CG M3L H 18 -47.85 -10.99 -15.30
CD M3L H 18 -48.04 -10.90 -13.79
CE M3L H 18 -48.33 -12.31 -13.25
NZ M3L H 18 -49.63 -12.51 -12.52
C M3L H 18 -49.05 -9.62 -17.99
O M3L H 18 -49.71 -8.59 -18.15
CM1 M3L H 18 -49.79 -13.93 -12.05
CM2 M3L H 18 -49.74 -11.59 -11.34
CM3 M3L H 18 -50.76 -12.20 -13.46
N LYS H 19 -49.54 -10.82 -18.31
CA LYS H 19 -50.89 -10.99 -18.83
C LYS H 19 -51.93 -10.94 -17.72
N PRO H 20 -53.04 -10.26 -17.95
CA PRO H 20 -54.08 -10.13 -16.93
C PRO H 20 -54.80 -11.46 -16.68
N HIS H 21 -55.40 -11.54 -15.50
CA HIS H 21 -56.14 -12.75 -15.12
C HIS H 21 -57.36 -12.96 -16.00
N ARG H 22 -57.64 -14.22 -16.31
CA ARG H 22 -58.83 -14.58 -17.06
C ARG H 22 -59.52 -15.79 -16.43
N SAH J . -9.19 -3.16 -13.56
CA SAH J . -8.15 -2.81 -14.53
CB SAH J . -8.76 -2.30 -15.82
CG SAH J . -10.26 -2.06 -15.78
SD SAH J . -10.79 -0.93 -17.09
C SAH J . -7.18 -1.78 -13.96
O SAH J . -5.97 -1.85 -14.18
OXT SAH J . -7.59 -0.84 -13.29
C5' SAH J . -11.07 -2.31 -18.24
C4' SAH J . -9.92 -2.49 -19.22
O4' SAH J . -8.99 -3.41 -18.68
C3' SAH J . -10.40 -3.06 -20.55
O3' SAH J . -10.07 -2.19 -21.60
C2' SAH J . -9.69 -4.38 -20.72
O2' SAH J . -8.85 -4.32 -21.85
C1' SAH J . -8.85 -4.56 -19.47
N9 SAH J . -9.35 -5.72 -18.71
C8 SAH J . -10.50 -5.73 -17.96
N7 SAH J . -10.63 -6.95 -17.40
C5 SAH J . -9.60 -7.72 -17.80
C6 SAH J . -9.28 -9.04 -17.52
N6 SAH J . -10.06 -9.76 -16.74
N1 SAH J . -8.13 -9.58 -18.07
C2 SAH J . -7.33 -8.81 -18.89
N3 SAH J . -7.66 -7.50 -19.15
C4 SAH J . -8.79 -6.96 -18.62
#